data_4U2Y
#
_entry.id   4U2Y
#
_cell.length_a   113.829
_cell.length_b   113.829
_cell.length_c   314.070
_cell.angle_alpha   90.000
_cell.angle_beta   90.000
_cell.angle_gamma   90.000
#
_symmetry.space_group_name_H-M   'P 41 21 2'
#
loop_
_entity.id
_entity.type
_entity.pdbx_description
1 polymer 'Alpha-1,4-glucan:maltose-1-phosphate maltosyltransferase 1'
2 non-polymer '(2R,3R,4R,5R)-4-hydroxy-2,5-bis(hydroxymethyl)pyrrolidin-3-yl alpha-D-glucopyranoside'
3 water water
#
_entity_poly.entity_id   1
_entity_poly.type   'polypeptide(L)'
_entity_poly.pdbx_seq_one_letter_code
;MPATHHSSATSAERPTVVGRIPVLDVRPVVQRGRRPAKAVTGESFEVSATVFREGHDAVGANVVLRDPRGRPGPWTPMRE
LAPGTDRWGATVTAGETGTWSYTVEAWGDPVTTWRHHARIKIPAGLDTDLVLEEGARLYERAAADVPGREDRRELLAAVD
ALRDESRPAASRLAAALTPQVDAVLARHPLRDLVTSSDPLPLLVERERALYGAWYEFFPRSEGTPHTPHGTFRTAARRLP
AIAAMGFDVVYLPPIHPIGTTHRKGRNNTLSATGDDVGSPWAIGSPEGGHDSIHPALGTLDDFDHFVTEAGKLGLEIALD
FALQCSPDHPWVHKHPEWFHHRPDGTIAHAENPPKKYQDIYPIAFDADPDGLATETVRILRHWMDHGVRIFRVDNPHTKP
VAFWERVIADINGTDPDVIFLAEAFTRPAMMATLAQIGFQQSYTYFTWRNTKQELTEYLTELSGEAASYMRPNFFANTPD
ILHAYLQHGGRPAFEVRAVLAATLSPTWGIYSGYELCENTPLREGSEEYLDSEKYQLKPRDWTRAAREGTTIAPLVTRLN
TIRRENPALRQLRDLHFHPTDKEEVIAYSKRQGSNTVLVVVNLDPRHTQEATVSLDMPQLGLDWHESVPVRDELTGETYH
WGRANYVRLEPGRTPAHVCTVLRPSHPQIGGSHTTALHHHHHH
;
_entity_poly.pdbx_strand_id   A,B
#
# COMPACT_ATOMS: atom_id res chain seq x y z
N PRO A 15 4.70 19.82 -19.07
CA PRO A 15 4.02 18.52 -19.04
C PRO A 15 3.43 18.19 -17.67
N THR A 16 2.26 17.56 -17.64
CA THR A 16 1.62 17.16 -16.40
C THR A 16 1.93 15.69 -16.05
N VAL A 17 1.86 15.37 -14.76
CA VAL A 17 2.10 14.02 -14.28
C VAL A 17 0.88 13.15 -14.62
N VAL A 18 -0.34 13.73 -14.53
CA VAL A 18 -1.55 12.97 -14.89
C VAL A 18 -1.94 13.25 -16.33
N GLY A 19 -2.41 12.22 -17.03
CA GLY A 19 -2.77 12.34 -18.45
C GLY A 19 -4.21 12.81 -18.63
N ARG A 20 -4.67 12.79 -19.87
CA ARG A 20 -5.99 13.26 -20.19
C ARG A 20 -7.08 12.43 -19.50
N ILE A 21 -6.93 11.10 -19.54
CA ILE A 21 -7.81 10.21 -18.79
C ILE A 21 -6.93 9.56 -17.71
N PRO A 22 -7.16 9.93 -16.46
CA PRO A 22 -6.32 9.46 -15.35
C PRO A 22 -6.16 7.95 -15.33
N VAL A 23 -4.91 7.50 -15.26
CA VAL A 23 -4.57 6.11 -15.03
C VAL A 23 -3.51 6.07 -13.95
N LEU A 24 -3.85 5.51 -12.80
CA LEU A 24 -3.02 5.68 -11.62
C LEU A 24 -2.80 4.34 -10.94
N ASP A 25 -1.69 4.24 -10.21
CA ASP A 25 -1.42 3.07 -9.40
C ASP A 25 -1.62 1.73 -10.10
N VAL A 26 -0.89 1.54 -11.20
CA VAL A 26 -0.91 0.26 -11.89
C VAL A 26 -0.24 -0.84 -11.04
N ARG A 27 -0.90 -1.98 -10.91
CA ARG A 27 -0.36 -3.13 -10.18
C ARG A 27 -0.42 -4.38 -11.04
N PRO A 28 0.43 -5.38 -10.76
CA PRO A 28 1.42 -5.45 -9.67
C PRO A 28 2.59 -4.48 -9.89
N VAL A 29 3.22 -4.10 -8.78
CA VAL A 29 4.38 -3.23 -8.85
C VAL A 29 5.28 -3.67 -7.71
N VAL A 30 6.59 -3.66 -7.96
CA VAL A 30 7.55 -4.11 -6.98
C VAL A 30 8.58 -3.01 -6.80
N GLN A 31 8.74 -2.53 -5.56
CA GLN A 31 9.69 -1.46 -5.23
C GLN A 31 9.52 -0.27 -6.20
N ARG A 32 8.27 0.15 -6.34
CA ARG A 32 7.89 1.29 -7.15
C ARG A 32 8.36 1.19 -8.60
N GLY A 33 8.53 -0.03 -9.10
CA GLY A 33 8.90 -0.23 -10.48
C GLY A 33 10.37 -0.47 -10.72
N ARG A 34 11.13 -0.46 -9.64
CA ARG A 34 12.59 -0.61 -9.74
C ARG A 34 12.99 -2.07 -9.86
N ARG A 35 12.08 -2.98 -9.52
CA ARG A 35 12.32 -4.39 -9.77
C ARG A 35 11.11 -4.94 -10.53
N PRO A 36 11.30 -6.03 -11.30
CA PRO A 36 10.17 -6.58 -12.06
C PRO A 36 9.22 -7.36 -11.21
N ALA A 37 7.91 -7.30 -11.50
CA ALA A 37 6.99 -8.32 -11.02
C ALA A 37 7.32 -9.62 -11.73
N LYS A 38 6.88 -10.74 -11.18
CA LYS A 38 7.33 -12.00 -11.74
C LYS A 38 6.17 -12.81 -12.21
N ALA A 39 6.47 -13.66 -13.19
CA ALA A 39 5.56 -14.69 -13.61
C ALA A 39 6.38 -15.78 -14.24
N VAL A 40 5.72 -16.89 -14.59
CA VAL A 40 6.37 -17.89 -15.43
C VAL A 40 5.50 -18.13 -16.65
N THR A 41 6.11 -18.73 -17.66
CA THR A 41 5.42 -19.09 -18.87
C THR A 41 4.10 -19.82 -18.57
N GLY A 42 3.02 -19.32 -19.15
CA GLY A 42 1.71 -19.92 -18.98
C GLY A 42 0.97 -19.44 -17.75
N GLU A 43 1.62 -18.63 -16.92
CA GLU A 43 0.98 -18.21 -15.70
C GLU A 43 0.09 -16.97 -15.94
N SER A 44 -1.13 -17.00 -15.40
CA SER A 44 -2.04 -15.86 -15.48
C SER A 44 -1.98 -15.03 -14.21
N PHE A 45 -2.20 -13.74 -14.35
CA PHE A 45 -2.32 -12.86 -13.19
C PHE A 45 -3.09 -11.61 -13.57
N GLU A 46 -3.52 -10.88 -12.57
CA GLU A 46 -4.34 -9.71 -12.82
C GLU A 46 -3.50 -8.44 -12.87
N VAL A 47 -3.70 -7.66 -13.93
CA VAL A 47 -3.15 -6.31 -13.99
C VAL A 47 -4.28 -5.36 -13.64
N SER A 48 -4.02 -4.39 -12.77
CA SER A 48 -5.09 -3.53 -12.32
C SER A 48 -4.60 -2.10 -12.31
N ALA A 49 -5.56 -1.18 -12.27
CA ALA A 49 -5.23 0.23 -12.28
C ALA A 49 -6.40 1.04 -11.76
N THR A 50 -6.12 2.29 -11.36
CA THR A 50 -7.19 3.18 -11.02
C THR A 50 -7.45 4.07 -12.23
N VAL A 51 -8.67 3.98 -12.74
CA VAL A 51 -9.05 4.64 -13.98
C VAL A 51 -10.37 5.30 -13.78
N PHE A 52 -10.47 6.57 -14.16
CA PHE A 52 -11.72 7.33 -14.07
C PHE A 52 -11.49 8.56 -14.93
N ARG A 53 -12.54 9.34 -15.16
CA ARG A 53 -12.37 10.60 -15.87
C ARG A 53 -13.17 11.70 -15.19
N GLU A 54 -12.97 12.93 -15.67
CA GLU A 54 -13.79 14.05 -15.22
C GLU A 54 -15.21 13.93 -15.79
N GLY A 55 -16.18 14.52 -15.11
CA GLY A 55 -17.54 14.49 -15.58
C GLY A 55 -18.14 13.13 -15.30
N HIS A 56 -19.21 12.82 -16.02
CA HIS A 56 -20.03 11.67 -15.69
C HIS A 56 -20.08 10.61 -16.81
N ASP A 57 -19.31 10.82 -17.87
CA ASP A 57 -19.30 9.89 -18.99
C ASP A 57 -18.47 8.67 -18.68
N ALA A 58 -18.67 7.64 -19.49
CA ALA A 58 -18.05 6.35 -19.26
C ALA A 58 -16.59 6.33 -19.68
N VAL A 59 -15.83 5.46 -19.00
CA VAL A 59 -14.46 5.18 -19.42
C VAL A 59 -14.31 3.73 -19.79
N GLY A 60 -13.27 3.45 -20.54
CA GLY A 60 -12.92 2.08 -20.86
C GLY A 60 -11.44 2.00 -20.57
N ALA A 61 -10.94 0.77 -20.44
CA ALA A 61 -9.53 0.56 -20.20
C ALA A 61 -9.11 -0.81 -20.71
N ASN A 62 -7.82 -0.96 -21.00
CA ASN A 62 -7.30 -2.21 -21.51
C ASN A 62 -5.82 -2.36 -21.15
N VAL A 63 -5.35 -3.60 -21.09
CA VAL A 63 -3.95 -3.86 -20.77
C VAL A 63 -3.13 -4.19 -22.02
N VAL A 64 -1.98 -3.53 -22.18
CA VAL A 64 -1.10 -3.85 -23.28
C VAL A 64 0.14 -4.48 -22.71
N LEU A 65 0.20 -5.80 -22.90
CA LEU A 65 1.33 -6.60 -22.44
C LEU A 65 2.24 -6.83 -23.63
N ARG A 66 3.49 -6.42 -23.49
CA ARG A 66 4.47 -6.53 -24.57
C ARG A 66 5.58 -7.55 -24.25
N ASP A 67 5.90 -8.40 -25.23
CA ASP A 67 6.88 -9.47 -25.06
C ASP A 67 8.30 -8.92 -25.20
N PRO A 68 9.35 -9.77 -25.10
CA PRO A 68 10.72 -9.22 -25.12
C PRO A 68 11.08 -8.47 -26.41
N ARG A 69 10.32 -8.65 -27.50
CA ARG A 69 10.59 -7.91 -28.73
C ARG A 69 9.64 -6.72 -28.89
N GLY A 70 8.82 -6.43 -27.88
CA GLY A 70 7.98 -5.24 -27.92
C GLY A 70 6.64 -5.48 -28.58
N ARG A 71 6.40 -6.73 -28.95
CA ARG A 71 5.16 -7.11 -29.60
C ARG A 71 4.02 -7.21 -28.59
N PRO A 72 2.94 -6.44 -28.83
CA PRO A 72 1.76 -6.38 -27.95
C PRO A 72 0.92 -7.63 -28.04
N GLY A 73 0.25 -7.98 -26.96
CA GLY A 73 -0.62 -9.15 -26.97
C GLY A 73 -1.99 -8.81 -27.50
N PRO A 74 -2.93 -9.73 -27.31
CA PRO A 74 -4.26 -9.47 -27.86
C PRO A 74 -4.97 -8.35 -27.12
N TRP A 75 -6.04 -7.86 -27.73
CA TRP A 75 -6.92 -6.90 -27.10
C TRP A 75 -7.38 -7.45 -25.75
N THR A 76 -7.09 -6.72 -24.68
CA THR A 76 -7.39 -7.25 -23.35
C THR A 76 -8.12 -6.17 -22.58
N PRO A 77 -9.42 -6.09 -22.80
CA PRO A 77 -10.24 -5.05 -22.16
C PRO A 77 -10.39 -5.31 -20.68
N MET A 78 -10.37 -4.23 -19.92
CA MET A 78 -10.62 -4.31 -18.50
C MET A 78 -12.06 -4.05 -18.10
N ARG A 79 -12.37 -4.43 -16.87
CA ARG A 79 -13.67 -4.20 -16.30
C ARG A 79 -13.48 -3.60 -14.89
N GLU A 80 -14.46 -2.84 -14.42
CA GLU A 80 -14.40 -2.32 -13.05
C GLU A 80 -14.65 -3.45 -12.08
N LEU A 81 -13.73 -3.60 -11.13
CA LEU A 81 -13.71 -4.77 -10.24
C LEU A 81 -14.77 -4.71 -9.15
N ALA A 82 -15.13 -3.51 -8.72
CA ALA A 82 -16.21 -3.34 -7.76
C ALA A 82 -16.89 -2.02 -8.02
N PRO A 83 -18.21 -1.97 -7.85
CA PRO A 83 -18.96 -0.73 -8.11
C PRO A 83 -18.42 0.45 -7.30
N GLY A 84 -18.31 1.62 -7.94
CA GLY A 84 -17.91 2.84 -7.25
C GLY A 84 -16.44 2.95 -6.84
N THR A 85 -15.58 1.99 -7.20
CA THR A 85 -14.20 2.03 -6.73
C THR A 85 -13.23 2.63 -7.74
N ASP A 86 -13.61 2.62 -9.02
CA ASP A 86 -12.74 3.06 -10.11
C ASP A 86 -11.44 2.23 -10.19
N ARG A 87 -11.46 1.02 -9.64
CA ARG A 87 -10.35 0.09 -9.79
C ARG A 87 -10.69 -0.92 -10.89
N TRP A 88 -9.83 -0.98 -11.90
CA TRP A 88 -10.10 -1.81 -13.07
C TRP A 88 -9.07 -2.93 -13.20
N GLY A 89 -9.47 -4.05 -13.79
CA GLY A 89 -8.56 -5.16 -13.90
C GLY A 89 -8.87 -6.05 -15.08
N ALA A 90 -7.83 -6.75 -15.55
CA ALA A 90 -7.97 -7.80 -16.54
C ALA A 90 -6.92 -8.87 -16.31
N THR A 91 -7.23 -10.09 -16.68
CA THR A 91 -6.26 -11.17 -16.58
C THR A 91 -5.36 -11.20 -17.81
N VAL A 92 -4.06 -11.32 -17.58
CA VAL A 92 -3.12 -11.52 -18.67
C VAL A 92 -2.36 -12.80 -18.44
N THR A 93 -1.75 -13.29 -19.52
CA THR A 93 -1.00 -14.54 -19.44
C THR A 93 0.38 -14.40 -20.06
N ALA A 94 1.37 -14.79 -19.28
CA ALA A 94 2.74 -14.70 -19.71
C ALA A 94 3.06 -15.76 -20.74
N GLY A 95 3.84 -15.40 -21.75
CA GLY A 95 4.23 -16.36 -22.77
C GLY A 95 5.66 -16.80 -22.54
N GLU A 96 6.47 -16.64 -23.57
CA GLU A 96 7.87 -17.06 -23.52
C GLU A 96 8.68 -16.31 -22.43
N THR A 97 9.77 -16.92 -21.97
CA THR A 97 10.59 -16.31 -20.92
C THR A 97 11.27 -15.07 -21.45
N GLY A 98 11.59 -14.17 -20.54
CA GLY A 98 12.34 -12.97 -20.88
C GLY A 98 11.77 -11.79 -20.13
N THR A 99 12.18 -10.57 -20.50
CA THR A 99 11.68 -9.38 -19.84
C THR A 99 10.59 -8.74 -20.68
N TRP A 100 9.38 -8.74 -20.13
CA TRP A 100 8.20 -8.15 -20.76
C TRP A 100 7.89 -6.80 -20.11
N SER A 101 6.91 -6.10 -20.64
CA SER A 101 6.44 -4.88 -19.98
C SER A 101 4.95 -4.81 -20.15
N TYR A 102 4.29 -4.11 -19.25
CA TYR A 102 2.88 -3.90 -19.40
C TYR A 102 2.54 -2.46 -19.06
N THR A 103 1.54 -1.97 -19.76
CA THR A 103 0.98 -0.66 -19.58
C THR A 103 -0.54 -0.81 -19.48
N VAL A 104 -1.20 0.17 -18.88
CA VAL A 104 -2.65 0.23 -18.92
C VAL A 104 -3.08 1.44 -19.76
N GLU A 105 -4.00 1.22 -20.68
CA GLU A 105 -4.58 2.30 -21.46
C GLU A 105 -5.97 2.63 -21.00
N ALA A 106 -6.25 3.92 -20.82
CA ALA A 106 -7.56 4.36 -20.37
C ALA A 106 -8.15 5.29 -21.43
N TRP A 107 -9.47 5.29 -21.54
CA TRP A 107 -10.06 6.08 -22.58
C TRP A 107 -11.51 6.41 -22.30
N GLY A 108 -11.96 7.48 -22.94
CA GLY A 108 -13.38 7.79 -22.96
C GLY A 108 -14.06 6.76 -23.83
N ASP A 109 -15.23 6.32 -23.37
CA ASP A 109 -16.05 5.33 -24.06
C ASP A 109 -17.33 6.01 -24.56
N PRO A 110 -17.24 6.76 -25.67
CA PRO A 110 -18.41 7.58 -26.04
C PRO A 110 -19.62 6.76 -26.45
N VAL A 111 -19.43 5.57 -27.02
CA VAL A 111 -20.60 4.78 -27.45
C VAL A 111 -21.40 4.30 -26.26
N THR A 112 -20.71 3.84 -25.22
CA THR A 112 -21.43 3.43 -24.01
C THR A 112 -22.21 4.60 -23.44
N THR A 113 -21.57 5.76 -23.44
CA THR A 113 -22.19 6.97 -22.94
C THR A 113 -23.43 7.33 -23.75
N TRP A 114 -23.28 7.33 -25.07
CA TRP A 114 -24.37 7.69 -25.95
C TRP A 114 -25.50 6.68 -25.81
N ARG A 115 -25.17 5.39 -25.80
CA ARG A 115 -26.20 4.38 -25.65
C ARG A 115 -27.01 4.52 -24.39
N HIS A 116 -26.33 4.78 -23.28
CA HIS A 116 -27.05 4.93 -22.03
C HIS A 116 -28.08 6.07 -22.16
N HIS A 117 -27.65 7.23 -22.66
CA HIS A 117 -28.57 8.36 -22.82
C HIS A 117 -29.66 8.09 -23.85
N ALA A 118 -29.29 7.46 -24.96
CA ALA A 118 -30.25 7.23 -26.02
C ALA A 118 -31.35 6.28 -25.53
N ARG A 119 -31.01 5.24 -24.77
CA ARG A 119 -32.04 4.31 -24.27
C ARG A 119 -33.03 5.04 -23.38
N ILE A 120 -32.58 6.12 -22.75
CA ILE A 120 -33.50 6.91 -21.92
C ILE A 120 -34.24 7.98 -22.72
N LYS A 121 -33.52 8.79 -23.48
CA LYS A 121 -34.11 9.95 -24.16
C LYS A 121 -35.09 9.59 -25.29
N ILE A 122 -34.84 8.51 -26.02
CA ILE A 122 -35.68 8.17 -27.16
C ILE A 122 -37.11 7.77 -26.72
N PRO A 123 -37.25 6.89 -25.72
CA PRO A 123 -38.63 6.65 -25.27
C PRO A 123 -39.33 7.91 -24.72
N ALA A 124 -38.56 8.86 -24.19
CA ALA A 124 -39.14 10.07 -23.61
C ALA A 124 -39.59 11.10 -24.66
N GLY A 125 -39.17 10.95 -25.90
CA GLY A 125 -39.55 11.88 -26.97
C GLY A 125 -38.79 13.19 -26.90
N LEU A 126 -37.73 13.18 -26.10
CA LEU A 126 -36.88 14.34 -25.92
C LEU A 126 -35.87 14.47 -27.07
N ASP A 127 -36.02 15.55 -27.87
CA ASP A 127 -35.26 15.81 -29.12
C ASP A 127 -34.59 14.56 -29.72
N THR A 128 -35.41 13.64 -30.18
CA THR A 128 -34.93 12.34 -30.59
C THR A 128 -34.10 12.44 -31.86
N ASP A 129 -34.49 13.34 -32.76
CA ASP A 129 -33.74 13.55 -34.00
C ASP A 129 -32.30 13.97 -33.73
N LEU A 130 -32.13 14.86 -32.77
CA LEU A 130 -30.81 15.34 -32.41
C LEU A 130 -29.96 14.20 -31.81
N VAL A 131 -30.55 13.45 -30.88
CA VAL A 131 -29.90 12.33 -30.26
C VAL A 131 -29.51 11.26 -31.27
N LEU A 132 -30.39 11.00 -32.23
CA LEU A 132 -30.11 9.95 -33.19
C LEU A 132 -29.03 10.39 -34.14
N GLU A 133 -29.03 11.67 -34.49
CA GLU A 133 -27.98 12.22 -35.33
C GLU A 133 -26.62 12.23 -34.61
N GLU A 134 -26.61 12.49 -33.31
CA GLU A 134 -25.36 12.40 -32.54
C GLU A 134 -24.83 10.97 -32.59
N GLY A 135 -25.74 10.01 -32.49
CA GLY A 135 -25.39 8.61 -32.56
C GLY A 135 -24.83 8.25 -33.92
N ALA A 136 -25.44 8.78 -34.98
CA ALA A 136 -24.98 8.49 -36.33
C ALA A 136 -23.54 8.95 -36.50
N ARG A 137 -23.24 10.15 -36.00
CA ARG A 137 -21.91 10.71 -36.14
C ARG A 137 -20.89 9.89 -35.35
N LEU A 138 -21.31 9.38 -34.20
CA LEU A 138 -20.43 8.50 -33.43
C LEU A 138 -20.13 7.22 -34.15
N TYR A 139 -21.16 6.59 -34.68
CA TYR A 139 -20.95 5.31 -35.32
C TYR A 139 -20.14 5.50 -36.60
N GLU A 140 -20.26 6.67 -37.22
CA GLU A 140 -19.40 7.00 -38.34
C GLU A 140 -17.93 7.05 -37.92
N ARG A 141 -17.66 7.68 -36.78
CA ARG A 141 -16.32 7.71 -36.20
C ARG A 141 -15.85 6.30 -35.91
N ALA A 142 -16.71 5.50 -35.29
CA ALA A 142 -16.38 4.13 -34.93
C ALA A 142 -16.03 3.33 -36.18
N ALA A 143 -16.80 3.58 -37.24
CA ALA A 143 -16.66 2.89 -38.52
C ALA A 143 -15.33 3.18 -39.19
N ALA A 144 -14.87 4.41 -39.07
CA ALA A 144 -13.64 4.81 -39.74
C ALA A 144 -12.39 4.01 -39.32
N ASP A 145 -12.34 3.56 -38.06
CA ASP A 145 -11.15 2.87 -37.55
C ASP A 145 -11.24 1.38 -37.89
N VAL A 146 -12.47 0.89 -37.94
CA VAL A 146 -12.74 -0.51 -38.23
C VAL A 146 -12.13 -0.94 -39.57
N PRO A 147 -11.28 -2.00 -39.49
CA PRO A 147 -10.48 -2.72 -40.49
C PRO A 147 -11.29 -3.67 -41.40
N GLY A 148 -12.23 -4.43 -40.82
CA GLY A 148 -13.05 -5.42 -41.52
C GLY A 148 -13.96 -4.85 -42.60
N ARG A 149 -13.92 -5.45 -43.79
CA ARG A 149 -14.75 -4.94 -44.86
C ARG A 149 -16.21 -4.96 -44.48
N GLU A 150 -16.56 -6.12 -43.91
CA GLU A 150 -17.92 -6.40 -43.47
C GLU A 150 -18.35 -5.81 -42.15
N ASP A 151 -17.42 -5.72 -41.21
CA ASP A 151 -17.77 -5.06 -39.97
C ASP A 151 -18.03 -3.58 -40.11
N ARG A 152 -17.27 -2.94 -41.00
CA ARG A 152 -17.47 -1.54 -41.19
C ARG A 152 -18.81 -1.32 -41.89
N ARG A 153 -19.13 -2.10 -42.91
CA ARG A 153 -20.41 -1.86 -43.58
C ARG A 153 -21.56 -2.14 -42.59
N GLU A 154 -21.31 -2.99 -41.59
CA GLU A 154 -22.32 -3.25 -40.57
C GLU A 154 -22.63 -1.98 -39.78
N LEU A 155 -21.58 -1.26 -39.41
CA LEU A 155 -21.71 -0.01 -38.67
C LEU A 155 -22.31 1.05 -39.56
N LEU A 156 -21.89 1.10 -40.82
CA LEU A 156 -22.39 2.13 -41.70
C LEU A 156 -23.87 1.90 -42.00
N ALA A 157 -24.33 0.65 -41.93
CA ALA A 157 -25.75 0.36 -42.09
C ALA A 157 -26.55 0.85 -40.90
N ALA A 158 -25.96 0.72 -39.71
CA ALA A 158 -26.58 1.21 -38.49
C ALA A 158 -26.66 2.72 -38.55
N VAL A 159 -25.63 3.36 -39.09
CA VAL A 159 -25.61 4.81 -39.30
C VAL A 159 -26.79 5.26 -40.17
N ASP A 160 -27.00 4.54 -41.28
CA ASP A 160 -28.07 4.93 -42.20
C ASP A 160 -29.45 4.71 -41.58
N ALA A 161 -29.58 3.63 -40.83
CA ALA A 161 -30.81 3.36 -40.11
C ALA A 161 -31.09 4.42 -39.05
N LEU A 162 -30.05 4.83 -38.34
CA LEU A 162 -30.14 5.93 -37.36
C LEU A 162 -30.63 7.21 -38.00
N ARG A 163 -30.22 7.44 -39.25
CA ARG A 163 -30.57 8.68 -39.94
C ARG A 163 -31.87 8.63 -40.73
N ASP A 164 -32.53 7.46 -40.75
CA ASP A 164 -33.72 7.32 -41.59
C ASP A 164 -34.92 7.96 -40.91
N GLU A 165 -35.16 9.23 -41.22
CA GLU A 165 -36.24 9.99 -40.57
C GLU A 165 -37.63 9.55 -40.97
N SER A 166 -37.73 8.62 -41.90
CA SER A 166 -39.03 8.13 -42.30
C SER A 166 -39.50 7.04 -41.36
N ARG A 167 -38.60 6.60 -40.48
CA ARG A 167 -38.87 5.49 -39.56
C ARG A 167 -39.10 5.98 -38.15
N PRO A 168 -39.78 5.18 -37.32
CA PRO A 168 -40.02 5.49 -35.91
C PRO A 168 -38.71 5.62 -35.14
N ALA A 169 -38.67 6.54 -34.18
CA ALA A 169 -37.48 6.76 -33.39
C ALA A 169 -36.96 5.46 -32.78
N ALA A 170 -37.86 4.67 -32.21
CA ALA A 170 -37.46 3.42 -31.55
C ALA A 170 -36.80 2.41 -32.50
N SER A 171 -37.24 2.38 -33.75
CA SER A 171 -36.67 1.43 -34.72
C SER A 171 -35.31 1.90 -35.16
N ARG A 172 -35.21 3.22 -35.33
CA ARG A 172 -33.94 3.82 -35.68
C ARG A 172 -32.93 3.55 -34.58
N LEU A 173 -33.33 3.69 -33.32
CA LEU A 173 -32.38 3.42 -32.25
C LEU A 173 -32.05 1.93 -32.18
N ALA A 174 -33.05 1.08 -32.31
CA ALA A 174 -32.86 -0.34 -32.19
C ALA A 174 -31.85 -0.88 -33.20
N ALA A 175 -31.84 -0.30 -34.39
CA ALA A 175 -30.87 -0.74 -35.39
C ALA A 175 -29.43 -0.51 -34.96
N ALA A 176 -29.22 0.40 -34.00
CA ALA A 176 -27.88 0.71 -33.55
C ALA A 176 -27.47 -0.17 -32.39
N LEU A 177 -28.40 -1.02 -31.94
CA LEU A 177 -28.23 -1.82 -30.72
C LEU A 177 -28.33 -3.33 -30.96
N THR A 178 -28.21 -3.73 -32.22
CA THR A 178 -28.32 -5.15 -32.55
C THR A 178 -27.08 -5.90 -32.05
N PRO A 179 -27.19 -7.23 -31.87
CA PRO A 179 -26.04 -8.06 -31.46
C PRO A 179 -24.92 -8.01 -32.49
N GLN A 180 -25.28 -7.94 -33.77
CA GLN A 180 -24.24 -7.78 -34.80
C GLN A 180 -23.39 -6.53 -34.58
N VAL A 181 -24.05 -5.41 -34.23
CA VAL A 181 -23.35 -4.16 -33.96
C VAL A 181 -22.59 -4.25 -32.63
N ASP A 182 -23.22 -4.83 -31.61
CA ASP A 182 -22.53 -4.99 -30.32
C ASP A 182 -21.21 -5.72 -30.51
N ALA A 183 -21.24 -6.79 -31.31
CA ALA A 183 -20.09 -7.65 -31.55
C ALA A 183 -18.94 -6.91 -32.24
N VAL A 184 -19.26 -6.05 -33.21
CA VAL A 184 -18.24 -5.26 -33.89
C VAL A 184 -17.56 -4.31 -32.89
N LEU A 185 -18.36 -3.59 -32.11
CA LEU A 185 -17.84 -2.60 -31.17
C LEU A 185 -17.12 -3.23 -29.98
N ALA A 186 -17.50 -4.47 -29.68
CA ALA A 186 -16.86 -5.23 -28.60
C ALA A 186 -15.43 -5.57 -29.03
N ARG A 187 -15.22 -5.71 -30.33
CA ARG A 187 -13.91 -6.02 -30.86
C ARG A 187 -13.11 -4.75 -31.15
N HIS A 188 -13.77 -3.72 -31.68
CA HIS A 188 -13.10 -2.50 -32.09
C HIS A 188 -13.81 -1.30 -31.52
N PRO A 189 -13.70 -1.11 -30.20
CA PRO A 189 -14.45 -0.01 -29.60
C PRO A 189 -13.92 1.33 -30.05
N LEU A 190 -14.78 2.35 -30.04
CA LEU A 190 -14.32 3.69 -30.29
C LEU A 190 -13.75 4.24 -29.00
N ARG A 191 -12.45 4.52 -28.99
CA ARG A 191 -11.77 5.00 -27.78
C ARG A 191 -11.35 6.46 -27.90
N ASP A 192 -11.88 7.30 -27.02
CA ASP A 192 -11.51 8.70 -26.95
C ASP A 192 -10.36 8.98 -26.01
N LEU A 193 -9.47 9.88 -26.43
CA LEU A 193 -8.50 10.50 -25.53
C LEU A 193 -7.61 9.44 -24.84
N VAL A 194 -7.17 8.45 -25.61
CA VAL A 194 -6.40 7.33 -25.09
C VAL A 194 -5.18 7.80 -24.32
N THR A 195 -5.04 7.29 -23.12
CA THR A 195 -4.02 7.72 -22.22
C THR A 195 -3.30 6.51 -21.64
N SER A 196 -1.98 6.56 -21.62
CA SER A 196 -1.29 5.36 -21.20
C SER A 196 -0.50 5.60 -19.90
N SER A 197 -0.43 4.56 -19.08
CA SER A 197 0.45 4.52 -17.92
C SER A 197 1.88 4.34 -18.41
N ASP A 198 2.85 4.57 -17.54
CA ASP A 198 4.21 4.21 -17.88
C ASP A 198 4.42 2.70 -17.82
N PRO A 199 5.26 2.19 -18.73
CA PRO A 199 5.42 0.73 -18.74
C PRO A 199 5.99 0.23 -17.43
N LEU A 200 5.53 -0.94 -16.99
CA LEU A 200 6.10 -1.62 -15.85
C LEU A 200 6.74 -2.91 -16.29
N PRO A 201 7.84 -3.29 -15.63
CA PRO A 201 8.57 -4.49 -16.07
C PRO A 201 7.97 -5.78 -15.53
N LEU A 202 7.97 -6.82 -16.35
CA LEU A 202 7.53 -8.13 -15.95
C LEU A 202 8.63 -9.14 -16.31
N LEU A 203 9.09 -9.90 -15.33
CA LEU A 203 10.11 -10.96 -15.57
C LEU A 203 9.44 -12.32 -15.68
N VAL A 204 9.49 -12.90 -16.86
CA VAL A 204 8.90 -14.22 -17.10
C VAL A 204 9.98 -15.30 -17.10
N GLU A 205 9.80 -16.31 -16.25
CA GLU A 205 10.82 -17.33 -16.10
C GLU A 205 10.26 -18.69 -16.42
N ARG A 206 11.11 -19.72 -16.41
CA ARG A 206 10.65 -21.01 -16.90
C ARG A 206 9.71 -21.66 -15.91
N GLU A 207 8.97 -22.65 -16.39
CA GLU A 207 7.95 -23.29 -15.59
C GLU A 207 8.46 -23.73 -14.19
N ARG A 208 9.67 -24.29 -14.14
CA ARG A 208 10.15 -24.89 -12.90
C ARG A 208 10.35 -23.87 -11.78
N ALA A 209 10.45 -22.60 -12.14
CA ALA A 209 10.60 -21.58 -11.11
C ALA A 209 9.37 -21.54 -10.23
N LEU A 210 8.21 -21.84 -10.79
CA LEU A 210 6.94 -21.81 -10.03
C LEU A 210 6.49 -23.18 -9.61
N TYR A 211 6.72 -24.15 -10.51
CA TYR A 211 6.11 -25.46 -10.39
C TYR A 211 7.16 -26.56 -10.40
N GLY A 212 7.09 -27.41 -9.39
CA GLY A 212 7.96 -28.57 -9.33
C GLY A 212 7.95 -29.24 -7.98
N ALA A 213 8.33 -30.53 -7.97
CA ALA A 213 8.39 -31.27 -6.72
C ALA A 213 9.86 -31.61 -6.40
N TRP A 214 10.26 -31.28 -5.19
CA TRP A 214 11.65 -31.40 -4.76
C TRP A 214 11.85 -32.49 -3.75
N TYR A 215 13.00 -33.13 -3.87
CA TYR A 215 13.40 -34.17 -2.96
C TYR A 215 14.83 -33.93 -2.53
N GLU A 216 15.04 -33.78 -1.22
CA GLU A 216 16.37 -33.57 -0.69
C GLU A 216 16.93 -34.85 -0.11
N PHE A 217 18.14 -35.24 -0.52
CA PHE A 217 18.76 -36.38 0.13
C PHE A 217 20.29 -36.23 0.11
N PHE A 218 20.94 -36.98 0.99
CA PHE A 218 22.39 -36.94 1.12
C PHE A 218 22.99 -38.09 0.37
N PRO A 219 23.74 -37.83 -0.70
CA PRO A 219 24.36 -38.92 -1.46
C PRO A 219 25.23 -39.85 -0.61
N ARG A 220 25.92 -39.29 0.37
CA ARG A 220 26.84 -40.08 1.17
C ARG A 220 26.11 -41.17 1.98
N SER A 221 24.82 -40.97 2.26
CA SER A 221 24.06 -41.97 3.00
C SER A 221 23.66 -43.15 2.12
N GLU A 222 23.69 -42.97 0.79
CA GLU A 222 23.27 -44.04 -0.10
C GLU A 222 24.50 -44.84 -0.52
N GLY A 223 25.06 -45.55 0.43
CA GLY A 223 26.26 -46.29 0.19
C GLY A 223 25.92 -47.76 0.14
N THR A 224 26.89 -48.58 0.51
CA THR A 224 26.81 -50.02 0.39
C THR A 224 27.29 -50.66 1.69
N PRO A 225 26.93 -51.94 1.90
CA PRO A 225 27.45 -52.71 3.04
C PRO A 225 28.98 -52.65 3.10
N HIS A 226 29.60 -52.77 1.93
CA HIS A 226 31.04 -52.82 1.85
C HIS A 226 31.71 -51.45 1.85
N THR A 227 30.95 -50.44 1.42
CA THR A 227 31.40 -49.05 1.38
C THR A 227 30.29 -48.14 1.91
N PRO A 228 30.23 -47.97 3.23
CA PRO A 228 29.11 -47.22 3.82
C PRO A 228 28.92 -45.80 3.29
N HIS A 229 30.02 -45.10 3.04
CA HIS A 229 29.95 -43.72 2.52
C HIS A 229 29.67 -43.79 1.04
N GLY A 230 28.48 -43.33 0.67
CA GLY A 230 28.02 -43.34 -0.70
C GLY A 230 28.89 -42.55 -1.66
N THR A 231 28.85 -42.95 -2.92
CA THR A 231 29.50 -42.21 -3.99
C THR A 231 28.42 -41.65 -4.91
N PHE A 232 28.81 -40.81 -5.85
CA PHE A 232 27.86 -40.38 -6.84
C PHE A 232 27.34 -41.58 -7.67
N ARG A 233 28.16 -42.62 -7.86
CA ARG A 233 27.70 -43.78 -8.65
C ARG A 233 26.67 -44.63 -7.89
N THR A 234 26.84 -44.77 -6.58
CA THR A 234 25.88 -45.49 -5.77
C THR A 234 24.65 -44.63 -5.54
N ALA A 235 24.86 -43.33 -5.32
CA ALA A 235 23.73 -42.44 -5.08
C ALA A 235 22.83 -42.37 -6.31
N ALA A 236 23.39 -42.55 -7.51
CA ALA A 236 22.55 -42.57 -8.71
C ALA A 236 21.51 -43.71 -8.68
N ARG A 237 21.77 -44.77 -7.92
CA ARG A 237 20.81 -45.87 -7.86
C ARG A 237 19.60 -45.54 -6.97
N ARG A 238 19.69 -44.48 -6.20
CA ARG A 238 18.55 -44.04 -5.43
C ARG A 238 17.58 -43.22 -6.31
N LEU A 239 18.10 -42.70 -7.42
CA LEU A 239 17.32 -41.76 -8.23
C LEU A 239 16.08 -42.37 -8.87
N PRO A 240 16.16 -43.63 -9.34
CA PRO A 240 14.94 -44.18 -9.94
C PRO A 240 13.75 -44.15 -9.00
N ALA A 241 13.97 -44.49 -7.74
CA ALA A 241 12.88 -44.47 -6.78
C ALA A 241 12.36 -43.04 -6.59
N ILE A 242 13.27 -42.09 -6.60
CA ILE A 242 12.90 -40.70 -6.46
C ILE A 242 12.06 -40.22 -7.63
N ALA A 243 12.48 -40.52 -8.86
CA ALA A 243 11.69 -40.16 -10.05
C ALA A 243 10.33 -40.85 -10.01
N ALA A 244 10.34 -42.09 -9.52
CA ALA A 244 9.14 -42.89 -9.42
C ALA A 244 8.16 -42.28 -8.42
N MET A 245 8.66 -41.55 -7.43
CA MET A 245 7.76 -40.85 -6.52
C MET A 245 7.18 -39.59 -7.18
N GLY A 246 7.65 -39.28 -8.39
CA GLY A 246 7.09 -38.16 -9.12
C GLY A 246 7.80 -36.84 -8.88
N PHE A 247 9.03 -36.89 -8.40
CA PHE A 247 9.80 -35.67 -8.18
C PHE A 247 10.49 -35.12 -9.43
N ASP A 248 10.77 -33.82 -9.41
CA ASP A 248 11.36 -33.16 -10.56
C ASP A 248 12.76 -32.66 -10.26
N VAL A 249 13.02 -32.43 -8.98
CA VAL A 249 14.27 -31.82 -8.56
C VAL A 249 14.81 -32.60 -7.41
N VAL A 250 16.10 -32.88 -7.48
CA VAL A 250 16.79 -33.45 -6.35
C VAL A 250 17.73 -32.37 -5.80
N TYR A 251 17.54 -32.05 -4.52
CA TYR A 251 18.38 -31.07 -3.88
C TYR A 251 19.41 -31.81 -3.02
N LEU A 252 20.68 -31.56 -3.32
CA LEU A 252 21.78 -32.17 -2.62
C LEU A 252 22.37 -31.14 -1.69
N PRO A 253 22.58 -31.52 -0.43
CA PRO A 253 23.41 -30.74 0.49
C PRO A 253 24.82 -30.60 -0.12
N PRO A 254 25.64 -29.67 0.41
CA PRO A 254 26.96 -29.42 -0.21
C PRO A 254 27.77 -30.68 -0.49
N ILE A 255 28.34 -30.73 -1.70
CA ILE A 255 29.01 -31.92 -2.17
C ILE A 255 30.52 -31.78 -2.18
N HIS A 256 31.03 -30.80 -1.44
CA HIS A 256 32.44 -30.45 -1.45
C HIS A 256 33.24 -31.16 -0.36
N PRO A 257 34.58 -31.07 -0.42
CA PRO A 257 35.34 -31.58 0.73
C PRO A 257 34.86 -30.93 2.03
N ILE A 258 34.98 -31.64 3.14
CA ILE A 258 34.51 -31.20 4.45
C ILE A 258 35.69 -30.99 5.38
N GLY A 259 35.68 -29.87 6.11
CA GLY A 259 36.76 -29.54 7.02
C GLY A 259 36.96 -30.54 8.13
N THR A 260 38.19 -30.61 8.67
CA THR A 260 38.47 -31.42 9.84
C THR A 260 38.63 -30.56 11.12
N THR A 261 39.18 -29.36 10.99
CA THR A 261 39.31 -28.50 12.16
C THR A 261 37.92 -28.13 12.73
N HIS A 262 37.71 -28.50 13.98
CA HIS A 262 36.47 -28.24 14.68
C HIS A 262 35.29 -28.95 13.99
N ARG A 263 35.58 -30.04 13.27
CA ARG A 263 34.50 -30.84 12.68
C ARG A 263 33.54 -31.29 13.75
N LYS A 264 32.24 -31.19 13.48
CA LYS A 264 31.25 -31.61 14.46
C LYS A 264 31.00 -33.12 14.46
N GLY A 265 30.67 -33.65 15.63
CA GLY A 265 30.41 -35.07 15.76
C GLY A 265 28.93 -35.39 15.61
N ARG A 266 28.58 -36.63 15.88
CA ARG A 266 27.21 -37.08 15.77
C ARG A 266 26.34 -36.30 16.75
N ASN A 267 25.10 -36.07 16.34
CA ASN A 267 24.13 -35.30 17.12
C ASN A 267 24.58 -33.89 17.48
N ASN A 268 25.34 -33.28 16.57
CA ASN A 268 25.79 -31.88 16.69
C ASN A 268 26.69 -31.67 17.90
N THR A 269 27.53 -32.66 18.18
CA THR A 269 28.48 -32.53 19.25
C THR A 269 29.71 -31.79 18.75
N LEU A 270 30.42 -31.17 19.68
CA LEU A 270 31.50 -30.26 19.37
C LEU A 270 32.68 -31.01 18.75
N SER A 271 32.92 -32.25 19.16
CA SER A 271 34.14 -32.90 18.69
C SER A 271 33.90 -34.19 17.91
N ALA A 272 34.32 -34.17 16.66
CA ALA A 272 34.25 -35.34 15.81
C ALA A 272 35.25 -36.35 16.32
N THR A 273 34.89 -37.63 16.26
CA THR A 273 35.81 -38.68 16.66
C THR A 273 35.88 -39.75 15.62
N GLY A 274 37.05 -40.37 15.51
CA GLY A 274 37.21 -41.48 14.62
C GLY A 274 36.97 -40.99 13.22
N ASP A 275 36.05 -41.68 12.56
CA ASP A 275 35.65 -41.43 11.19
C ASP A 275 34.32 -40.66 11.06
N ASP A 276 33.93 -39.87 12.07
CA ASP A 276 32.77 -39.01 11.95
C ASP A 276 32.89 -38.23 10.63
N VAL A 277 31.80 -38.09 9.90
CA VAL A 277 31.93 -37.58 8.54
C VAL A 277 31.73 -36.07 8.52
N GLY A 278 31.19 -35.52 9.62
CA GLY A 278 30.96 -34.11 9.77
C GLY A 278 29.80 -33.51 8.96
N SER A 279 29.60 -32.20 9.11
CA SER A 279 28.55 -31.52 8.36
C SER A 279 29.05 -31.12 6.99
N PRO A 280 28.28 -31.46 5.95
CA PRO A 280 28.56 -31.09 4.56
C PRO A 280 28.62 -29.57 4.40
N TRP A 281 28.01 -28.83 5.32
CA TRP A 281 28.02 -27.39 5.22
C TRP A 281 29.35 -26.80 5.70
N ALA A 282 30.23 -27.60 6.26
CA ALA A 282 31.57 -27.12 6.65
C ALA A 282 32.52 -27.24 5.50
N ILE A 283 32.35 -26.38 4.50
CA ILE A 283 32.99 -26.58 3.22
C ILE A 283 34.48 -26.20 3.21
N GLY A 284 35.28 -27.13 2.71
CA GLY A 284 36.64 -26.82 2.32
C GLY A 284 37.67 -27.58 3.13
N SER A 285 38.71 -28.04 2.43
CA SER A 285 39.86 -28.64 3.06
C SER A 285 41.00 -28.38 2.08
N PRO A 286 42.23 -28.82 2.41
CA PRO A 286 43.27 -28.76 1.37
C PRO A 286 42.91 -29.59 0.12
N GLU A 287 41.92 -30.47 0.22
CA GLU A 287 41.48 -31.24 -0.95
C GLU A 287 40.64 -30.40 -1.88
N GLY A 288 40.27 -29.19 -1.44
CA GLY A 288 39.48 -28.30 -2.28
C GLY A 288 38.32 -27.59 -1.63
N GLY A 289 37.75 -26.63 -2.37
CA GLY A 289 36.67 -25.80 -1.87
C GLY A 289 35.36 -25.98 -2.62
N HIS A 290 34.66 -24.87 -2.87
CA HIS A 290 33.30 -24.91 -3.40
C HIS A 290 33.23 -25.35 -4.85
N ASP A 291 34.38 -25.46 -5.49
CA ASP A 291 34.40 -25.91 -6.86
C ASP A 291 34.93 -27.33 -6.96
N SER A 292 34.93 -28.01 -5.82
CA SER A 292 35.50 -29.37 -5.72
C SER A 292 34.52 -30.39 -5.19
N ILE A 293 34.87 -31.64 -5.36
CA ILE A 293 34.02 -32.71 -4.91
C ILE A 293 34.69 -33.41 -3.77
N HIS A 294 33.91 -33.69 -2.74
CA HIS A 294 34.36 -34.54 -1.64
C HIS A 294 35.00 -35.81 -2.19
N PRO A 295 36.23 -36.10 -1.77
CA PRO A 295 36.93 -37.26 -2.37
C PRO A 295 36.16 -38.57 -2.18
N ALA A 296 35.41 -38.70 -1.10
CA ALA A 296 34.60 -39.91 -0.85
C ALA A 296 33.36 -39.99 -1.76
N LEU A 297 32.95 -38.87 -2.36
CA LEU A 297 31.80 -38.88 -3.27
C LEU A 297 32.23 -39.29 -4.64
N GLY A 298 33.52 -39.12 -4.91
CA GLY A 298 34.12 -39.51 -6.18
C GLY A 298 34.70 -38.30 -6.86
N THR A 299 34.69 -38.34 -8.19
CA THR A 299 35.28 -37.33 -9.05
C THR A 299 34.21 -36.54 -9.77
N LEU A 300 34.65 -35.51 -10.49
CA LEU A 300 33.76 -34.72 -11.34
C LEU A 300 33.12 -35.60 -12.44
N ASP A 301 33.86 -36.57 -13.00
CA ASP A 301 33.25 -37.53 -13.93
C ASP A 301 32.10 -38.32 -13.31
N ASP A 302 32.28 -38.70 -12.06
CA ASP A 302 31.24 -39.43 -11.35
C ASP A 302 30.03 -38.56 -11.13
N PHE A 303 30.28 -37.28 -10.86
CA PHE A 303 29.21 -36.33 -10.71
C PHE A 303 28.47 -36.17 -12.04
N ASP A 304 29.22 -36.04 -13.13
CA ASP A 304 28.62 -35.95 -14.45
C ASP A 304 27.73 -37.14 -14.77
N HIS A 305 28.18 -38.34 -14.39
CA HIS A 305 27.39 -39.57 -14.54
C HIS A 305 26.11 -39.44 -13.73
N PHE A 306 26.24 -38.95 -12.49
CA PHE A 306 25.09 -38.74 -11.64
C PHE A 306 24.07 -37.78 -12.28
N VAL A 307 24.54 -36.67 -12.82
CA VAL A 307 23.66 -35.71 -13.43
C VAL A 307 22.96 -36.29 -14.67
N THR A 308 23.68 -37.07 -15.44
CA THR A 308 23.13 -37.71 -16.62
C THR A 308 22.04 -38.70 -16.26
N GLU A 309 22.29 -39.50 -15.23
CA GLU A 309 21.29 -40.46 -14.76
C GLU A 309 20.08 -39.70 -14.27
N ALA A 310 20.31 -38.58 -13.60
CA ALA A 310 19.20 -37.74 -13.15
C ALA A 310 18.36 -37.28 -14.36
N GLY A 311 19.05 -36.81 -15.40
CA GLY A 311 18.39 -36.31 -16.60
C GLY A 311 17.56 -37.38 -17.29
N LYS A 312 18.11 -38.59 -17.40
CA LYS A 312 17.37 -39.70 -18.00
C LYS A 312 16.03 -39.96 -17.28
N LEU A 313 15.99 -39.66 -15.99
CA LEU A 313 14.82 -39.90 -15.15
C LEU A 313 13.92 -38.67 -15.01
N GLY A 314 14.24 -37.58 -15.72
CA GLY A 314 13.47 -36.36 -15.62
C GLY A 314 13.72 -35.55 -14.37
N LEU A 315 14.89 -35.72 -13.78
CA LEU A 315 15.26 -35.00 -12.58
C LEU A 315 16.31 -33.93 -12.83
N GLU A 316 16.09 -32.73 -12.29
CA GLU A 316 17.13 -31.70 -12.29
C GLU A 316 17.83 -31.71 -10.94
N ILE A 317 19.12 -31.38 -10.95
CA ILE A 317 19.89 -31.30 -9.72
C ILE A 317 19.87 -29.87 -9.22
N ALA A 318 19.59 -29.72 -7.92
CA ALA A 318 19.78 -28.46 -7.23
C ALA A 318 20.92 -28.63 -6.23
N LEU A 319 22.01 -27.88 -6.43
CA LEU A 319 23.11 -27.93 -5.48
C LEU A 319 22.93 -26.82 -4.43
N ASP A 320 23.31 -27.18 -3.19
CA ASP A 320 23.39 -26.26 -2.08
C ASP A 320 24.55 -25.31 -2.31
N PHE A 321 24.28 -24.02 -2.24
CA PHE A 321 25.36 -23.05 -2.24
C PHE A 321 25.44 -22.36 -0.87
N ALA A 322 26.49 -22.66 -0.12
CA ALA A 322 26.63 -22.13 1.22
C ALA A 322 27.89 -21.29 1.25
N LEU A 323 27.73 -19.96 1.27
CA LEU A 323 28.90 -19.10 1.13
C LEU A 323 29.49 -18.89 2.54
N GLN A 324 30.34 -19.84 2.92
CA GLN A 324 30.96 -19.92 4.23
C GLN A 324 32.07 -20.96 4.14
N CYS A 325 32.94 -21.02 5.14
CA CYS A 325 34.18 -21.82 5.08
C CYS A 325 34.46 -22.58 6.36
N SER A 326 34.91 -23.84 6.23
CA SER A 326 35.55 -24.48 7.39
C SER A 326 36.88 -23.78 7.60
N PRO A 327 37.47 -23.95 8.79
CA PRO A 327 38.78 -23.34 9.00
C PRO A 327 39.87 -23.89 8.08
N ASP A 328 39.60 -25.01 7.43
CA ASP A 328 40.59 -25.64 6.57
C ASP A 328 40.41 -25.28 5.12
N HIS A 329 39.42 -24.43 4.81
CA HIS A 329 39.17 -23.99 3.43
C HIS A 329 40.38 -23.19 2.95
N PRO A 330 40.84 -23.43 1.71
CA PRO A 330 41.98 -22.67 1.16
C PRO A 330 41.81 -21.15 1.22
N TRP A 331 40.57 -20.67 1.13
CA TRP A 331 40.31 -19.23 1.16
C TRP A 331 40.80 -18.56 2.42
N VAL A 332 40.82 -19.30 3.52
CA VAL A 332 41.12 -18.72 4.82
C VAL A 332 42.49 -18.05 4.80
N HIS A 333 43.46 -18.72 4.19
CA HIS A 333 44.77 -18.11 4.09
C HIS A 333 45.05 -17.46 2.73
N LYS A 334 44.34 -17.86 1.69
CA LYS A 334 44.56 -17.25 0.38
C LYS A 334 43.90 -15.87 0.31
N HIS A 335 42.75 -15.72 0.96
CA HIS A 335 41.98 -14.48 0.92
C HIS A 335 41.53 -14.13 2.33
N PRO A 336 42.48 -13.78 3.21
CA PRO A 336 42.14 -13.50 4.61
C PRO A 336 41.18 -12.36 4.78
N GLU A 337 41.17 -11.43 3.84
CA GLU A 337 40.32 -10.25 3.93
C GLU A 337 38.85 -10.59 3.61
N TRP A 338 38.58 -11.87 3.30
CA TRP A 338 37.20 -12.35 3.14
C TRP A 338 36.65 -12.78 4.49
N PHE A 339 37.38 -12.47 5.58
CA PHE A 339 36.95 -12.85 6.92
C PHE A 339 37.17 -11.70 7.85
N HIS A 340 36.33 -11.61 8.88
CA HIS A 340 36.50 -10.61 9.91
C HIS A 340 37.40 -11.19 10.99
N HIS A 341 38.54 -10.55 11.23
CA HIS A 341 39.47 -11.02 12.25
C HIS A 341 39.36 -10.20 13.53
N ARG A 342 39.45 -10.90 14.64
CA ARG A 342 39.45 -10.24 15.93
C ARG A 342 40.87 -9.73 16.17
N PRO A 343 41.05 -8.87 17.19
CA PRO A 343 42.38 -8.27 17.37
C PRO A 343 43.52 -9.28 17.58
N ASP A 344 43.21 -10.50 18.02
CA ASP A 344 44.27 -11.51 18.21
C ASP A 344 44.49 -12.30 16.96
N GLY A 345 43.83 -11.88 15.88
CA GLY A 345 43.91 -12.53 14.58
C GLY A 345 42.91 -13.66 14.33
N THR A 346 42.17 -14.09 15.34
CA THR A 346 41.27 -15.22 15.16
C THR A 346 39.97 -14.82 14.43
N ILE A 347 39.36 -15.82 13.81
CA ILE A 347 38.09 -15.58 13.15
C ILE A 347 37.02 -16.30 13.97
N ALA A 348 36.02 -15.55 14.45
CA ALA A 348 34.93 -16.06 15.28
C ALA A 348 34.03 -17.00 14.46
N HIS A 349 33.59 -18.10 15.05
CA HIS A 349 32.74 -19.01 14.27
C HIS A 349 31.37 -18.38 14.02
N ALA A 350 30.72 -18.86 12.96
CA ALA A 350 29.41 -18.38 12.55
C ALA A 350 28.35 -18.81 13.56
N GLU A 351 27.25 -18.06 13.59
CA GLU A 351 26.12 -18.35 14.46
C GLU A 351 24.83 -17.97 13.76
N ASN A 352 23.75 -18.66 14.15
CA ASN A 352 22.37 -18.27 13.80
C ASN A 352 21.54 -18.42 15.08
N PRO A 353 21.66 -17.43 15.97
CA PRO A 353 21.26 -17.53 17.40
C PRO A 353 19.87 -18.11 17.62
N PRO A 354 19.74 -19.07 18.54
CA PRO A 354 20.78 -19.55 19.47
C PRO A 354 21.64 -20.66 18.89
N LYS A 355 21.51 -20.94 17.60
CA LYS A 355 22.33 -21.96 16.95
C LYS A 355 23.78 -21.46 16.79
N LYS A 356 24.72 -22.35 17.04
CA LYS A 356 26.14 -22.11 16.84
C LYS A 356 26.78 -23.02 15.80
N TYR A 357 27.60 -22.44 14.93
CA TYR A 357 28.22 -23.23 13.89
C TYR A 357 29.76 -23.19 14.13
N GLN A 358 30.22 -23.91 15.15
CA GLN A 358 31.64 -23.86 15.58
C GLN A 358 32.57 -24.39 14.53
N ASP A 359 32.03 -25.09 13.55
CA ASP A 359 32.83 -25.69 12.50
C ASP A 359 33.07 -24.80 11.26
N ILE A 360 32.52 -23.58 11.26
CA ILE A 360 32.69 -22.69 10.09
C ILE A 360 32.97 -21.23 10.46
N TYR A 361 33.61 -20.55 9.52
CA TYR A 361 33.74 -19.09 9.55
C TYR A 361 32.74 -18.49 8.58
N PRO A 362 32.08 -17.40 8.97
CA PRO A 362 31.23 -16.64 8.03
C PRO A 362 32.09 -15.74 7.18
N ILE A 363 31.62 -15.37 6.00
CA ILE A 363 32.38 -14.50 5.11
C ILE A 363 32.17 -13.02 5.49
N ALA A 364 33.21 -12.21 5.39
CA ALA A 364 33.06 -10.77 5.54
C ALA A 364 33.12 -10.18 4.15
N PHE A 365 32.25 -9.24 3.85
CA PHE A 365 32.03 -8.83 2.46
C PHE A 365 32.53 -7.44 2.15
N ASP A 366 32.93 -6.69 3.16
CA ASP A 366 33.19 -5.30 2.87
C ASP A 366 34.66 -4.93 2.62
N ALA A 367 35.59 -5.88 2.67
CA ALA A 367 36.95 -5.56 2.25
C ALA A 367 37.20 -5.81 0.76
N ASP A 368 36.65 -6.90 0.24
CA ASP A 368 36.85 -7.29 -1.16
C ASP A 368 35.53 -7.78 -1.77
N PRO A 369 34.52 -6.90 -1.85
CA PRO A 369 33.23 -7.34 -2.39
C PRO A 369 33.32 -7.81 -3.83
N ASP A 370 34.18 -7.19 -4.62
CA ASP A 370 34.33 -7.57 -6.03
C ASP A 370 34.96 -8.95 -6.17
N GLY A 371 35.96 -9.20 -5.37
CA GLY A 371 36.63 -10.48 -5.38
C GLY A 371 35.68 -11.60 -5.04
N LEU A 372 34.86 -11.36 -4.01
CA LEU A 372 33.88 -12.34 -3.60
C LEU A 372 32.81 -12.60 -4.67
N ALA A 373 32.32 -11.54 -5.30
CA ALA A 373 31.28 -11.69 -6.31
C ALA A 373 31.84 -12.45 -7.50
N THR A 374 33.05 -12.10 -7.88
CA THR A 374 33.70 -12.70 -9.02
C THR A 374 33.91 -14.20 -8.84
N GLU A 375 34.36 -14.60 -7.67
CA GLU A 375 34.62 -16.00 -7.39
C GLU A 375 33.33 -16.80 -7.27
N THR A 376 32.32 -16.16 -6.66
CA THR A 376 31.02 -16.77 -6.49
C THR A 376 30.43 -17.11 -7.86
N VAL A 377 30.44 -16.16 -8.78
CA VAL A 377 29.83 -16.47 -10.06
C VAL A 377 30.71 -17.42 -10.86
N ARG A 378 32.00 -17.45 -10.56
CA ARG A 378 32.88 -18.42 -11.21
C ARG A 378 32.51 -19.83 -10.76
N ILE A 379 32.32 -19.98 -9.46
CA ILE A 379 31.91 -21.24 -8.87
C ILE A 379 30.57 -21.73 -9.40
N LEU A 380 29.57 -20.83 -9.39
CA LEU A 380 28.24 -21.17 -9.89
C LEU A 380 28.31 -21.61 -11.35
N ARG A 381 29.09 -20.86 -12.13
CA ARG A 381 29.24 -21.16 -13.55
C ARG A 381 29.96 -22.50 -13.76
N HIS A 382 30.85 -22.85 -12.84
CA HIS A 382 31.46 -24.17 -12.89
C HIS A 382 30.40 -25.27 -12.81
N TRP A 383 29.52 -25.17 -11.82
CA TRP A 383 28.51 -26.20 -11.61
C TRP A 383 27.47 -26.14 -12.70
N MET A 384 27.18 -24.93 -13.20
CA MET A 384 26.31 -24.75 -14.35
C MET A 384 26.82 -25.49 -15.59
N ASP A 385 28.14 -25.48 -15.79
CA ASP A 385 28.76 -26.15 -16.91
C ASP A 385 28.65 -27.66 -16.80
N HIS A 386 28.40 -28.14 -15.59
CA HIS A 386 28.19 -29.56 -15.36
C HIS A 386 26.71 -29.86 -15.08
N GLY A 387 25.83 -29.02 -15.63
CA GLY A 387 24.42 -29.35 -15.71
C GLY A 387 23.55 -28.94 -14.54
N VAL A 388 24.13 -28.22 -13.59
CA VAL A 388 23.37 -27.74 -12.46
C VAL A 388 22.75 -26.39 -12.82
N ARG A 389 21.42 -26.34 -12.92
CA ARG A 389 20.72 -25.13 -13.36
C ARG A 389 19.84 -24.61 -12.23
N ILE A 390 20.02 -25.19 -11.04
CA ILE A 390 19.31 -24.73 -9.86
C ILE A 390 20.25 -24.67 -8.65
N PHE A 391 20.22 -23.58 -7.91
CA PHE A 391 20.99 -23.49 -6.69
C PHE A 391 20.10 -23.15 -5.52
N ARG A 392 20.22 -23.97 -4.49
CA ARG A 392 19.58 -23.74 -3.22
C ARG A 392 20.58 -22.96 -2.36
N VAL A 393 20.29 -21.70 -2.08
CA VAL A 393 21.25 -20.83 -1.42
C VAL A 393 21.05 -20.86 0.08
N ASP A 394 22.07 -21.36 0.79
CA ASP A 394 22.05 -21.52 2.25
C ASP A 394 22.10 -20.17 2.96
N ASN A 395 21.17 -19.91 3.89
CA ASN A 395 21.19 -18.68 4.71
C ASN A 395 21.56 -17.41 3.98
N PRO A 396 20.78 -17.06 2.95
CA PRO A 396 21.25 -15.89 2.21
C PRO A 396 21.23 -14.64 3.07
N HIS A 397 20.41 -14.62 4.13
CA HIS A 397 20.24 -13.44 4.95
C HIS A 397 21.36 -13.06 5.92
N THR A 398 22.42 -13.85 5.95
CA THR A 398 23.61 -13.47 6.71
C THR A 398 24.67 -13.02 5.72
N LYS A 399 24.27 -12.83 4.47
CA LYS A 399 25.13 -12.24 3.45
C LYS A 399 24.41 -10.97 2.92
N PRO A 400 25.15 -9.99 2.38
CA PRO A 400 24.48 -8.74 1.98
C PRO A 400 23.41 -8.95 0.92
N VAL A 401 22.27 -8.28 1.09
CA VAL A 401 21.19 -8.40 0.13
C VAL A 401 21.68 -8.02 -1.27
N ALA A 402 22.45 -6.94 -1.34
CA ALA A 402 22.95 -6.46 -2.63
C ALA A 402 24.00 -7.41 -3.20
N PHE A 403 24.59 -8.25 -2.35
CA PHE A 403 25.54 -9.23 -2.86
C PHE A 403 24.73 -10.22 -3.71
N TRP A 404 23.61 -10.68 -3.19
CA TRP A 404 22.80 -11.60 -3.96
C TRP A 404 22.20 -10.94 -5.18
N GLU A 405 21.77 -9.68 -5.08
CA GLU A 405 21.18 -9.02 -6.24
C GLU A 405 22.21 -9.02 -7.38
N ARG A 406 23.45 -8.73 -7.02
CA ARG A 406 24.54 -8.67 -8.00
C ARG A 406 24.83 -10.06 -8.58
N VAL A 407 24.95 -11.07 -7.72
CA VAL A 407 25.27 -12.41 -8.15
C VAL A 407 24.21 -12.97 -9.08
N ILE A 408 22.95 -12.83 -8.67
CA ILE A 408 21.84 -13.35 -9.45
C ILE A 408 21.71 -12.61 -10.79
N ALA A 409 21.86 -11.29 -10.74
CA ALA A 409 21.85 -10.51 -11.98
C ALA A 409 22.99 -10.94 -12.90
N ASP A 410 24.16 -11.22 -12.34
CA ASP A 410 25.28 -11.63 -13.18
C ASP A 410 24.96 -13.00 -13.84
N ILE A 411 24.56 -13.98 -13.03
CA ILE A 411 24.28 -15.32 -13.57
C ILE A 411 23.09 -15.32 -14.51
N ASN A 412 21.98 -14.69 -14.12
CA ASN A 412 20.81 -14.73 -15.00
C ASN A 412 20.99 -13.86 -16.23
N GLY A 413 21.94 -12.93 -16.17
CA GLY A 413 22.27 -12.13 -17.34
C GLY A 413 22.78 -12.94 -18.54
N THR A 414 23.54 -13.98 -18.26
CA THR A 414 24.07 -14.88 -19.29
C THR A 414 23.23 -16.15 -19.37
N ASP A 415 22.57 -16.51 -18.27
CA ASP A 415 21.87 -17.80 -18.13
C ASP A 415 20.54 -17.61 -17.40
N PRO A 416 19.56 -17.04 -18.12
CA PRO A 416 18.30 -16.69 -17.47
C PRO A 416 17.50 -17.90 -16.97
N ASP A 417 17.88 -19.10 -17.39
CA ASP A 417 17.16 -20.29 -16.89
C ASP A 417 17.52 -20.71 -15.47
N VAL A 418 18.63 -20.21 -14.95
CA VAL A 418 19.09 -20.63 -13.62
C VAL A 418 18.16 -20.10 -12.55
N ILE A 419 17.80 -21.01 -11.65
CA ILE A 419 16.89 -20.78 -10.58
C ILE A 419 17.60 -20.76 -9.24
N PHE A 420 17.34 -19.70 -8.47
CA PHE A 420 17.90 -19.56 -7.14
C PHE A 420 16.81 -19.70 -6.10
N LEU A 421 17.02 -20.61 -5.15
CA LEU A 421 16.07 -20.80 -4.06
C LEU A 421 16.64 -20.23 -2.75
N ALA A 422 15.90 -19.33 -2.15
CA ALA A 422 16.38 -18.67 -0.93
C ALA A 422 16.01 -19.40 0.37
N GLU A 423 16.99 -19.98 1.05
CA GLU A 423 16.69 -20.58 2.35
C GLU A 423 16.77 -19.54 3.48
N ALA A 424 15.80 -18.65 3.54
CA ALA A 424 15.83 -17.59 4.54
C ALA A 424 14.65 -17.68 5.47
N PHE A 425 14.85 -18.38 6.58
CA PHE A 425 13.84 -18.38 7.63
C PHE A 425 14.18 -17.27 8.57
N THR A 426 13.54 -16.12 8.36
CA THR A 426 13.88 -14.92 9.11
C THR A 426 12.67 -13.96 9.16
N ARG A 427 12.90 -12.68 9.36
CA ARG A 427 11.80 -11.73 9.49
C ARG A 427 11.23 -11.45 8.10
N PRO A 428 9.96 -11.01 8.06
CA PRO A 428 9.27 -10.86 6.78
C PRO A 428 9.93 -9.89 5.82
N ALA A 429 10.51 -8.82 6.32
CA ALA A 429 11.07 -7.81 5.43
C ALA A 429 12.20 -8.38 4.59
N MET A 430 13.11 -9.09 5.26
CA MET A 430 14.23 -9.75 4.59
C MET A 430 13.77 -10.83 3.62
N MET A 431 12.81 -11.66 4.06
CA MET A 431 12.32 -12.72 3.18
C MET A 431 11.76 -12.16 1.89
N ALA A 432 10.95 -11.12 2.02
CA ALA A 432 10.34 -10.46 0.88
C ALA A 432 11.37 -9.77 0.02
N THR A 433 12.32 -9.12 0.67
CA THR A 433 13.29 -8.35 -0.07
C THR A 433 14.15 -9.28 -0.92
N LEU A 434 14.54 -10.42 -0.36
CA LEU A 434 15.34 -11.37 -1.13
C LEU A 434 14.62 -11.84 -2.39
N ALA A 435 13.32 -12.12 -2.28
CA ALA A 435 12.57 -12.51 -3.47
C ALA A 435 12.57 -11.35 -4.50
N GLN A 436 12.35 -10.13 -4.01
CA GLN A 436 12.22 -8.98 -4.88
C GLN A 436 13.55 -8.66 -5.60
N ILE A 437 14.69 -8.97 -5.00
CA ILE A 437 15.92 -8.59 -5.70
C ILE A 437 16.41 -9.69 -6.63
N GLY A 438 15.66 -10.78 -6.72
CA GLY A 438 15.98 -11.75 -7.73
C GLY A 438 15.80 -13.24 -7.41
N PHE A 439 15.65 -13.60 -6.14
CA PHE A 439 15.50 -15.04 -5.87
C PHE A 439 14.22 -15.57 -6.48
N GLN A 440 14.36 -16.58 -7.34
CA GLN A 440 13.20 -17.12 -8.05
C GLN A 440 12.25 -17.83 -7.10
N GLN A 441 12.80 -18.46 -6.06
CA GLN A 441 11.99 -19.18 -5.08
C GLN A 441 12.43 -18.86 -3.67
N SER A 442 11.50 -19.04 -2.74
CA SER A 442 11.74 -18.80 -1.32
C SER A 442 11.27 -19.94 -0.47
N TYR A 443 12.07 -20.33 0.53
CA TYR A 443 11.50 -21.10 1.63
C TYR A 443 10.52 -20.18 2.36
N THR A 444 9.62 -20.78 3.13
CA THR A 444 8.47 -20.11 3.70
C THR A 444 8.29 -20.51 5.15
N TYR A 445 7.24 -20.00 5.77
CA TYR A 445 6.93 -20.36 7.15
C TYR A 445 6.08 -21.63 7.19
N PHE A 446 5.95 -22.31 6.05
CA PHE A 446 5.01 -23.44 5.97
C PHE A 446 5.04 -24.43 7.13
N THR A 447 6.23 -24.86 7.55
CA THR A 447 6.32 -25.89 8.61
C THR A 447 5.77 -25.38 9.92
N TRP A 448 5.69 -24.06 10.07
CA TRP A 448 5.17 -23.49 11.31
C TRP A 448 3.75 -22.94 11.11
N ARG A 449 3.06 -23.47 10.10
CA ARG A 449 1.66 -23.15 9.88
C ARG A 449 0.84 -24.45 9.82
N ASN A 450 0.19 -24.80 10.94
CA ASN A 450 -0.41 -26.13 11.06
C ASN A 450 -1.89 -26.15 11.44
N THR A 451 -2.41 -25.09 12.02
CA THR A 451 -3.82 -25.02 12.32
C THR A 451 -4.53 -24.47 11.09
N LYS A 452 -5.85 -24.61 11.05
CA LYS A 452 -6.64 -24.14 9.92
C LYS A 452 -6.47 -22.65 9.73
N GLN A 453 -6.48 -21.91 10.82
CA GLN A 453 -6.32 -20.47 10.76
C GLN A 453 -4.94 -20.07 10.21
N GLU A 454 -3.91 -20.74 10.72
CA GLU A 454 -2.53 -20.49 10.29
C GLU A 454 -2.35 -20.73 8.81
N LEU A 455 -2.85 -21.87 8.37
CA LEU A 455 -2.75 -22.24 6.96
C LEU A 455 -3.52 -21.28 6.09
N THR A 456 -4.72 -20.95 6.54
CA THR A 456 -5.61 -20.07 5.79
C THR A 456 -4.98 -18.68 5.67
N GLU A 457 -4.55 -18.14 6.81
CA GLU A 457 -3.97 -16.81 6.78
C GLU A 457 -2.70 -16.77 5.99
N TYR A 458 -1.84 -17.77 6.21
CA TYR A 458 -0.54 -17.73 5.55
C TYR A 458 -0.69 -17.89 4.05
N LEU A 459 -1.56 -18.80 3.64
CA LEU A 459 -1.72 -19.01 2.20
C LEU A 459 -2.44 -17.85 1.52
N THR A 460 -3.31 -17.15 2.25
CA THR A 460 -3.92 -15.95 1.69
C THR A 460 -2.85 -14.90 1.37
N GLU A 461 -1.87 -14.78 2.27
CA GLU A 461 -0.75 -13.89 2.05
C GLU A 461 0.07 -14.36 0.84
N LEU A 462 0.46 -15.63 0.80
CA LEU A 462 1.30 -16.11 -0.30
C LEU A 462 0.61 -16.10 -1.66
N SER A 463 -0.69 -16.36 -1.68
CA SER A 463 -1.40 -16.42 -2.95
C SER A 463 -1.88 -15.03 -3.39
N GLY A 464 -1.73 -14.03 -2.52
CA GLY A 464 -2.14 -12.66 -2.79
C GLY A 464 -1.04 -11.82 -3.44
N GLU A 465 -0.85 -10.60 -2.94
CA GLU A 465 0.11 -9.67 -3.53
C GLU A 465 1.54 -10.20 -3.59
N ALA A 466 1.96 -10.97 -2.59
CA ALA A 466 3.33 -11.48 -2.60
C ALA A 466 3.65 -12.32 -3.85
N ALA A 467 2.65 -12.95 -4.45
CA ALA A 467 2.87 -13.81 -5.63
C ALA A 467 3.39 -13.03 -6.80
N SER A 468 3.34 -11.71 -6.71
CA SER A 468 3.92 -10.94 -7.77
C SER A 468 5.45 -10.92 -7.66
N TYR A 469 6.02 -11.33 -6.53
CA TYR A 469 7.48 -11.33 -6.42
C TYR A 469 8.06 -12.56 -5.73
N MET A 470 7.23 -13.38 -5.10
CA MET A 470 7.75 -14.52 -4.36
C MET A 470 7.10 -15.81 -4.83
N ARG A 471 7.89 -16.84 -5.07
CA ARG A 471 7.34 -18.14 -5.43
C ARG A 471 7.76 -19.09 -4.30
N PRO A 472 6.77 -19.62 -3.58
CA PRO A 472 7.01 -20.42 -2.37
C PRO A 472 7.42 -21.84 -2.72
N ASN A 473 8.37 -22.40 -1.96
CA ASN A 473 8.70 -23.81 -2.04
C ASN A 473 8.39 -24.45 -0.70
N PHE A 474 7.28 -25.20 -0.66
CA PHE A 474 6.79 -25.80 0.58
C PHE A 474 7.46 -27.12 0.92
N PHE A 475 8.60 -27.04 1.59
CA PHE A 475 9.16 -28.24 2.20
C PHE A 475 8.41 -28.63 3.46
N ALA A 476 7.88 -29.85 3.49
CA ALA A 476 7.17 -30.30 4.67
C ALA A 476 8.14 -30.63 5.81
N ASN A 477 9.36 -30.95 5.46
CA ASN A 477 10.39 -31.11 6.46
C ASN A 477 11.70 -30.69 5.83
N THR A 478 12.70 -30.48 6.68
CA THR A 478 14.07 -30.30 6.22
C THR A 478 14.92 -31.01 7.24
N PRO A 479 16.23 -31.16 6.97
CA PRO A 479 17.08 -31.80 7.99
C PRO A 479 17.19 -31.00 9.29
N ASP A 480 16.77 -29.74 9.25
CA ASP A 480 16.77 -28.84 10.42
C ASP A 480 15.42 -28.63 11.07
N ILE A 481 14.38 -29.14 10.43
CA ILE A 481 13.00 -28.90 10.84
C ILE A 481 12.13 -30.15 10.87
N LEU A 482 12.00 -30.73 12.06
CA LEU A 482 11.03 -31.78 12.32
C LEU A 482 10.01 -31.16 13.24
N HIS A 483 8.89 -30.72 12.70
CA HIS A 483 7.99 -29.95 13.51
C HIS A 483 7.27 -30.88 14.48
N ALA A 484 6.92 -30.34 15.64
CA ALA A 484 6.18 -31.07 16.67
C ALA A 484 4.91 -31.77 16.15
N TYR A 485 4.26 -31.15 15.16
CA TYR A 485 3.07 -31.73 14.56
C TYR A 485 3.39 -33.13 14.00
N LEU A 486 4.53 -33.25 13.34
CA LEU A 486 4.97 -34.54 12.83
C LEU A 486 5.44 -35.45 13.97
N GLN A 487 6.07 -34.87 14.99
CA GLN A 487 6.55 -35.65 16.12
C GLN A 487 5.43 -36.33 16.88
N HIS A 488 4.36 -35.56 17.09
CA HIS A 488 3.24 -36.00 17.91
C HIS A 488 2.19 -36.80 17.11
N GLY A 489 2.10 -36.55 15.81
CA GLY A 489 1.06 -37.13 14.98
C GLY A 489 1.39 -38.44 14.26
N GLY A 490 2.67 -38.78 14.17
CA GLY A 490 3.07 -40.00 13.49
C GLY A 490 2.66 -40.02 12.03
N ARG A 491 2.54 -41.21 11.46
CA ARG A 491 2.25 -41.38 10.04
C ARG A 491 1.03 -40.59 9.54
N PRO A 492 -0.06 -40.56 10.31
CA PRO A 492 -1.20 -39.78 9.77
C PRO A 492 -0.89 -38.29 9.56
N ALA A 493 -0.01 -37.73 10.39
CA ALA A 493 0.40 -36.35 10.27
C ALA A 493 1.27 -36.10 9.03
N PHE A 494 2.12 -37.06 8.71
CA PHE A 494 2.94 -37.00 7.50
C PHE A 494 2.10 -37.02 6.24
N GLU A 495 1.03 -37.81 6.27
CA GLU A 495 0.11 -37.87 5.15
C GLU A 495 -0.58 -36.52 4.98
N VAL A 496 -1.01 -35.94 6.09
CA VAL A 496 -1.66 -34.64 6.03
C VAL A 496 -0.75 -33.53 5.47
N ARG A 497 0.47 -33.42 5.96
CA ARG A 497 1.34 -32.33 5.54
C ARG A 497 1.75 -32.53 4.10
N ALA A 498 1.87 -33.78 3.69
CA ALA A 498 2.16 -34.08 2.29
C ALA A 498 1.02 -33.59 1.39
N VAL A 499 -0.23 -33.93 1.74
CA VAL A 499 -1.38 -33.44 0.97
C VAL A 499 -1.44 -31.91 0.96
N LEU A 500 -1.28 -31.31 2.13
CA LEU A 500 -1.30 -29.85 2.24
C LEU A 500 -0.22 -29.23 1.39
N ALA A 501 1.01 -29.71 1.58
CA ALA A 501 2.14 -29.14 0.85
C ALA A 501 1.95 -29.31 -0.64
N ALA A 502 1.52 -30.50 -1.05
CA ALA A 502 1.41 -30.82 -2.47
C ALA A 502 0.28 -30.07 -3.17
N THR A 503 -0.78 -29.75 -2.44
CA THR A 503 -1.93 -29.11 -3.08
C THR A 503 -2.02 -27.61 -2.82
N LEU A 504 -1.26 -27.09 -1.87
CA LEU A 504 -1.37 -25.66 -1.64
C LEU A 504 -0.29 -24.89 -2.40
N SER A 505 0.86 -25.51 -2.67
CA SER A 505 1.87 -24.81 -3.47
C SER A 505 2.22 -25.58 -4.71
N PRO A 506 2.41 -24.86 -5.82
CA PRO A 506 2.86 -25.52 -7.05
C PRO A 506 4.30 -26.04 -6.91
N THR A 507 5.03 -25.59 -5.89
CA THR A 507 6.33 -26.22 -5.63
C THR A 507 6.34 -26.73 -4.20
N TRP A 508 6.64 -28.02 -4.01
CA TRP A 508 6.75 -28.52 -2.65
C TRP A 508 7.90 -29.49 -2.56
N GLY A 509 8.24 -29.88 -1.35
CA GLY A 509 9.37 -30.77 -1.20
C GLY A 509 9.35 -31.54 0.09
N ILE A 510 10.13 -32.62 0.09
CA ILE A 510 10.42 -33.34 1.31
C ILE A 510 11.89 -33.68 1.44
N TYR A 511 12.33 -33.90 2.66
CA TYR A 511 13.67 -34.38 2.86
C TYR A 511 13.57 -35.88 3.17
N SER A 512 14.33 -36.68 2.42
CA SER A 512 14.43 -38.15 2.54
C SER A 512 14.27 -38.65 3.97
N GLY A 513 13.38 -39.63 4.14
CA GLY A 513 13.08 -40.11 5.47
C GLY A 513 11.69 -39.63 5.85
N TYR A 514 11.27 -38.53 5.24
CA TYR A 514 9.90 -38.07 5.38
C TYR A 514 8.92 -39.20 5.10
N GLU A 515 9.18 -39.97 4.04
CA GLU A 515 8.25 -41.03 3.64
C GLU A 515 8.26 -42.19 4.60
N LEU A 516 9.33 -42.34 5.39
CA LEU A 516 9.39 -43.37 6.42
C LEU A 516 8.79 -42.89 7.70
N CYS A 517 8.29 -41.65 7.67
CA CYS A 517 7.74 -41.03 8.86
C CYS A 517 8.73 -40.97 10.03
N GLU A 518 9.99 -40.68 9.72
CA GLU A 518 10.97 -40.46 10.75
C GLU A 518 10.53 -39.25 11.58
N ASN A 519 10.34 -39.43 12.88
CA ASN A 519 9.77 -38.35 13.66
C ASN A 519 10.26 -38.32 15.10
N THR A 520 11.44 -38.87 15.33
CA THR A 520 12.06 -38.84 16.63
C THR A 520 12.93 -37.61 16.79
N PRO A 521 12.55 -36.73 17.72
CA PRO A 521 13.32 -35.50 17.88
C PRO A 521 14.60 -35.76 18.67
N LEU A 522 15.53 -34.82 18.58
CA LEU A 522 16.76 -34.86 19.35
C LEU A 522 16.44 -34.92 20.85
N ARG A 523 15.45 -34.12 21.24
CA ARG A 523 14.94 -34.10 22.59
C ARG A 523 13.60 -33.39 22.51
N GLU A 524 12.78 -33.54 23.55
CA GLU A 524 11.48 -32.88 23.54
C GLU A 524 11.63 -31.39 23.40
N GLY A 525 10.79 -30.78 22.56
CA GLY A 525 10.85 -29.35 22.40
C GLY A 525 11.81 -28.90 21.33
N SER A 526 12.52 -29.84 20.73
CA SER A 526 13.47 -29.54 19.66
C SER A 526 12.84 -29.80 18.31
N GLU A 527 13.30 -29.13 17.26
CA GLU A 527 12.85 -29.46 15.91
C GLU A 527 13.93 -30.18 15.13
N GLU A 528 15.02 -30.49 15.82
CA GLU A 528 16.08 -31.30 15.25
C GLU A 528 15.71 -32.79 15.31
N TYR A 529 16.22 -33.55 14.33
CA TYR A 529 16.15 -35.02 14.32
C TYR A 529 17.18 -35.62 15.29
N LEU A 530 16.79 -36.69 15.95
CA LEU A 530 17.75 -37.51 16.65
C LEU A 530 18.65 -38.16 15.62
N ASP A 531 19.94 -38.23 15.93
CA ASP A 531 20.91 -38.84 15.03
C ASP A 531 20.82 -38.24 13.64
N SER A 532 20.82 -36.92 13.59
CA SER A 532 20.61 -36.20 12.34
C SER A 532 21.57 -36.59 11.25
N GLU A 533 21.04 -36.76 10.05
CA GLU A 533 21.82 -37.09 8.86
C GLU A 533 22.89 -36.01 8.59
N LYS A 534 22.70 -34.82 9.18
CA LYS A 534 23.68 -33.76 8.99
C LYS A 534 25.07 -34.15 9.55
N TYR A 535 25.11 -35.08 10.52
CA TYR A 535 26.37 -35.40 11.18
C TYR A 535 26.78 -36.87 11.09
N GLN A 536 26.00 -37.69 10.39
CA GLN A 536 26.34 -39.11 10.26
C GLN A 536 25.72 -39.70 9.01
N LEU A 537 26.33 -40.77 8.52
CA LEU A 537 25.68 -41.53 7.47
C LEU A 537 24.35 -42.06 8.01
N LYS A 538 23.32 -42.02 7.18
CA LYS A 538 21.99 -42.44 7.61
C LYS A 538 21.45 -43.41 6.58
N PRO A 539 21.97 -44.64 6.57
CA PRO A 539 21.52 -45.66 5.61
C PRO A 539 20.07 -46.01 5.89
N ARG A 540 19.26 -46.12 4.85
CA ARG A 540 17.87 -46.50 5.01
C ARG A 540 17.54 -47.71 4.15
N ASP A 541 16.83 -48.69 4.73
CA ASP A 541 16.56 -49.91 4.01
C ASP A 541 15.30 -49.70 3.17
N TRP A 542 15.46 -49.06 2.00
CA TRP A 542 14.34 -48.67 1.16
C TRP A 542 13.53 -49.87 0.67
N THR A 543 14.24 -50.95 0.34
CA THR A 543 13.61 -52.16 -0.17
C THR A 543 12.70 -52.78 0.89
N ARG A 544 13.18 -52.83 2.12
CA ARG A 544 12.40 -53.34 3.23
C ARG A 544 11.19 -52.48 3.57
N ALA A 545 11.38 -51.16 3.59
CA ALA A 545 10.27 -50.25 3.90
C ALA A 545 9.12 -50.40 2.88
N ALA A 546 9.51 -50.49 1.60
CA ALA A 546 8.55 -50.68 0.51
C ALA A 546 7.84 -52.01 0.70
N ARG A 547 8.61 -53.06 0.97
CA ARG A 547 8.03 -54.40 1.15
C ARG A 547 7.03 -54.46 2.30
N GLU A 548 7.37 -53.80 3.41
CA GLU A 548 6.57 -53.87 4.62
C GLU A 548 5.48 -52.80 4.70
N GLY A 549 5.40 -51.95 3.68
CA GLY A 549 4.39 -50.91 3.59
C GLY A 549 4.47 -49.82 4.64
N THR A 550 5.65 -49.70 5.24
CA THR A 550 5.89 -48.70 6.25
C THR A 550 6.43 -47.41 5.62
N THR A 551 5.85 -47.01 4.50
CA THR A 551 6.30 -45.82 3.83
C THR A 551 5.10 -45.21 3.15
N ILE A 552 5.06 -43.89 3.12
CA ILE A 552 3.98 -43.23 2.41
C ILE A 552 4.43 -42.82 1.02
N ALA A 553 5.48 -43.45 0.51
CA ALA A 553 5.91 -43.22 -0.89
C ALA A 553 4.74 -43.37 -1.88
N PRO A 554 3.81 -44.34 -1.68
CA PRO A 554 2.71 -44.38 -2.64
C PRO A 554 1.83 -43.15 -2.58
N LEU A 555 1.58 -42.60 -1.40
CA LEU A 555 0.77 -41.38 -1.27
C LEU A 555 1.45 -40.21 -1.95
N VAL A 556 2.74 -40.05 -1.66
CA VAL A 556 3.58 -39.06 -2.32
C VAL A 556 3.49 -39.17 -3.84
N THR A 557 3.61 -40.41 -4.32
CA THR A 557 3.55 -40.72 -5.75
C THR A 557 2.21 -40.28 -6.34
N ARG A 558 1.11 -40.59 -5.64
CA ARG A 558 -0.23 -40.22 -6.12
C ARG A 558 -0.40 -38.70 -6.18
N LEU A 559 0.05 -38.00 -5.14
CA LEU A 559 -0.04 -36.54 -5.12
C LEU A 559 0.71 -35.94 -6.28
N ASN A 560 1.91 -36.42 -6.58
CA ASN A 560 2.63 -35.84 -7.72
C ASN A 560 2.00 -36.15 -9.06
N THR A 561 1.42 -37.34 -9.16
CA THR A 561 0.69 -37.70 -10.36
C THR A 561 -0.53 -36.79 -10.52
N ILE A 562 -1.26 -36.58 -9.43
CA ILE A 562 -2.42 -35.70 -9.47
C ILE A 562 -1.99 -34.31 -9.91
N ARG A 563 -0.87 -33.83 -9.39
CA ARG A 563 -0.32 -32.53 -9.77
C ARG A 563 0.04 -32.48 -11.25
N ARG A 564 0.63 -33.54 -11.76
CA ARG A 564 1.02 -33.59 -13.16
C ARG A 564 -0.18 -33.62 -14.08
N GLU A 565 -1.32 -34.01 -13.54
CA GLU A 565 -2.51 -34.19 -14.35
C GLU A 565 -3.52 -33.05 -14.21
N ASN A 566 -3.25 -32.10 -13.31
CA ASN A 566 -4.22 -31.04 -13.03
C ASN A 566 -3.59 -29.67 -12.95
N PRO A 567 -3.69 -28.91 -14.05
CA PRO A 567 -3.10 -27.58 -14.13
C PRO A 567 -3.46 -26.68 -12.93
N ALA A 568 -4.61 -26.90 -12.30
CA ALA A 568 -4.97 -26.12 -11.13
C ALA A 568 -3.90 -26.22 -10.05
N LEU A 569 -3.25 -27.39 -9.95
CA LEU A 569 -2.27 -27.58 -8.87
C LEU A 569 -0.87 -27.10 -9.24
N ARG A 570 -0.70 -26.63 -10.46
CA ARG A 570 0.59 -26.15 -10.97
C ARG A 570 0.67 -24.61 -11.06
N GLN A 571 -0.24 -23.94 -10.36
CA GLN A 571 -0.21 -22.49 -10.24
C GLN A 571 -0.46 -22.13 -8.77
N LEU A 572 -0.29 -20.86 -8.44
CA LEU A 572 -0.30 -20.39 -7.06
C LEU A 572 -1.47 -19.44 -6.75
N ARG A 573 -1.72 -18.48 -7.64
CA ARG A 573 -2.56 -17.34 -7.29
C ARG A 573 -4.05 -17.65 -7.16
N ASP A 574 -4.55 -18.63 -7.91
CA ASP A 574 -5.96 -18.98 -7.74
C ASP A 574 -6.11 -20.06 -6.68
N LEU A 575 -6.60 -19.62 -5.53
CA LEU A 575 -6.77 -20.44 -4.35
C LEU A 575 -7.89 -19.82 -3.55
N HIS A 576 -8.90 -20.60 -3.19
CA HIS A 576 -9.96 -20.05 -2.38
C HIS A 576 -10.28 -21.00 -1.24
N PHE A 577 -10.37 -20.48 -0.02
CA PHE A 577 -10.76 -21.32 1.10
C PHE A 577 -12.27 -21.30 1.30
N HIS A 578 -12.84 -22.50 1.42
CA HIS A 578 -14.27 -22.70 1.60
C HIS A 578 -14.57 -23.09 3.05
N PRO A 579 -15.63 -22.52 3.64
CA PRO A 579 -15.95 -22.77 5.05
C PRO A 579 -16.35 -24.20 5.37
N THR A 580 -15.91 -24.69 6.53
CA THR A 580 -16.41 -25.95 7.08
C THR A 580 -16.89 -25.71 8.50
N ASP A 581 -17.64 -26.67 9.03
CA ASP A 581 -18.18 -26.53 10.36
C ASP A 581 -17.34 -27.22 11.45
N LYS A 582 -16.11 -27.62 11.10
CA LYS A 582 -15.26 -28.20 12.14
C LYS A 582 -13.93 -27.51 12.06
N GLU A 583 -13.42 -27.03 13.19
CA GLU A 583 -12.15 -26.30 13.18
C GLU A 583 -11.01 -27.18 12.63
N GLU A 584 -11.08 -28.49 12.84
CA GLU A 584 -9.98 -29.36 12.43
C GLU A 584 -10.00 -29.72 10.93
N VAL A 585 -11.04 -29.32 10.22
CA VAL A 585 -11.19 -29.69 8.82
C VAL A 585 -11.12 -28.45 7.93
N ILE A 586 -10.15 -28.43 7.03
CA ILE A 586 -10.00 -27.30 6.13
C ILE A 586 -10.37 -27.73 4.72
N ALA A 587 -10.90 -26.78 3.96
CA ALA A 587 -11.31 -27.06 2.60
C ALA A 587 -10.92 -25.87 1.74
N TYR A 588 -10.43 -26.16 0.53
CA TYR A 588 -10.03 -25.13 -0.41
C TYR A 588 -10.06 -25.63 -1.85
N SER A 589 -10.17 -24.71 -2.78
CA SER A 589 -10.18 -25.01 -4.21
C SER A 589 -9.11 -24.23 -4.97
N LYS A 590 -8.63 -24.82 -6.05
CA LYS A 590 -7.76 -24.13 -6.96
C LYS A 590 -8.27 -24.35 -8.37
N ARG A 591 -8.10 -23.35 -9.23
CA ARG A 591 -8.63 -23.44 -10.57
C ARG A 591 -7.62 -22.93 -11.59
N GLN A 592 -7.58 -23.61 -12.73
CA GLN A 592 -6.81 -23.13 -13.87
C GLN A 592 -7.53 -23.53 -15.14
N GLY A 593 -8.00 -22.54 -15.88
CA GLY A 593 -8.88 -22.78 -17.01
C GLY A 593 -10.05 -23.64 -16.60
N SER A 594 -10.29 -24.70 -17.35
CA SER A 594 -11.43 -25.58 -17.07
C SER A 594 -11.14 -26.62 -15.99
N ASN A 595 -9.94 -26.58 -15.43
CA ASN A 595 -9.54 -27.52 -14.39
C ASN A 595 -9.76 -26.90 -13.03
N THR A 596 -10.54 -27.59 -12.23
CA THR A 596 -10.84 -27.18 -10.89
C THR A 596 -10.52 -28.33 -9.96
N VAL A 597 -9.73 -28.05 -8.94
CA VAL A 597 -9.45 -29.08 -7.97
C VAL A 597 -9.99 -28.67 -6.61
N LEU A 598 -10.67 -29.60 -5.96
CA LEU A 598 -11.23 -29.35 -4.64
C LEU A 598 -10.62 -30.26 -3.61
N VAL A 599 -10.07 -29.67 -2.55
CA VAL A 599 -9.36 -30.39 -1.51
C VAL A 599 -9.95 -30.17 -0.13
N VAL A 600 -10.13 -31.27 0.60
CA VAL A 600 -10.61 -31.23 1.97
C VAL A 600 -9.65 -32.01 2.83
N VAL A 601 -9.09 -31.41 3.87
CA VAL A 601 -8.08 -32.09 4.68
C VAL A 601 -8.45 -32.14 6.15
N ASN A 602 -8.31 -33.31 6.75
CA ASN A 602 -8.46 -33.42 8.19
C ASN A 602 -7.13 -33.17 8.89
N LEU A 603 -7.02 -32.03 9.56
CA LEU A 603 -5.77 -31.64 10.20
C LEU A 603 -5.53 -32.41 11.51
N ASP A 604 -6.54 -33.12 12.00
CA ASP A 604 -6.43 -33.95 13.21
C ASP A 604 -5.82 -35.31 12.86
N PRO A 605 -4.59 -35.57 13.35
CA PRO A 605 -3.95 -36.85 13.01
C PRO A 605 -4.34 -37.97 13.97
N ARG A 606 -5.24 -37.70 14.92
CA ARG A 606 -5.54 -38.70 15.94
C ARG A 606 -7.01 -39.10 16.00
N HIS A 607 -7.89 -38.24 15.48
CA HIS A 607 -9.32 -38.53 15.55
C HIS A 607 -10.02 -38.36 14.21
N THR A 608 -10.96 -39.27 13.97
CA THR A 608 -11.84 -39.17 12.82
C THR A 608 -12.59 -37.87 12.98
N GLN A 609 -12.74 -37.16 11.87
CA GLN A 609 -13.49 -35.90 11.85
C GLN A 609 -14.63 -36.00 10.86
N GLU A 610 -15.80 -35.55 11.30
CA GLU A 610 -16.92 -35.43 10.41
C GLU A 610 -17.28 -33.98 10.28
N ALA A 611 -17.56 -33.54 9.08
CA ALA A 611 -17.81 -32.11 8.91
C ALA A 611 -18.70 -31.87 7.71
N THR A 612 -19.29 -30.69 7.70
CA THR A 612 -19.99 -30.20 6.52
C THR A 612 -19.12 -29.16 5.81
N VAL A 613 -18.87 -29.39 4.53
CA VAL A 613 -18.11 -28.42 3.75
C VAL A 613 -19.04 -27.57 2.89
N SER A 614 -19.11 -26.28 3.20
CA SER A 614 -20.00 -25.40 2.48
C SER A 614 -19.30 -24.61 1.39
N LEU A 615 -19.38 -25.13 0.18
CA LEU A 615 -18.69 -24.52 -0.95
C LEU A 615 -19.32 -23.18 -1.37
N ASP A 616 -18.45 -22.20 -1.54
CA ASP A 616 -18.80 -20.95 -2.19
C ASP A 616 -18.92 -21.23 -3.65
N MET A 617 -20.10 -21.65 -4.05
CA MET A 617 -20.35 -22.15 -5.39
C MET A 617 -19.99 -21.13 -6.49
N PRO A 618 -20.29 -19.82 -6.29
CA PRO A 618 -19.85 -18.90 -7.36
C PRO A 618 -18.35 -18.92 -7.58
N GLN A 619 -17.57 -19.15 -6.54
CA GLN A 619 -16.12 -19.20 -6.65
C GLN A 619 -15.64 -20.38 -7.48
N LEU A 620 -16.53 -21.34 -7.69
CA LEU A 620 -16.28 -22.52 -8.49
C LEU A 620 -16.83 -22.30 -9.87
N GLY A 621 -17.48 -21.15 -10.03
CA GLY A 621 -18.15 -20.79 -11.27
C GLY A 621 -19.50 -21.46 -11.40
N LEU A 622 -20.13 -21.78 -10.27
CA LEU A 622 -21.42 -22.43 -10.31
C LEU A 622 -22.42 -21.58 -9.48
N ASP A 623 -23.73 -21.63 -9.74
CA ASP A 623 -24.70 -20.91 -8.83
C ASP A 623 -25.00 -21.92 -7.71
N TRP A 624 -25.51 -21.40 -6.61
CA TRP A 624 -25.65 -22.04 -5.31
C TRP A 624 -26.48 -23.32 -5.25
N HIS A 625 -27.35 -23.54 -6.22
CA HIS A 625 -28.21 -24.71 -6.20
C HIS A 625 -27.62 -25.89 -7.00
N GLU A 626 -26.60 -25.64 -7.80
CA GLU A 626 -26.01 -26.67 -8.66
C GLU A 626 -25.39 -27.80 -7.84
N SER A 627 -25.26 -28.97 -8.47
CA SER A 627 -24.62 -30.12 -7.83
C SER A 627 -23.66 -30.78 -8.82
N VAL A 628 -22.39 -30.90 -8.43
CA VAL A 628 -21.35 -31.31 -9.37
C VAL A 628 -20.62 -32.62 -9.03
N PRO A 629 -20.36 -33.42 -10.07
CA PRO A 629 -19.62 -34.67 -9.89
C PRO A 629 -18.13 -34.40 -9.60
N VAL A 630 -17.61 -35.07 -8.58
CA VAL A 630 -16.19 -34.99 -8.29
C VAL A 630 -15.62 -36.37 -8.11
N ARG A 631 -14.33 -36.54 -8.41
CA ARG A 631 -13.67 -37.81 -8.13
C ARG A 631 -12.49 -37.53 -7.20
N ASP A 632 -12.45 -38.22 -6.05
CA ASP A 632 -11.33 -38.16 -5.10
C ASP A 632 -10.19 -38.97 -5.70
N GLU A 633 -9.15 -38.27 -6.15
CA GLU A 633 -8.07 -38.91 -6.89
C GLU A 633 -7.16 -39.76 -5.99
N LEU A 634 -7.40 -39.71 -4.69
CA LEU A 634 -6.68 -40.57 -3.76
C LEU A 634 -7.29 -41.97 -3.66
N THR A 635 -8.57 -42.11 -4.04
CA THR A 635 -9.31 -43.38 -3.84
C THR A 635 -10.01 -43.85 -5.10
N GLY A 636 -10.26 -42.93 -6.00
CA GLY A 636 -11.02 -43.23 -7.20
C GLY A 636 -12.54 -43.06 -7.02
N GLU A 637 -12.97 -42.81 -5.78
CA GLU A 637 -14.36 -42.58 -5.51
C GLU A 637 -14.92 -41.31 -6.14
N THR A 638 -16.18 -41.43 -6.58
CA THR A 638 -16.90 -40.33 -7.18
C THR A 638 -17.99 -39.90 -6.24
N TYR A 639 -18.18 -38.60 -6.14
CA TYR A 639 -19.25 -38.04 -5.32
C TYR A 639 -20.02 -37.00 -6.13
N HIS A 640 -21.17 -36.61 -5.60
CA HIS A 640 -21.86 -35.46 -6.15
C HIS A 640 -21.89 -34.40 -5.05
N TRP A 641 -21.16 -33.32 -5.30
CA TRP A 641 -21.03 -32.28 -4.29
C TRP A 641 -21.73 -30.98 -4.69
N GLY A 642 -22.29 -30.29 -3.69
CA GLY A 642 -22.96 -29.04 -3.91
C GLY A 642 -22.59 -28.03 -2.84
N ARG A 643 -23.54 -27.21 -2.42
CA ARG A 643 -23.26 -26.16 -1.45
C ARG A 643 -23.04 -26.68 -0.04
N ALA A 644 -23.41 -27.91 0.22
CA ALA A 644 -23.20 -28.43 1.57
C ALA A 644 -22.96 -29.91 1.48
N ASN A 645 -21.78 -30.33 1.93
CA ASN A 645 -21.37 -31.70 1.73
C ASN A 645 -20.83 -32.34 2.97
N TYR A 646 -21.32 -33.55 3.22
CA TYR A 646 -20.83 -34.31 4.33
C TYR A 646 -19.50 -34.96 3.97
N VAL A 647 -18.52 -34.84 4.87
CA VAL A 647 -17.29 -35.59 4.74
C VAL A 647 -16.96 -36.27 6.04
N ARG A 648 -16.34 -37.43 5.92
CA ARG A 648 -15.87 -38.13 7.08
C ARG A 648 -14.47 -38.59 6.81
N LEU A 649 -13.51 -38.05 7.56
CA LEU A 649 -12.10 -38.32 7.29
C LEU A 649 -11.46 -38.99 8.48
N GLU A 650 -10.83 -40.14 8.21
CA GLU A 650 -10.34 -41.01 9.24
C GLU A 650 -8.81 -41.17 9.14
N PRO A 651 -8.15 -40.75 10.22
CA PRO A 651 -6.68 -40.78 10.20
C PRO A 651 -6.14 -42.16 9.96
N GLY A 652 -5.17 -42.23 9.05
CA GLY A 652 -4.58 -43.50 8.72
C GLY A 652 -5.27 -44.21 7.60
N ARG A 653 -6.46 -43.73 7.25
CA ARG A 653 -7.26 -44.36 6.22
C ARG A 653 -7.65 -43.31 5.17
N THR A 654 -8.16 -42.18 5.64
CA THR A 654 -8.51 -41.04 4.77
C THR A 654 -8.06 -39.71 5.35
N PRO A 655 -6.80 -39.35 5.10
CA PRO A 655 -6.36 -38.05 5.63
C PRO A 655 -7.10 -36.87 4.99
N ALA A 656 -7.55 -37.08 3.75
CA ALA A 656 -8.12 -36.00 2.95
C ALA A 656 -8.85 -36.48 1.68
N HIS A 657 -9.66 -35.58 1.11
CA HIS A 657 -10.17 -35.74 -0.25
C HIS A 657 -9.43 -34.77 -1.16
N VAL A 658 -8.89 -35.30 -2.24
CA VAL A 658 -8.31 -34.47 -3.29
C VAL A 658 -9.10 -34.72 -4.56
N CYS A 659 -10.09 -33.88 -4.80
CA CYS A 659 -11.06 -34.12 -5.85
C CYS A 659 -10.83 -33.29 -7.09
N THR A 660 -11.08 -33.88 -8.25
CA THR A 660 -11.13 -33.09 -9.47
C THR A 660 -12.59 -32.96 -9.85
N VAL A 661 -12.97 -31.79 -10.38
CA VAL A 661 -14.34 -31.61 -10.83
C VAL A 661 -14.53 -32.21 -12.21
N LEU A 662 -15.47 -33.15 -12.29
CA LEU A 662 -15.69 -33.94 -13.50
C LEU A 662 -16.54 -33.28 -14.60
N ARG A 663 -16.25 -33.66 -15.85
CA ARG A 663 -16.86 -33.09 -17.04
C ARG A 663 -17.73 -34.18 -17.67
N PRO B 15 24.87 -1.74 -11.45
CA PRO B 15 24.49 -1.12 -10.18
C PRO B 15 23.20 -1.73 -9.59
N THR B 16 23.17 -1.93 -8.27
CA THR B 16 22.01 -2.53 -7.61
C THR B 16 20.95 -1.54 -7.12
N VAL B 17 19.71 -2.01 -7.05
CA VAL B 17 18.60 -1.21 -6.57
C VAL B 17 18.66 -1.08 -5.03
N VAL B 18 19.10 -2.14 -4.36
CA VAL B 18 19.19 -2.09 -2.91
C VAL B 18 20.61 -1.74 -2.52
N GLY B 19 20.75 -0.87 -1.52
CA GLY B 19 22.03 -0.41 -1.05
C GLY B 19 22.63 -1.40 -0.05
N ARG B 20 23.78 -1.03 0.51
CA ARG B 20 24.54 -1.91 1.40
C ARG B 20 23.74 -2.26 2.64
N ILE B 21 23.14 -1.23 3.23
CA ILE B 21 22.20 -1.44 4.31
C ILE B 21 20.85 -1.03 3.74
N PRO B 22 19.98 -2.03 3.54
CA PRO B 22 18.67 -1.85 2.89
C PRO B 22 17.84 -0.72 3.51
N VAL B 23 17.40 0.20 2.65
CA VAL B 23 16.43 1.22 3.03
C VAL B 23 15.33 1.25 2.00
N LEU B 24 14.14 0.84 2.41
CA LEU B 24 13.07 0.58 1.45
C LEU B 24 11.76 1.28 1.85
N ASP B 25 10.92 1.55 0.85
CA ASP B 25 9.58 2.05 1.09
C ASP B 25 9.55 3.24 2.04
N VAL B 26 10.30 4.28 1.70
CA VAL B 26 10.23 5.48 2.49
C VAL B 26 8.83 6.12 2.32
N ARG B 27 8.25 6.56 3.42
CA ARG B 27 6.95 7.20 3.40
C ARG B 27 7.11 8.45 4.22
N PRO B 28 6.26 9.47 3.99
CA PRO B 28 5.15 9.46 3.03
C PRO B 28 5.63 9.46 1.59
N VAL B 29 4.81 8.96 0.68
CA VAL B 29 5.13 9.03 -0.73
C VAL B 29 3.84 9.25 -1.47
N VAL B 30 3.85 10.04 -2.53
CA VAL B 30 2.63 10.31 -3.24
C VAL B 30 2.91 9.95 -4.68
N GLN B 31 2.07 9.08 -5.23
CA GLN B 31 2.22 8.61 -6.63
C GLN B 31 3.66 8.19 -6.91
N ARG B 32 4.19 7.34 -6.04
CA ARG B 32 5.55 6.78 -6.18
C ARG B 32 6.66 7.81 -6.36
N GLY B 33 6.48 8.99 -5.76
CA GLY B 33 7.48 10.04 -5.77
C GLY B 33 7.31 11.06 -6.88
N ARG B 34 6.29 10.90 -7.71
CA ARG B 34 6.11 11.84 -8.81
C ARG B 34 5.36 13.13 -8.42
N ARG B 35 4.71 13.11 -7.27
CA ARG B 35 4.09 14.32 -6.78
C ARG B 35 4.59 14.49 -5.34
N PRO B 36 4.67 15.73 -4.84
CA PRO B 36 5.24 15.92 -3.50
C PRO B 36 4.29 15.56 -2.39
N ALA B 37 4.81 15.05 -1.29
CA ALA B 37 4.03 15.04 -0.07
C ALA B 37 3.92 16.47 0.39
N LYS B 38 2.96 16.74 1.26
CA LYS B 38 2.66 18.11 1.65
C LYS B 38 2.83 18.35 3.14
N ALA B 39 3.24 19.57 3.46
CA ALA B 39 3.21 20.03 4.84
C ALA B 39 3.01 21.55 4.84
N VAL B 40 2.85 22.13 6.02
CA VAL B 40 2.94 23.58 6.12
C VAL B 40 3.98 23.96 7.16
N THR B 41 4.38 25.22 7.14
CA THR B 41 5.36 25.75 8.07
C THR B 41 4.99 25.35 9.50
N GLY B 42 5.95 24.75 10.20
CA GLY B 42 5.73 24.39 11.59
C GLY B 42 4.99 23.09 11.78
N GLU B 43 4.62 22.42 10.69
CA GLU B 43 3.89 21.17 10.83
C GLU B 43 4.85 19.99 10.97
N SER B 44 4.56 19.15 11.95
CA SER B 44 5.33 17.95 12.16
C SER B 44 4.65 16.77 11.51
N PHE B 45 5.43 15.82 11.02
CA PHE B 45 4.86 14.59 10.52
C PHE B 45 5.92 13.50 10.57
N GLU B 46 5.51 12.25 10.42
CA GLU B 46 6.47 11.14 10.56
C GLU B 46 7.07 10.70 9.22
N VAL B 47 8.39 10.59 9.17
CA VAL B 47 9.00 9.96 8.03
C VAL B 47 9.36 8.55 8.46
N SER B 48 9.03 7.56 7.65
CA SER B 48 9.27 6.19 8.04
C SER B 48 9.90 5.42 6.89
N ALA B 49 10.49 4.27 7.22
CA ALA B 49 11.12 3.42 6.20
C ALA B 49 11.30 2.01 6.73
N THR B 50 11.51 1.08 5.81
CA THR B 50 11.86 -0.26 6.22
C THR B 50 13.38 -0.42 6.14
N VAL B 51 14.01 -0.69 7.28
CA VAL B 51 15.49 -0.74 7.36
C VAL B 51 15.93 -2.00 8.15
N PHE B 52 16.90 -2.71 7.60
CA PHE B 52 17.41 -3.91 8.25
C PHE B 52 18.75 -4.21 7.60
N ARG B 53 19.48 -5.18 8.15
CA ARG B 53 20.72 -5.58 7.51
C ARG B 53 20.90 -7.09 7.48
N GLU B 54 21.93 -7.55 6.79
CA GLU B 54 22.20 -8.96 6.83
C GLU B 54 22.84 -9.26 8.22
N GLY B 55 22.67 -10.49 8.68
CA GLY B 55 23.21 -10.88 9.96
C GLY B 55 22.38 -10.42 11.14
N HIS B 56 22.99 -10.44 12.31
CA HIS B 56 22.26 -10.33 13.55
C HIS B 56 22.61 -9.04 14.27
N ASP B 57 23.51 -8.24 13.69
CA ASP B 57 23.92 -7.03 14.40
C ASP B 57 22.94 -5.87 14.17
N ALA B 58 23.16 -4.80 14.94
CA ALA B 58 22.23 -3.71 15.03
C ALA B 58 22.32 -2.76 13.85
N VAL B 59 21.19 -2.13 13.54
CA VAL B 59 21.16 -1.02 12.61
C VAL B 59 20.66 0.21 13.29
N GLY B 60 21.03 1.35 12.73
CA GLY B 60 20.43 2.60 13.10
C GLY B 60 20.00 3.29 11.81
N ALA B 61 19.24 4.39 11.97
CA ALA B 61 18.76 5.15 10.84
C ALA B 61 18.42 6.57 11.28
N ASN B 62 18.44 7.49 10.34
CA ASN B 62 18.14 8.89 10.61
C ASN B 62 17.54 9.54 9.39
N VAL B 63 16.78 10.60 9.60
CA VAL B 63 16.12 11.31 8.51
C VAL B 63 16.87 12.57 8.15
N VAL B 64 17.16 12.77 6.87
CA VAL B 64 17.77 14.01 6.45
C VAL B 64 16.75 14.81 5.65
N LEU B 65 16.24 15.87 6.26
CA LEU B 65 15.29 16.77 5.63
C LEU B 65 16.04 17.98 5.10
N ARG B 66 15.95 18.23 3.79
CA ARG B 66 16.69 19.33 3.20
C ARG B 66 15.76 20.44 2.73
N ASP B 67 16.14 21.68 3.02
CA ASP B 67 15.28 22.82 2.73
C ASP B 67 15.47 23.22 1.27
N PRO B 68 14.76 24.26 0.79
CA PRO B 68 14.87 24.51 -0.65
C PRO B 68 16.27 24.84 -1.16
N ARG B 69 17.16 25.30 -0.29
CA ARG B 69 18.55 25.57 -0.69
C ARG B 69 19.47 24.37 -0.50
N GLY B 70 18.89 23.26 -0.08
CA GLY B 70 19.65 22.04 0.11
C GLY B 70 20.29 21.88 1.48
N ARG B 71 20.01 22.81 2.39
CA ARG B 71 20.60 22.74 3.74
C ARG B 71 19.90 21.71 4.61
N PRO B 72 20.68 20.79 5.19
CA PRO B 72 20.10 19.73 6.02
C PRO B 72 19.62 20.27 7.34
N GLY B 73 18.61 19.64 7.90
CA GLY B 73 18.08 20.00 9.21
C GLY B 73 18.94 19.35 10.27
N PRO B 74 18.43 19.33 11.51
CA PRO B 74 19.18 18.75 12.62
C PRO B 74 19.27 17.23 12.54
N TRP B 75 20.23 16.69 13.29
CA TRP B 75 20.36 15.26 13.46
C TRP B 75 19.03 14.71 13.94
N THR B 76 18.48 13.76 13.18
CA THR B 76 17.14 13.26 13.43
C THR B 76 17.12 11.73 13.38
N PRO B 77 17.53 11.10 14.48
CA PRO B 77 17.59 9.64 14.51
C PRO B 77 16.21 9.00 14.54
N MET B 78 16.08 7.85 13.89
CA MET B 78 14.82 7.12 13.88
C MET B 78 14.88 6.01 14.90
N ARG B 79 13.72 5.44 15.20
CA ARG B 79 13.63 4.30 16.10
C ARG B 79 12.73 3.26 15.42
N GLU B 80 12.90 2.00 15.77
CA GLU B 80 11.98 0.98 15.29
C GLU B 80 10.61 1.18 15.92
N LEU B 81 9.57 1.20 15.10
CA LEU B 81 8.24 1.58 15.56
C LEU B 81 7.48 0.47 16.26
N ALA B 82 7.87 -0.77 16.00
CA ALA B 82 7.26 -1.93 16.66
C ALA B 82 8.24 -3.07 16.54
N PRO B 83 8.38 -3.87 17.60
CA PRO B 83 9.36 -4.96 17.61
C PRO B 83 9.20 -5.94 16.47
N GLY B 84 10.31 -6.32 15.85
CA GLY B 84 10.27 -7.33 14.81
C GLY B 84 9.74 -6.89 13.46
N THR B 85 9.41 -5.60 13.29
CA THR B 85 8.77 -5.14 12.06
C THR B 85 9.74 -4.54 11.04
N ASP B 86 10.91 -4.10 11.52
CA ASP B 86 11.94 -3.43 10.70
C ASP B 86 11.41 -2.12 10.07
N ARG B 87 10.35 -1.59 10.67
CA ARG B 87 9.80 -0.32 10.26
C ARG B 87 10.30 0.76 11.23
N TRP B 88 11.02 1.73 10.69
CA TRP B 88 11.63 2.78 11.51
C TRP B 88 10.98 4.13 11.17
N GLY B 89 10.98 5.06 12.12
CA GLY B 89 10.35 6.34 11.90
C GLY B 89 10.96 7.43 12.77
N ALA B 90 10.81 8.66 12.32
CA ALA B 90 11.14 9.80 13.16
C ALA B 90 10.27 10.97 12.73
N THR B 91 10.02 11.85 13.67
CA THR B 91 9.27 13.05 13.37
C THR B 91 10.20 14.14 12.84
N VAL B 92 9.77 14.79 11.77
CA VAL B 92 10.49 15.92 11.22
C VAL B 92 9.51 17.07 11.25
N THR B 93 10.04 18.28 11.17
CA THR B 93 9.18 19.47 11.18
C THR B 93 9.52 20.41 10.06
N ALA B 94 8.48 20.78 9.34
CA ALA B 94 8.62 21.66 8.19
C ALA B 94 8.88 23.10 8.62
N GLY B 95 9.80 23.76 7.93
CA GLY B 95 10.13 25.15 8.20
C GLY B 95 9.56 26.13 7.18
N GLU B 96 10.44 26.93 6.57
CA GLU B 96 10.02 27.94 5.60
C GLU B 96 9.34 27.28 4.39
N THR B 97 8.47 28.02 3.72
CA THR B 97 7.75 27.48 2.57
C THR B 97 8.68 27.19 1.39
N GLY B 98 8.30 26.23 0.57
CA GLY B 98 9.07 25.92 -0.61
C GLY B 98 9.14 24.43 -0.87
N THR B 99 9.99 24.05 -1.81
CA THR B 99 10.16 22.65 -2.14
C THR B 99 11.32 22.04 -1.40
N TRP B 100 11.00 21.12 -0.50
CA TRP B 100 12.01 20.44 0.29
C TRP B 100 12.26 19.00 -0.25
N SER B 101 13.20 18.31 0.36
CA SER B 101 13.38 16.91 0.06
C SER B 101 13.79 16.19 1.33
N TYR B 102 13.50 14.90 1.38
CA TYR B 102 13.94 14.12 2.51
C TYR B 102 14.47 12.76 2.08
N THR B 103 15.49 12.33 2.80
CA THR B 103 16.06 11.02 2.61
C THR B 103 16.12 10.27 3.94
N VAL B 104 16.18 8.95 3.86
CA VAL B 104 16.44 8.19 5.06
C VAL B 104 17.83 7.57 4.90
N GLU B 105 18.67 7.73 5.93
CA GLU B 105 19.98 7.11 5.94
C GLU B 105 19.98 5.93 6.87
N ALA B 106 20.50 4.82 6.38
CA ALA B 106 20.59 3.64 7.22
C ALA B 106 22.04 3.25 7.35
N TRP B 107 22.37 2.59 8.44
CA TRP B 107 23.75 2.27 8.75
C TRP B 107 23.87 1.15 9.78
N GLY B 108 25.00 0.44 9.70
CA GLY B 108 25.36 -0.48 10.76
C GLY B 108 25.64 0.29 12.01
N ASP B 109 25.21 -0.24 13.14
CA ASP B 109 25.38 0.41 14.42
C ASP B 109 26.30 -0.43 15.33
N PRO B 110 27.62 -0.37 15.09
CA PRO B 110 28.52 -1.32 15.76
C PRO B 110 28.63 -1.09 17.26
N VAL B 111 28.52 0.16 17.70
CA VAL B 111 28.63 0.44 19.12
C VAL B 111 27.49 -0.18 19.91
N THR B 112 26.27 -0.10 19.40
CA THR B 112 25.14 -0.74 20.09
C THR B 112 25.37 -2.25 20.17
N THR B 113 25.86 -2.82 19.07
CA THR B 113 26.12 -4.24 19.04
C THR B 113 27.22 -4.61 20.02
N TRP B 114 28.29 -3.82 20.04
CA TRP B 114 29.41 -4.12 20.92
C TRP B 114 28.97 -4.00 22.38
N ARG B 115 28.19 -2.96 22.70
CA ARG B 115 27.69 -2.80 24.06
C ARG B 115 26.86 -3.99 24.52
N HIS B 116 25.97 -4.44 23.66
CA HIS B 116 25.13 -5.57 24.01
C HIS B 116 26.00 -6.75 24.46
N HIS B 117 26.97 -7.09 23.62
CA HIS B 117 27.86 -8.20 23.93
C HIS B 117 28.81 -7.94 25.11
N ALA B 118 29.35 -6.73 25.18
CA ALA B 118 30.29 -6.40 26.24
C ALA B 118 29.60 -6.46 27.61
N ARG B 119 28.37 -5.99 27.68
CA ARG B 119 27.64 -5.94 28.96
C ARG B 119 27.41 -7.34 29.48
N ILE B 120 27.37 -8.32 28.57
CA ILE B 120 27.24 -9.73 28.93
C ILE B 120 28.57 -10.50 29.19
N LYS B 121 29.54 -10.36 28.28
CA LYS B 121 30.72 -11.21 28.34
C LYS B 121 31.69 -10.81 29.47
N ILE B 122 31.77 -9.51 29.75
CA ILE B 122 32.68 -9.02 30.78
C ILE B 122 32.27 -9.50 32.18
N PRO B 123 30.96 -9.40 32.54
CA PRO B 123 30.61 -9.94 33.86
C PRO B 123 30.73 -11.46 33.93
N ALA B 124 30.84 -12.11 32.79
CA ALA B 124 30.98 -13.55 32.74
C ALA B 124 32.48 -13.89 32.60
N GLY B 125 33.33 -12.86 32.56
CA GLY B 125 34.76 -13.10 32.44
C GLY B 125 35.21 -13.74 31.14
N LEU B 126 34.44 -13.56 30.08
CA LEU B 126 34.77 -14.21 28.81
C LEU B 126 35.60 -13.32 27.86
N ASP B 127 36.89 -13.60 27.67
CA ASP B 127 37.75 -12.90 26.70
C ASP B 127 37.70 -11.36 26.82
N THR B 128 37.73 -10.91 28.06
CA THR B 128 37.39 -9.58 28.45
C THR B 128 38.40 -8.65 27.78
N ASP B 129 39.66 -9.07 27.77
CA ASP B 129 40.67 -8.23 27.16
C ASP B 129 40.42 -8.03 25.66
N LEU B 130 40.00 -9.09 24.97
CA LEU B 130 39.65 -9.00 23.56
C LEU B 130 38.42 -8.10 23.33
N VAL B 131 37.41 -8.29 24.15
CA VAL B 131 36.18 -7.54 24.09
C VAL B 131 36.43 -6.06 24.35
N LEU B 132 37.24 -5.77 25.36
CA LEU B 132 37.51 -4.39 25.70
C LEU B 132 38.34 -3.68 24.65
N GLU B 133 39.30 -4.39 24.05
CA GLU B 133 40.10 -3.80 22.99
C GLU B 133 39.27 -3.50 21.75
N GLU B 134 38.35 -4.40 21.40
CA GLU B 134 37.42 -4.17 20.31
C GLU B 134 36.59 -2.90 20.57
N GLY B 135 36.17 -2.72 21.81
CA GLY B 135 35.43 -1.53 22.18
C GLY B 135 36.26 -0.26 22.03
N ALA B 136 37.50 -0.35 22.47
CA ALA B 136 38.41 0.77 22.38
C ALA B 136 38.57 1.15 20.93
N ARG B 137 38.69 0.15 20.06
CA ARG B 137 38.88 0.42 18.63
C ARG B 137 37.66 1.07 17.99
N LEU B 138 36.48 0.69 18.45
CA LEU B 138 35.26 1.31 17.97
C LEU B 138 35.17 2.77 18.41
N TYR B 139 35.46 3.04 19.68
CA TYR B 139 35.32 4.40 20.20
C TYR B 139 36.34 5.32 19.56
N GLU B 140 37.51 4.77 19.23
CA GLU B 140 38.53 5.49 18.46
C GLU B 140 38.01 5.90 17.09
N ARG B 141 37.36 4.97 16.39
CA ARG B 141 36.83 5.25 15.07
C ARG B 141 35.74 6.32 15.22
N ALA B 142 34.96 6.23 16.30
CA ALA B 142 33.91 7.21 16.60
C ALA B 142 34.47 8.59 16.80
N ALA B 143 35.56 8.67 17.56
CA ALA B 143 36.19 9.94 17.89
C ALA B 143 36.73 10.63 16.65
N ALA B 144 37.11 9.82 15.66
CA ALA B 144 37.69 10.33 14.42
C ALA B 144 36.73 11.27 13.73
N ASP B 145 35.44 10.99 13.85
CA ASP B 145 34.42 11.77 13.16
C ASP B 145 33.70 12.75 14.06
N VAL B 146 34.23 13.00 15.26
CA VAL B 146 33.57 13.95 16.15
C VAL B 146 34.28 15.29 16.00
N PRO B 147 33.54 16.32 15.56
CA PRO B 147 34.12 17.62 15.21
C PRO B 147 34.51 18.46 16.41
N GLY B 148 33.80 18.31 17.52
CA GLY B 148 34.05 19.14 18.70
C GLY B 148 35.18 18.55 19.50
N ARG B 149 36.12 19.40 19.89
CA ARG B 149 37.32 18.93 20.51
C ARG B 149 37.12 18.37 21.92
N GLU B 150 36.27 18.99 22.74
CA GLU B 150 36.03 18.41 24.05
C GLU B 150 35.27 17.09 23.92
N ASP B 151 34.38 17.02 22.95
CA ASP B 151 33.71 15.76 22.67
C ASP B 151 34.65 14.62 22.25
N ARG B 152 35.61 14.85 21.35
CA ARG B 152 36.51 13.74 21.04
C ARG B 152 37.28 13.32 22.31
N ARG B 153 37.70 14.31 23.10
CA ARG B 153 38.49 14.06 24.31
C ARG B 153 37.68 13.21 25.29
N GLU B 154 36.38 13.41 25.33
CA GLU B 154 35.55 12.59 26.22
C GLU B 154 35.61 11.12 25.81
N LEU B 155 35.57 10.88 24.49
CA LEU B 155 35.63 9.52 23.96
C LEU B 155 37.01 8.90 24.09
N LEU B 156 38.05 9.69 23.88
CA LEU B 156 39.42 9.18 23.98
C LEU B 156 39.73 8.81 25.42
N ALA B 157 39.13 9.53 26.36
CA ALA B 157 39.29 9.16 27.78
C ALA B 157 38.68 7.81 28.07
N ALA B 158 37.54 7.54 27.43
CA ALA B 158 36.92 6.24 27.53
C ALA B 158 37.81 5.17 26.87
N VAL B 159 38.35 5.50 25.69
CA VAL B 159 39.28 4.60 25.01
C VAL B 159 40.42 4.23 25.94
N ASP B 160 41.03 5.23 26.55
CA ASP B 160 42.18 5.02 27.40
C ASP B 160 41.80 4.20 28.64
N ALA B 161 40.60 4.43 29.16
CA ALA B 161 40.12 3.66 30.30
C ALA B 161 39.83 2.22 29.88
N LEU B 162 39.24 2.06 28.71
CA LEU B 162 39.03 0.74 28.14
C LEU B 162 40.35 -0.03 28.03
N ARG B 163 41.43 0.68 27.70
CA ARG B 163 42.70 0.01 27.49
C ARG B 163 43.56 -0.14 28.74
N ASP B 164 43.10 0.39 29.87
CA ASP B 164 43.90 0.37 31.09
C ASP B 164 43.85 -0.98 31.78
N GLU B 165 44.82 -1.83 31.51
CA GLU B 165 44.83 -3.21 32.01
C GLU B 165 45.04 -3.30 33.51
N SER B 166 45.33 -2.17 34.15
CA SER B 166 45.53 -2.16 35.59
C SER B 166 44.22 -1.97 36.36
N ARG B 167 43.10 -1.75 35.69
CA ARG B 167 41.82 -1.64 36.40
C ARG B 167 41.03 -2.92 36.16
N PRO B 168 40.12 -3.26 37.06
CA PRO B 168 39.30 -4.45 36.82
C PRO B 168 38.45 -4.23 35.54
N ALA B 169 38.20 -5.34 34.84
CA ALA B 169 37.45 -5.34 33.59
C ALA B 169 36.11 -4.62 33.67
N ALA B 170 35.37 -4.84 34.76
CA ALA B 170 34.06 -4.21 34.93
C ALA B 170 34.21 -2.70 34.98
N SER B 171 35.30 -2.25 35.59
CA SER B 171 35.58 -0.83 35.71
C SER B 171 35.95 -0.25 34.36
N ARG B 172 36.74 -1.01 33.61
CA ARG B 172 37.13 -0.64 32.28
C ARG B 172 35.90 -0.47 31.38
N LEU B 173 34.97 -1.43 31.43
CA LEU B 173 33.73 -1.34 30.67
C LEU B 173 32.85 -0.15 31.09
N ALA B 174 32.64 0.04 32.39
CA ALA B 174 31.78 1.12 32.87
C ALA B 174 32.21 2.46 32.31
N ALA B 175 33.52 2.66 32.18
CA ALA B 175 34.03 3.94 31.66
C ALA B 175 33.55 4.24 30.24
N ALA B 176 33.18 3.19 29.51
CA ALA B 176 32.69 3.33 28.14
C ALA B 176 31.15 3.54 28.09
N LEU B 177 30.52 3.54 29.26
CA LEU B 177 29.05 3.54 29.34
C LEU B 177 28.51 4.72 30.17
N THR B 178 29.32 5.74 30.35
CA THR B 178 28.89 6.87 31.16
C THR B 178 27.88 7.74 30.41
N PRO B 179 27.09 8.53 31.16
CA PRO B 179 26.15 9.42 30.49
C PRO B 179 26.86 10.40 29.56
N GLN B 180 28.08 10.83 29.89
CA GLN B 180 28.82 11.80 29.06
C GLN B 180 29.26 11.17 27.74
N VAL B 181 29.70 9.91 27.78
CA VAL B 181 30.04 9.17 26.56
C VAL B 181 28.77 8.96 25.71
N ASP B 182 27.71 8.50 26.34
CA ASP B 182 26.42 8.27 25.66
C ASP B 182 25.95 9.51 24.90
N ALA B 183 26.11 10.65 25.52
CA ALA B 183 25.70 11.92 24.95
C ALA B 183 26.48 12.27 23.68
N VAL B 184 27.79 12.04 23.70
CA VAL B 184 28.60 12.31 22.51
C VAL B 184 28.14 11.35 21.43
N LEU B 185 27.96 10.08 21.79
CA LEU B 185 27.60 9.07 20.81
C LEU B 185 26.15 9.28 20.32
N ALA B 186 25.30 9.87 21.16
CA ALA B 186 23.92 10.13 20.75
C ALA B 186 23.92 11.13 19.62
N ARG B 187 24.77 12.15 19.74
CA ARG B 187 24.86 13.20 18.73
C ARG B 187 25.74 12.78 17.56
N HIS B 188 26.84 12.08 17.83
CA HIS B 188 27.71 11.68 16.72
C HIS B 188 27.93 10.19 16.71
N PRO B 189 26.90 9.40 16.41
CA PRO B 189 27.16 7.95 16.45
C PRO B 189 28.13 7.50 15.37
N LEU B 190 28.81 6.39 15.65
CA LEU B 190 29.60 5.70 14.65
C LEU B 190 28.69 4.93 13.71
N ARG B 191 28.64 5.37 12.46
CA ARG B 191 27.77 4.72 11.48
C ARG B 191 28.54 3.89 10.44
N ASP B 192 28.29 2.59 10.43
CA ASP B 192 28.91 1.74 9.41
C ASP B 192 28.06 1.70 8.15
N LEU B 193 28.73 1.75 7.00
CA LEU B 193 28.14 1.44 5.72
C LEU B 193 26.88 2.29 5.42
N VAL B 194 26.98 3.58 5.70
CA VAL B 194 25.84 4.46 5.57
C VAL B 194 25.27 4.37 4.18
N THR B 195 23.95 4.15 4.10
CA THR B 195 23.24 3.94 2.85
C THR B 195 22.03 4.88 2.84
N SER B 196 21.86 5.58 1.74
CA SER B 196 20.78 6.55 1.70
C SER B 196 19.71 6.13 0.70
N SER B 197 18.46 6.45 1.03
CA SER B 197 17.36 6.37 0.06
C SER B 197 17.51 7.48 -0.97
N ASP B 198 16.81 7.34 -2.10
CA ASP B 198 16.68 8.44 -3.04
C ASP B 198 15.77 9.51 -2.48
N PRO B 199 16.13 10.76 -2.74
CA PRO B 199 15.37 11.85 -2.12
C PRO B 199 13.90 11.86 -2.52
N LEU B 200 13.02 12.19 -1.58
CA LEU B 200 11.63 12.37 -1.90
C LEU B 200 11.22 13.83 -1.69
N PRO B 201 10.32 14.34 -2.54
CA PRO B 201 9.93 15.76 -2.52
C PRO B 201 8.86 16.09 -1.50
N LEU B 202 9.00 17.27 -0.91
CA LEU B 202 8.05 17.80 0.03
C LEU B 202 7.72 19.26 -0.32
N LEU B 203 6.43 19.56 -0.49
CA LEU B 203 6.00 20.93 -0.79
C LEU B 203 5.48 21.49 0.51
N VAL B 204 6.16 22.50 1.01
CA VAL B 204 5.79 23.16 2.24
C VAL B 204 5.08 24.47 1.89
N GLU B 205 3.86 24.64 2.36
CA GLU B 205 3.09 25.82 2.01
C GLU B 205 2.75 26.56 3.29
N ARG B 206 2.10 27.71 3.18
CA ARG B 206 1.90 28.57 4.35
C ARG B 206 0.87 28.02 5.31
N GLU B 207 0.93 28.57 6.52
CA GLU B 207 0.10 28.08 7.60
C GLU B 207 -1.37 27.95 7.19
N ARG B 208 -1.89 28.94 6.46
CA ARG B 208 -3.32 28.98 6.15
C ARG B 208 -3.79 27.80 5.26
N ALA B 209 -2.87 27.18 4.56
CA ALA B 209 -3.23 26.02 3.75
C ALA B 209 -3.77 24.89 4.63
N LEU B 210 -3.22 24.76 5.85
CA LEU B 210 -3.63 23.71 6.79
C LEU B 210 -4.61 24.22 7.84
N TYR B 211 -4.37 25.46 8.29
CA TYR B 211 -5.06 25.98 9.46
C TYR B 211 -5.85 27.28 9.19
N GLY B 212 -7.13 27.26 9.50
CA GLY B 212 -7.94 28.46 9.37
C GLY B 212 -9.44 28.23 9.59
N ALA B 213 -10.17 29.27 9.97
CA ALA B 213 -11.61 29.17 10.13
C ALA B 213 -12.32 29.99 9.01
N TRP B 214 -13.23 29.31 8.31
CA TRP B 214 -13.87 29.90 7.15
C TRP B 214 -15.29 30.27 7.38
N TYR B 215 -15.69 31.39 6.77
CA TYR B 215 -17.06 31.85 6.85
C TYR B 215 -17.55 32.22 5.46
N GLU B 216 -18.63 31.60 5.04
CA GLU B 216 -19.19 31.84 3.72
C GLU B 216 -20.43 32.71 3.83
N PHE B 217 -20.51 33.79 3.06
CA PHE B 217 -21.75 34.58 3.00
C PHE B 217 -21.91 35.28 1.65
N PHE B 218 -23.16 35.62 1.34
CA PHE B 218 -23.56 36.30 0.11
C PHE B 218 -23.67 37.78 0.34
N PRO B 219 -22.74 38.54 -0.23
CA PRO B 219 -22.80 40.00 -0.10
C PRO B 219 -24.15 40.62 -0.49
N ARG B 220 -24.79 40.06 -1.51
CA ARG B 220 -26.00 40.64 -2.01
C ARG B 220 -27.12 40.57 -0.97
N SER B 221 -27.01 39.64 -0.02
CA SER B 221 -28.03 39.49 1.02
C SER B 221 -27.95 40.56 2.09
N GLU B 222 -26.83 41.27 2.14
CA GLU B 222 -26.60 42.27 3.17
C GLU B 222 -26.88 43.64 2.61
N GLY B 223 -28.15 43.94 2.40
CA GLY B 223 -28.55 45.20 1.82
C GLY B 223 -29.22 46.13 2.81
N THR B 224 -30.11 46.98 2.31
CA THR B 224 -30.77 48.00 3.11
C THR B 224 -32.25 47.92 2.78
N PRO B 225 -33.12 48.55 3.59
CA PRO B 225 -34.55 48.56 3.24
C PRO B 225 -34.81 49.16 1.87
N HIS B 226 -34.10 50.24 1.58
CA HIS B 226 -34.22 50.97 0.32
C HIS B 226 -33.57 50.19 -0.82
N THR B 227 -32.42 49.55 -0.55
CA THR B 227 -31.68 48.82 -1.58
C THR B 227 -31.37 47.40 -1.09
N PRO B 228 -32.34 46.48 -1.27
CA PRO B 228 -32.25 45.10 -0.74
C PRO B 228 -31.03 44.36 -1.28
N HIS B 229 -30.64 44.65 -2.51
CA HIS B 229 -29.48 43.97 -3.05
C HIS B 229 -28.24 44.64 -2.49
N GLY B 230 -27.53 43.92 -1.63
CA GLY B 230 -26.33 44.43 -1.01
C GLY B 230 -25.23 44.74 -2.01
N THR B 231 -24.35 45.64 -1.61
CA THR B 231 -23.14 45.95 -2.34
C THR B 231 -21.93 45.53 -1.55
N PHE B 232 -20.76 45.66 -2.14
CA PHE B 232 -19.54 45.48 -1.39
C PHE B 232 -19.50 46.53 -0.27
N ARG B 233 -20.04 47.73 -0.51
CA ARG B 233 -20.00 48.78 0.52
C ARG B 233 -20.83 48.38 1.74
N THR B 234 -22.04 47.88 1.50
CA THR B 234 -22.92 47.50 2.60
C THR B 234 -22.48 46.16 3.22
N ALA B 235 -22.05 45.21 2.39
CA ALA B 235 -21.68 43.89 2.89
C ALA B 235 -20.48 44.01 3.80
N ALA B 236 -19.68 45.05 3.61
CA ALA B 236 -18.49 45.20 4.45
C ALA B 236 -18.86 45.35 5.93
N ARG B 237 -20.10 45.74 6.20
CA ARG B 237 -20.61 45.85 7.57
C ARG B 237 -20.67 44.53 8.33
N ARG B 238 -20.75 43.42 7.60
CA ARG B 238 -20.75 42.12 8.25
C ARG B 238 -19.37 41.71 8.70
N LEU B 239 -18.35 42.29 8.09
CA LEU B 239 -16.99 41.82 8.33
C LEU B 239 -16.57 41.90 9.81
N PRO B 240 -16.92 43.00 10.52
CA PRO B 240 -16.50 43.00 11.92
C PRO B 240 -17.11 41.87 12.76
N ALA B 241 -18.36 41.52 12.46
CA ALA B 241 -19.03 40.46 13.17
C ALA B 241 -18.35 39.14 12.83
N ILE B 242 -17.94 39.01 11.57
CA ILE B 242 -17.26 37.79 11.14
C ILE B 242 -15.90 37.67 11.80
N ALA B 243 -15.14 38.77 11.84
CA ALA B 243 -13.85 38.75 12.53
C ALA B 243 -14.04 38.49 14.04
N ALA B 244 -15.10 39.06 14.61
CA ALA B 244 -15.34 38.94 16.05
C ALA B 244 -15.69 37.49 16.40
N MET B 245 -16.20 36.73 15.44
CA MET B 245 -16.45 35.33 15.68
C MET B 245 -15.16 34.48 15.57
N GLY B 246 -14.05 35.10 15.19
CA GLY B 246 -12.78 34.40 15.15
C GLY B 246 -12.48 33.68 13.83
N PHE B 247 -13.11 34.12 12.76
CA PHE B 247 -12.83 33.56 11.44
C PHE B 247 -11.62 34.26 10.82
N ASP B 248 -10.99 33.59 9.85
CA ASP B 248 -9.77 34.08 9.22
C ASP B 248 -9.97 34.33 7.73
N VAL B 249 -10.93 33.60 7.18
CA VAL B 249 -11.19 33.63 5.75
C VAL B 249 -12.65 33.84 5.48
N VAL B 250 -12.93 34.76 4.56
CA VAL B 250 -14.27 34.93 4.09
C VAL B 250 -14.37 34.44 2.66
N TYR B 251 -15.23 33.45 2.48
CA TYR B 251 -15.49 32.86 1.17
C TYR B 251 -16.78 33.44 0.59
N LEU B 252 -16.64 34.07 -0.57
CA LEU B 252 -17.74 34.66 -1.30
C LEU B 252 -18.15 33.81 -2.45
N PRO B 253 -19.46 33.61 -2.61
CA PRO B 253 -19.98 33.03 -3.85
C PRO B 253 -19.59 33.90 -5.04
N PRO B 254 -19.74 33.39 -6.27
CA PRO B 254 -19.26 34.20 -7.40
C PRO B 254 -19.83 35.62 -7.37
N ILE B 255 -18.94 36.58 -7.64
CA ILE B 255 -19.21 38.01 -7.51
C ILE B 255 -19.35 38.69 -8.89
N HIS B 256 -19.59 37.88 -9.93
CA HIS B 256 -19.62 38.35 -11.32
C HIS B 256 -21.06 38.61 -11.79
N PRO B 257 -21.24 39.23 -12.96
CA PRO B 257 -22.60 39.36 -13.52
C PRO B 257 -23.33 38.02 -13.66
N ILE B 258 -24.65 38.04 -13.60
CA ILE B 258 -25.41 36.80 -13.67
C ILE B 258 -26.28 36.76 -14.92
N GLY B 259 -26.28 35.63 -15.62
CA GLY B 259 -27.03 35.51 -16.84
C GLY B 259 -28.52 35.72 -16.66
N THR B 260 -29.19 36.16 -17.73
CA THR B 260 -30.64 36.29 -17.72
C THR B 260 -31.28 35.12 -18.46
N THR B 261 -30.64 34.63 -19.51
CA THR B 261 -31.22 33.50 -20.21
C THR B 261 -31.28 32.26 -19.31
N HIS B 262 -32.49 31.72 -19.14
CA HIS B 262 -32.72 30.54 -18.30
C HIS B 262 -32.28 30.75 -16.86
N ARG B 263 -32.30 32.00 -16.39
CA ARG B 263 -32.03 32.24 -14.99
C ARG B 263 -33.01 31.43 -14.15
N LYS B 264 -32.50 30.80 -13.10
CA LYS B 264 -33.34 30.05 -12.19
C LYS B 264 -34.10 30.99 -11.25
N GLY B 265 -35.31 30.61 -10.90
CA GLY B 265 -36.08 31.39 -9.93
C GLY B 265 -35.91 30.86 -8.51
N ARG B 266 -36.72 31.40 -7.61
CA ARG B 266 -36.62 31.02 -6.21
C ARG B 266 -36.88 29.53 -6.03
N ASN B 267 -36.21 28.97 -5.03
CA ASN B 267 -36.31 27.55 -4.72
C ASN B 267 -35.95 26.64 -5.90
N ASN B 268 -34.98 27.10 -6.69
CA ASN B 268 -34.44 26.34 -7.83
C ASN B 268 -35.53 26.02 -8.86
N THR B 269 -36.45 26.95 -9.07
CA THR B 269 -37.41 26.79 -10.15
C THR B 269 -36.79 27.18 -11.49
N LEU B 270 -37.35 26.63 -12.58
CA LEU B 270 -36.71 26.71 -13.88
C LEU B 270 -36.83 28.13 -14.46
N SER B 271 -37.91 28.84 -14.14
CA SER B 271 -38.06 30.17 -14.73
C SER B 271 -38.12 31.28 -13.69
N ALA B 272 -37.15 32.17 -13.79
CA ALA B 272 -37.06 33.38 -12.99
C ALA B 272 -38.22 34.31 -13.36
N THR B 273 -38.77 35.00 -12.37
CA THR B 273 -39.79 35.99 -12.68
C THR B 273 -39.40 37.30 -12.05
N GLY B 274 -39.76 38.38 -12.73
CA GLY B 274 -39.55 39.70 -12.22
C GLY B 274 -38.14 40.06 -11.86
N ASP B 275 -37.94 40.31 -10.58
CA ASP B 275 -36.69 40.81 -10.06
C ASP B 275 -35.86 39.70 -9.42
N ASP B 276 -36.22 38.43 -9.69
CA ASP B 276 -35.47 37.27 -9.19
C ASP B 276 -34.01 37.46 -9.50
N VAL B 277 -33.15 37.18 -8.53
CA VAL B 277 -31.74 37.56 -8.68
C VAL B 277 -30.93 36.45 -9.33
N GLY B 278 -31.48 35.24 -9.36
CA GLY B 278 -30.78 34.12 -9.98
C GLY B 278 -29.58 33.58 -9.22
N SER B 279 -28.97 32.53 -9.76
CA SER B 279 -27.82 31.91 -9.10
C SER B 279 -26.53 32.58 -9.47
N PRO B 280 -25.72 32.93 -8.47
CA PRO B 280 -24.39 33.52 -8.72
C PRO B 280 -23.49 32.62 -9.55
N TRP B 281 -23.76 31.33 -9.56
CA TRP B 281 -22.89 30.43 -10.31
C TRP B 281 -23.22 30.46 -11.79
N ALA B 282 -24.31 31.14 -12.15
CA ALA B 282 -24.65 31.29 -13.56
C ALA B 282 -23.96 32.53 -14.14
N ILE B 283 -22.65 32.38 -14.32
CA ILE B 283 -21.77 33.51 -14.55
C ILE B 283 -21.75 34.05 -15.97
N GLY B 284 -21.92 35.35 -16.10
CA GLY B 284 -21.68 36.02 -17.36
C GLY B 284 -22.89 36.66 -18.01
N SER B 285 -22.68 37.85 -18.54
CA SER B 285 -23.73 38.58 -19.26
C SER B 285 -23.01 39.59 -20.14
N PRO B 286 -23.75 40.43 -20.91
CA PRO B 286 -23.08 41.52 -21.62
C PRO B 286 -22.33 42.48 -20.67
N GLU B 287 -22.67 42.41 -19.40
CA GLU B 287 -22.04 43.30 -18.41
C GLU B 287 -20.66 42.79 -18.06
N GLY B 288 -20.34 41.57 -18.49
CA GLY B 288 -19.00 41.05 -18.27
C GLY B 288 -18.94 39.61 -17.79
N GLY B 289 -17.72 39.07 -17.71
CA GLY B 289 -17.53 37.68 -17.34
C GLY B 289 -16.80 37.52 -16.02
N HIS B 290 -15.92 36.52 -15.94
CA HIS B 290 -15.24 36.18 -14.69
C HIS B 290 -14.24 37.23 -14.21
N ASP B 291 -13.91 38.22 -15.03
CA ASP B 291 -13.01 39.27 -14.55
C ASP B 291 -13.70 40.57 -14.24
N SER B 292 -15.02 40.49 -14.13
CA SER B 292 -15.86 41.66 -13.92
C SER B 292 -16.69 41.50 -12.64
N ILE B 293 -17.22 42.61 -12.15
CA ILE B 293 -18.09 42.61 -10.97
C ILE B 293 -19.56 42.75 -11.32
N HIS B 294 -20.42 41.95 -10.67
CA HIS B 294 -21.85 42.14 -10.75
C HIS B 294 -22.21 43.61 -10.49
N PRO B 295 -22.97 44.22 -11.43
CA PRO B 295 -23.20 45.66 -11.25
C PRO B 295 -23.93 46.03 -9.96
N ALA B 296 -24.80 45.18 -9.47
CA ALA B 296 -25.51 45.47 -8.23
C ALA B 296 -24.60 45.36 -7.01
N LEU B 297 -23.43 44.74 -7.19
CA LEU B 297 -22.48 44.65 -6.10
C LEU B 297 -21.60 45.90 -6.10
N GLY B 298 -21.58 46.63 -7.21
CA GLY B 298 -20.70 47.79 -7.26
C GLY B 298 -19.58 47.65 -8.27
N THR B 299 -18.47 48.32 -7.98
CA THR B 299 -17.33 48.36 -8.87
C THR B 299 -16.13 47.60 -8.30
N LEU B 300 -15.09 47.54 -9.10
CA LEU B 300 -13.84 46.97 -8.69
C LEU B 300 -13.23 47.74 -7.53
N ASP B 301 -13.42 49.06 -7.51
CA ASP B 301 -12.93 49.87 -6.40
C ASP B 301 -13.65 49.56 -5.09
N ASP B 302 -14.93 49.25 -5.21
CA ASP B 302 -15.71 48.85 -4.08
C ASP B 302 -15.20 47.53 -3.53
N PHE B 303 -14.90 46.62 -4.45
CA PHE B 303 -14.33 45.34 -4.09
C PHE B 303 -13.01 45.55 -3.38
N ASP B 304 -12.17 46.43 -3.92
CA ASP B 304 -10.88 46.70 -3.30
C ASP B 304 -11.09 47.19 -1.88
N HIS B 305 -12.09 48.04 -1.74
CA HIS B 305 -12.46 48.55 -0.44
C HIS B 305 -12.83 47.41 0.52
N PHE B 306 -13.67 46.49 0.04
CA PHE B 306 -14.10 45.34 0.81
C PHE B 306 -12.90 44.49 1.23
N VAL B 307 -12.01 44.27 0.28
CA VAL B 307 -10.84 43.45 0.54
C VAL B 307 -9.92 44.13 1.55
N THR B 308 -9.77 45.44 1.44
CA THR B 308 -8.90 46.19 2.34
C THR B 308 -9.48 46.12 3.76
N GLU B 309 -10.79 46.34 3.87
CA GLU B 309 -11.50 46.30 5.14
C GLU B 309 -11.47 44.91 5.74
N ALA B 310 -11.56 43.88 4.89
CA ALA B 310 -11.45 42.50 5.35
C ALA B 310 -10.05 42.28 5.91
N GLY B 311 -9.06 42.76 5.17
CA GLY B 311 -7.68 42.62 5.55
C GLY B 311 -7.37 43.30 6.88
N LYS B 312 -7.96 44.47 7.12
CA LYS B 312 -7.70 45.17 8.39
C LYS B 312 -8.20 44.39 9.61
N LEU B 313 -9.22 43.57 9.41
CA LEU B 313 -9.81 42.79 10.48
C LEU B 313 -9.19 41.40 10.59
N GLY B 314 -8.15 41.13 9.80
CA GLY B 314 -7.51 39.82 9.83
C GLY B 314 -8.26 38.75 9.05
N LEU B 315 -9.01 39.22 8.03
CA LEU B 315 -9.79 38.34 7.18
C LEU B 315 -9.23 38.32 5.75
N GLU B 316 -8.96 37.12 5.24
CA GLU B 316 -8.62 36.93 3.82
C GLU B 316 -9.86 36.60 3.02
N ILE B 317 -9.90 37.06 1.78
CA ILE B 317 -11.02 36.75 0.91
C ILE B 317 -10.75 35.50 0.07
N ALA B 318 -11.70 34.60 0.04
CA ALA B 318 -11.65 33.49 -0.90
C ALA B 318 -12.75 33.66 -1.94
N LEU B 319 -12.38 33.80 -3.21
CA LEU B 319 -13.39 33.86 -4.26
C LEU B 319 -13.70 32.48 -4.85
N ASP B 320 -14.96 32.32 -5.19
CA ASP B 320 -15.40 31.17 -5.94
C ASP B 320 -14.84 31.29 -7.35
N PHE B 321 -14.23 30.23 -7.85
CA PHE B 321 -13.88 30.16 -9.26
C PHE B 321 -14.68 29.00 -9.85
N ALA B 322 -15.70 29.34 -10.62
CA ALA B 322 -16.58 28.37 -11.21
C ALA B 322 -16.40 28.43 -12.72
N LEU B 323 -15.67 27.45 -13.27
CA LEU B 323 -15.32 27.48 -14.70
C LEU B 323 -16.48 26.91 -15.50
N GLN B 324 -17.44 27.80 -15.77
CA GLN B 324 -18.68 27.50 -16.46
C GLN B 324 -19.29 28.84 -16.87
N CYS B 325 -20.31 28.82 -17.74
CA CYS B 325 -20.87 30.02 -18.36
C CYS B 325 -22.40 29.98 -18.40
N SER B 326 -23.07 31.08 -18.05
CA SER B 326 -24.47 31.24 -18.45
C SER B 326 -24.53 31.35 -19.96
N PRO B 327 -25.72 31.14 -20.56
CA PRO B 327 -25.80 31.31 -22.02
C PRO B 327 -25.47 32.74 -22.47
N ASP B 328 -25.43 33.69 -21.54
CA ASP B 328 -25.17 35.09 -21.91
C ASP B 328 -23.72 35.54 -21.74
N HIS B 329 -22.86 34.64 -21.27
CA HIS B 329 -21.45 34.94 -21.06
C HIS B 329 -20.82 35.28 -22.41
N PRO B 330 -19.94 36.30 -22.46
CA PRO B 330 -19.21 36.67 -23.68
C PRO B 330 -18.48 35.50 -24.37
N TRP B 331 -18.00 34.56 -23.57
CA TRP B 331 -17.27 33.42 -24.14
C TRP B 331 -18.13 32.67 -25.13
N VAL B 332 -19.46 32.70 -24.95
CA VAL B 332 -20.29 31.87 -25.81
C VAL B 332 -20.10 32.28 -27.29
N HIS B 333 -19.97 33.59 -27.56
CA HIS B 333 -19.70 34.01 -28.93
C HIS B 333 -18.24 34.31 -29.24
N LYS B 334 -17.43 34.65 -28.23
CA LYS B 334 -16.02 34.97 -28.49
C LYS B 334 -15.20 33.70 -28.68
N HIS B 335 -15.58 32.64 -27.98
CA HIS B 335 -14.85 31.38 -28.02
C HIS B 335 -15.80 30.22 -28.08
N PRO B 336 -16.53 30.09 -29.19
CA PRO B 336 -17.50 29.00 -29.31
C PRO B 336 -16.84 27.62 -29.15
N GLU B 337 -15.56 27.51 -29.48
CA GLU B 337 -14.87 26.23 -29.48
C GLU B 337 -14.52 25.79 -28.05
N TRP B 338 -14.89 26.63 -27.07
CA TRP B 338 -14.75 26.28 -25.65
C TRP B 338 -16.01 25.56 -25.16
N PHE B 339 -16.88 25.19 -26.10
CA PHE B 339 -18.13 24.50 -25.78
C PHE B 339 -18.39 23.38 -26.73
N HIS B 340 -19.08 22.34 -26.27
CA HIS B 340 -19.47 21.30 -27.18
C HIS B 340 -20.82 21.60 -27.83
N HIS B 341 -20.83 21.67 -29.16
CA HIS B 341 -22.07 21.95 -29.85
C HIS B 341 -22.67 20.70 -30.45
N ARG B 342 -23.96 20.58 -30.29
CA ARG B 342 -24.72 19.49 -30.84
C ARG B 342 -24.93 19.77 -32.32
N PRO B 343 -25.42 18.78 -33.08
CA PRO B 343 -25.54 18.99 -34.52
C PRO B 343 -26.34 20.21 -34.94
N ASP B 344 -27.27 20.71 -34.12
CA ASP B 344 -28.04 21.90 -34.49
C ASP B 344 -27.37 23.18 -33.96
N GLY B 345 -26.17 23.05 -33.40
CA GLY B 345 -25.43 24.18 -32.90
C GLY B 345 -25.72 24.57 -31.46
N THR B 346 -26.71 23.94 -30.86
CA THR B 346 -27.07 24.30 -29.48
C THR B 346 -26.06 23.64 -28.52
N ILE B 347 -25.96 24.19 -27.31
CA ILE B 347 -25.10 23.64 -26.29
C ILE B 347 -25.93 23.10 -25.14
N ALA B 348 -25.75 21.83 -24.81
CA ALA B 348 -26.53 21.23 -23.74
C ALA B 348 -26.13 21.83 -22.41
N HIS B 349 -27.10 22.06 -21.53
CA HIS B 349 -26.78 22.66 -20.25
C HIS B 349 -26.01 21.66 -19.37
N ALA B 350 -25.32 22.19 -18.38
CA ALA B 350 -24.50 21.39 -17.51
C ALA B 350 -25.35 20.62 -16.55
N GLU B 351 -24.78 19.54 -16.02
CA GLU B 351 -25.47 18.66 -15.09
C GLU B 351 -24.51 18.08 -14.07
N ASN B 352 -25.06 17.65 -12.95
CA ASN B 352 -24.33 16.89 -11.93
C ASN B 352 -25.30 15.88 -11.32
N PRO B 353 -25.63 14.80 -12.07
CA PRO B 353 -26.81 13.96 -11.81
C PRO B 353 -26.98 13.51 -10.37
N PRO B 354 -28.19 13.60 -9.79
CA PRO B 354 -29.42 13.99 -10.50
C PRO B 354 -29.64 15.50 -10.56
N LYS B 355 -28.66 16.29 -10.12
CA LYS B 355 -28.84 17.75 -10.18
C LYS B 355 -28.66 18.24 -11.62
N LYS B 356 -29.53 19.18 -11.99
CA LYS B 356 -29.45 19.84 -13.28
C LYS B 356 -29.19 21.33 -13.18
N TYR B 357 -28.34 21.83 -14.06
CA TYR B 357 -27.97 23.23 -14.04
C TYR B 357 -28.45 23.86 -15.36
N GLN B 358 -29.77 23.98 -15.52
CA GLN B 358 -30.37 24.47 -16.77
C GLN B 358 -29.96 25.89 -17.16
N ASP B 359 -29.41 26.59 -16.18
CA ASP B 359 -29.00 27.97 -16.33
C ASP B 359 -27.57 28.09 -16.80
N ILE B 360 -26.92 26.96 -17.03
CA ILE B 360 -25.52 27.02 -17.40
C ILE B 360 -25.00 26.07 -18.49
N TYR B 361 -23.90 26.47 -19.13
CA TYR B 361 -23.14 25.60 -20.04
C TYR B 361 -21.89 25.10 -19.40
N PRO B 362 -21.53 23.83 -19.64
CA PRO B 362 -20.22 23.35 -19.23
C PRO B 362 -19.18 23.71 -20.26
N ILE B 363 -17.93 23.85 -19.85
CA ILE B 363 -16.82 24.12 -20.74
C ILE B 363 -16.34 22.81 -21.41
N ALA B 364 -16.01 22.86 -22.70
CA ALA B 364 -15.41 21.72 -23.38
C ALA B 364 -13.93 22.02 -23.52
N PHE B 365 -13.08 21.04 -23.25
CA PHE B 365 -11.68 21.36 -23.05
C PHE B 365 -10.77 20.87 -24.15
N ASP B 366 -11.33 20.14 -25.10
CA ASP B 366 -10.47 19.42 -25.98
C ASP B 366 -10.27 20.05 -27.36
N ALA B 367 -10.93 21.16 -27.64
CA ALA B 367 -10.61 21.86 -28.87
C ALA B 367 -9.49 22.88 -28.67
N ASP B 368 -9.54 23.60 -27.56
CA ASP B 368 -8.57 24.65 -27.26
C ASP B 368 -8.16 24.64 -25.78
N PRO B 369 -7.48 23.56 -25.36
CA PRO B 369 -7.13 23.49 -23.94
C PRO B 369 -6.18 24.61 -23.55
N ASP B 370 -5.31 25.01 -24.47
CA ASP B 370 -4.33 26.07 -24.19
C ASP B 370 -4.96 27.44 -23.99
N GLY B 371 -5.91 27.79 -24.85
CA GLY B 371 -6.61 29.05 -24.71
C GLY B 371 -7.37 29.11 -23.39
N LEU B 372 -8.00 28.00 -23.02
CA LEU B 372 -8.72 27.95 -21.75
C LEU B 372 -7.75 28.08 -20.55
N ALA B 373 -6.59 27.44 -20.61
CA ALA B 373 -5.62 27.55 -19.51
C ALA B 373 -5.08 28.96 -19.42
N THR B 374 -4.76 29.55 -20.57
CA THR B 374 -4.24 30.91 -20.63
C THR B 374 -5.23 31.91 -20.07
N GLU B 375 -6.49 31.73 -20.42
CA GLU B 375 -7.50 32.64 -19.94
C GLU B 375 -7.78 32.42 -18.44
N THR B 376 -7.77 31.17 -17.99
CA THR B 376 -8.04 30.85 -16.58
C THR B 376 -7.01 31.47 -15.66
N VAL B 377 -5.74 31.33 -16.00
CA VAL B 377 -4.72 31.90 -15.14
C VAL B 377 -4.69 33.43 -15.29
N ARG B 378 -5.16 33.96 -16.41
CA ARG B 378 -5.26 35.41 -16.52
C ARG B 378 -6.28 35.96 -15.54
N ILE B 379 -7.42 35.31 -15.50
CA ILE B 379 -8.49 35.68 -14.58
C ILE B 379 -8.02 35.55 -13.13
N LEU B 380 -7.40 34.42 -12.79
CA LEU B 380 -6.92 34.25 -11.42
C LEU B 380 -5.94 35.36 -11.06
N ARG B 381 -5.01 35.67 -11.96
CA ARG B 381 -4.04 36.71 -11.68
C ARG B 381 -4.69 38.08 -11.57
N HIS B 382 -5.80 38.28 -12.24
CA HIS B 382 -6.51 39.52 -12.08
C HIS B 382 -7.00 39.69 -10.65
N TRP B 383 -7.65 38.68 -10.10
CA TRP B 383 -8.16 38.79 -8.75
C TRP B 383 -7.02 38.79 -7.74
N MET B 384 -5.95 38.07 -8.06
CA MET B 384 -4.78 38.09 -7.22
C MET B 384 -4.19 39.49 -7.13
N ASP B 385 -4.24 40.24 -8.23
CA ASP B 385 -3.76 41.62 -8.24
C ASP B 385 -4.65 42.50 -7.38
N HIS B 386 -5.87 42.04 -7.12
CA HIS B 386 -6.80 42.79 -6.28
C HIS B 386 -6.93 42.12 -4.92
N GLY B 387 -5.88 41.40 -4.52
CA GLY B 387 -5.73 40.96 -3.14
C GLY B 387 -6.30 39.61 -2.76
N VAL B 388 -6.80 38.86 -3.74
CA VAL B 388 -7.36 37.54 -3.51
C VAL B 388 -6.29 36.48 -3.65
N ARG B 389 -5.93 35.81 -2.55
CA ARG B 389 -4.85 34.82 -2.56
C ARG B 389 -5.40 33.44 -2.26
N ILE B 390 -6.73 33.30 -2.27
CA ILE B 390 -7.38 32.03 -2.04
C ILE B 390 -8.53 31.86 -3.02
N PHE B 391 -8.59 30.69 -3.66
CA PHE B 391 -9.71 30.38 -4.55
C PHE B 391 -10.38 29.09 -4.19
N ARG B 392 -11.69 29.17 -4.04
CA ARG B 392 -12.55 28.02 -3.85
C ARG B 392 -13.04 27.58 -5.22
N VAL B 393 -12.57 26.43 -5.70
CA VAL B 393 -12.85 26.03 -7.06
C VAL B 393 -14.13 25.17 -7.15
N ASP B 394 -15.14 25.73 -7.80
CA ASP B 394 -16.45 25.07 -7.95
C ASP B 394 -16.34 23.81 -8.82
N ASN B 395 -16.84 22.67 -8.31
CA ASN B 395 -16.93 21.39 -9.08
C ASN B 395 -15.70 21.07 -9.91
N PRO B 396 -14.53 20.99 -9.29
CA PRO B 396 -13.38 20.77 -10.18
C PRO B 396 -13.38 19.43 -10.90
N HIS B 397 -14.15 18.47 -10.41
CA HIS B 397 -14.20 17.13 -10.97
C HIS B 397 -14.98 17.04 -12.30
N THR B 398 -15.55 18.15 -12.77
CA THR B 398 -16.21 18.12 -14.07
C THR B 398 -15.35 18.84 -15.11
N LYS B 399 -14.11 19.12 -14.73
CA LYS B 399 -13.10 19.64 -15.65
C LYS B 399 -11.88 18.68 -15.66
N PRO B 400 -11.08 18.67 -16.74
CA PRO B 400 -10.00 17.66 -16.73
C PRO B 400 -9.03 17.86 -15.58
N VAL B 401 -8.65 16.74 -14.95
CA VAL B 401 -7.72 16.75 -13.82
C VAL B 401 -6.40 17.43 -14.19
N ALA B 402 -5.89 17.11 -15.38
CA ALA B 402 -4.63 17.67 -15.80
C ALA B 402 -4.74 19.18 -16.07
N PHE B 403 -5.94 19.66 -16.36
CA PHE B 403 -6.16 21.09 -16.45
C PHE B 403 -5.88 21.79 -15.11
N TRP B 404 -6.48 21.28 -14.03
CA TRP B 404 -6.22 21.85 -12.72
C TRP B 404 -4.76 21.66 -12.37
N GLU B 405 -4.17 20.54 -12.73
CA GLU B 405 -2.75 20.30 -12.41
C GLU B 405 -1.92 21.41 -13.02
N ARG B 406 -2.23 21.71 -14.27
CA ARG B 406 -1.53 22.73 -15.04
C ARG B 406 -1.80 24.16 -14.52
N VAL B 407 -3.06 24.45 -14.28
CA VAL B 407 -3.42 25.76 -13.79
C VAL B 407 -2.80 26.05 -12.44
N ILE B 408 -2.94 25.11 -11.51
CA ILE B 408 -2.36 25.33 -10.20
C ILE B 408 -0.84 25.49 -10.27
N ALA B 409 -0.17 24.65 -11.05
CA ALA B 409 1.29 24.77 -11.23
C ALA B 409 1.66 26.12 -11.84
N ASP B 410 0.87 26.59 -12.80
CA ASP B 410 1.17 27.86 -13.44
C ASP B 410 1.12 28.97 -12.36
N ILE B 411 0.00 29.04 -11.62
CA ILE B 411 -0.18 30.08 -10.60
C ILE B 411 0.85 29.97 -9.44
N ASN B 412 1.04 28.78 -8.88
CA ASN B 412 1.94 28.65 -7.73
C ASN B 412 3.39 28.81 -8.11
N GLY B 413 3.69 28.62 -9.39
CA GLY B 413 5.04 28.82 -9.87
C GLY B 413 5.48 30.26 -9.69
N THR B 414 4.57 31.21 -9.93
CA THR B 414 4.86 32.63 -9.74
C THR B 414 4.36 33.11 -8.37
N ASP B 415 3.34 32.44 -7.84
CA ASP B 415 2.69 32.89 -6.61
C ASP B 415 2.36 31.68 -5.71
N PRO B 416 3.38 31.16 -5.04
CA PRO B 416 3.18 29.91 -4.28
C PRO B 416 2.25 30.04 -3.07
N ASP B 417 1.97 31.27 -2.65
CA ASP B 417 1.10 31.50 -1.51
C ASP B 417 -0.39 31.27 -1.81
N VAL B 418 -0.74 31.24 -3.08
CA VAL B 418 -2.15 31.10 -3.45
C VAL B 418 -2.63 29.71 -3.10
N ILE B 419 -3.76 29.69 -2.42
CA ILE B 419 -4.39 28.48 -1.98
C ILE B 419 -5.59 28.12 -2.82
N PHE B 420 -5.63 26.89 -3.30
CA PHE B 420 -6.80 26.38 -4.02
C PHE B 420 -7.56 25.35 -3.19
N LEU B 421 -8.86 25.55 -3.06
CA LEU B 421 -9.71 24.63 -2.33
C LEU B 421 -10.64 23.88 -3.27
N ALA B 422 -10.54 22.55 -3.27
CA ALA B 422 -11.34 21.71 -4.16
C ALA B 422 -12.74 21.34 -3.63
N GLU B 423 -13.79 21.84 -4.26
CA GLU B 423 -15.15 21.42 -3.90
C GLU B 423 -15.52 20.21 -4.70
N ALA B 424 -14.95 19.07 -4.35
CA ALA B 424 -15.21 17.90 -5.12
C ALA B 424 -15.89 16.88 -4.21
N PHE B 425 -17.21 16.92 -4.21
CA PHE B 425 -17.97 15.88 -3.54
C PHE B 425 -18.23 14.81 -4.55
N THR B 426 -17.39 13.78 -4.52
CA THR B 426 -17.41 12.78 -5.57
C THR B 426 -16.76 11.51 -5.05
N ARG B 427 -16.32 10.65 -5.95
CA ARG B 427 -15.77 9.38 -5.52
C ARG B 427 -14.34 9.58 -4.98
N PRO B 428 -13.85 8.65 -4.14
CA PRO B 428 -12.56 8.83 -3.47
C PRO B 428 -11.35 9.00 -4.38
N ALA B 429 -11.31 8.27 -5.49
CA ALA B 429 -10.16 8.34 -6.37
C ALA B 429 -9.96 9.75 -6.90
N MET B 430 -11.06 10.33 -7.40
CA MET B 430 -11.01 11.67 -7.95
C MET B 430 -10.69 12.69 -6.84
N MET B 431 -11.28 12.53 -5.66
CA MET B 431 -11.01 13.44 -4.55
C MET B 431 -9.54 13.44 -4.19
N ALA B 432 -8.96 12.25 -4.07
CA ALA B 432 -7.56 12.14 -3.70
C ALA B 432 -6.66 12.68 -4.81
N THR B 433 -6.99 12.38 -6.06
CA THR B 433 -6.11 12.77 -7.16
C THR B 433 -6.03 14.28 -7.28
N LEU B 434 -7.17 14.96 -7.09
CA LEU B 434 -7.19 16.42 -7.13
C LEU B 434 -6.27 17.04 -6.07
N ALA B 435 -6.33 16.52 -4.85
CA ALA B 435 -5.41 16.97 -3.82
C ALA B 435 -3.98 16.66 -4.27
N GLN B 436 -3.78 15.47 -4.82
CA GLN B 436 -2.42 15.05 -5.17
C GLN B 436 -1.83 15.87 -6.31
N ILE B 437 -2.67 16.37 -7.22
CA ILE B 437 -2.08 17.12 -8.32
C ILE B 437 -1.93 18.61 -8.00
N GLY B 438 -2.29 19.01 -6.79
CA GLY B 438 -1.94 20.36 -6.38
C GLY B 438 -2.92 21.12 -5.51
N PHE B 439 -4.15 20.65 -5.38
CA PHE B 439 -5.10 21.36 -4.54
C PHE B 439 -4.64 21.36 -3.08
N GLN B 440 -4.50 22.56 -2.54
CA GLN B 440 -4.02 22.74 -1.18
C GLN B 440 -5.03 22.23 -0.16
N GLN B 441 -6.32 22.39 -0.47
CA GLN B 441 -7.38 21.96 0.44
C GLN B 441 -8.49 21.20 -0.29
N SER B 442 -9.20 20.38 0.46
CA SER B 442 -10.30 19.61 -0.09
C SER B 442 -11.52 19.70 0.80
N TYR B 443 -12.68 19.89 0.18
CA TYR B 443 -13.89 19.58 0.87
C TYR B 443 -13.87 18.06 1.05
N THR B 444 -14.67 17.58 1.99
CA THR B 444 -14.56 16.21 2.45
C THR B 444 -15.96 15.69 2.62
N TYR B 445 -16.08 14.45 3.08
CA TYR B 445 -17.36 13.81 3.35
C TYR B 445 -17.90 14.16 4.71
N PHE B 446 -17.27 15.13 5.38
CA PHE B 446 -17.60 15.43 6.77
C PHE B 446 -19.07 15.51 7.10
N THR B 447 -19.84 16.24 6.31
CA THR B 447 -21.25 16.44 6.61
C THR B 447 -22.04 15.12 6.61
N TRP B 448 -21.52 14.07 5.98
CA TRP B 448 -22.21 12.78 5.94
C TRP B 448 -21.53 11.78 6.91
N ARG B 449 -20.83 12.33 7.89
CA ARG B 449 -20.23 11.48 8.90
C ARG B 449 -20.70 11.99 10.24
N ASN B 450 -21.69 11.32 10.81
CA ASN B 450 -22.34 11.87 11.98
C ASN B 450 -22.38 10.94 13.18
N THR B 451 -22.34 9.63 12.96
CA THR B 451 -22.27 8.67 14.08
C THR B 451 -20.84 8.54 14.55
N LYS B 452 -20.64 7.94 15.72
CA LYS B 452 -19.28 7.78 16.26
C LYS B 452 -18.42 6.94 15.32
N GLN B 453 -19.01 5.91 14.73
CA GLN B 453 -18.23 5.06 13.83
C GLN B 453 -17.81 5.80 12.57
N GLU B 454 -18.74 6.53 12.00
CA GLU B 454 -18.46 7.31 10.80
C GLU B 454 -17.38 8.33 11.05
N LEU B 455 -17.52 9.09 12.12
CA LEU B 455 -16.52 10.09 12.45
C LEU B 455 -15.16 9.46 12.74
N THR B 456 -15.18 8.37 13.51
CA THR B 456 -13.92 7.77 13.92
C THR B 456 -13.21 7.18 12.71
N GLU B 457 -13.96 6.45 11.90
CA GLU B 457 -13.36 5.83 10.73
C GLU B 457 -12.85 6.89 9.75
N TYR B 458 -13.66 7.93 9.52
CA TYR B 458 -13.30 8.91 8.51
C TYR B 458 -12.14 9.78 8.93
N LEU B 459 -12.15 10.17 10.20
CA LEU B 459 -11.07 11.00 10.67
C LEU B 459 -9.79 10.19 10.79
N THR B 460 -9.91 8.89 11.06
CA THR B 460 -8.72 8.05 11.05
C THR B 460 -8.08 8.08 9.65
N GLU B 461 -8.92 8.02 8.62
CA GLU B 461 -8.44 8.12 7.24
C GLU B 461 -7.81 9.51 6.96
N LEU B 462 -8.54 10.58 7.24
CA LEU B 462 -8.03 11.94 6.95
C LEU B 462 -6.76 12.25 7.74
N SER B 463 -6.68 11.78 8.99
CA SER B 463 -5.51 12.12 9.81
C SER B 463 -4.36 11.15 9.59
N GLY B 464 -4.62 10.08 8.85
CA GLY B 464 -3.63 9.07 8.55
C GLY B 464 -2.85 9.35 7.28
N GLU B 465 -2.77 8.35 6.41
CA GLU B 465 -1.96 8.44 5.21
C GLU B 465 -2.43 9.59 4.31
N ALA B 466 -3.74 9.81 4.27
CA ALA B 466 -4.27 10.87 3.42
C ALA B 466 -3.71 12.26 3.79
N ALA B 467 -3.27 12.42 5.04
CA ALA B 467 -2.79 13.72 5.52
C ALA B 467 -1.51 14.09 4.77
N SER B 468 -0.96 13.12 4.07
CA SER B 468 0.22 13.37 3.31
C SER B 468 0.03 14.09 1.96
N TYR B 469 -1.21 14.18 1.48
CA TYR B 469 -1.48 14.91 0.24
C TYR B 469 -2.77 15.75 0.31
N MET B 470 -3.57 15.52 1.34
CA MET B 470 -4.83 16.22 1.48
C MET B 470 -4.99 16.97 2.79
N ARG B 471 -5.45 18.22 2.67
CA ARG B 471 -5.76 19.04 3.84
C ARG B 471 -7.25 19.32 3.81
N PRO B 472 -7.97 18.79 4.81
CA PRO B 472 -9.44 18.82 4.84
C PRO B 472 -9.98 20.17 5.28
N ASN B 473 -11.07 20.63 4.67
CA ASN B 473 -11.75 21.83 5.13
C ASN B 473 -13.15 21.42 5.56
N PHE B 474 -13.38 21.36 6.87
CA PHE B 474 -14.65 20.89 7.43
C PHE B 474 -15.75 21.96 7.47
N PHE B 475 -16.49 22.15 6.39
CA PHE B 475 -17.69 22.98 6.44
C PHE B 475 -18.83 22.20 7.07
N ALA B 476 -19.39 22.73 8.15
CA ALA B 476 -20.43 22.01 8.88
C ALA B 476 -21.74 22.13 8.10
N ASN B 477 -21.81 23.16 7.28
CA ASN B 477 -22.89 23.29 6.32
C ASN B 477 -22.35 24.03 5.11
N THR B 478 -23.09 23.95 4.01
CA THR B 478 -22.85 24.78 2.84
C THR B 478 -24.22 25.17 2.32
N PRO B 479 -24.28 26.10 1.35
CA PRO B 479 -25.62 26.44 0.82
C PRO B 479 -26.34 25.28 0.14
N ASP B 480 -25.60 24.22 -0.19
CA ASP B 480 -26.14 23.05 -0.86
C ASP B 480 -26.34 21.87 0.09
N ILE B 481 -25.88 22.03 1.33
CA ILE B 481 -25.87 20.90 2.27
C ILE B 481 -26.35 21.30 3.66
N LEU B 482 -27.63 21.05 3.90
CA LEU B 482 -28.24 21.08 5.21
C LEU B 482 -28.53 19.65 5.56
N HIS B 483 -27.64 19.01 6.31
CA HIS B 483 -27.79 17.58 6.57
C HIS B 483 -28.99 17.26 7.46
N ALA B 484 -29.56 16.07 7.31
CA ALA B 484 -30.68 15.63 8.13
C ALA B 484 -30.39 15.71 9.64
N TYR B 485 -29.14 15.53 10.02
CA TYR B 485 -28.73 15.62 11.41
C TYR B 485 -29.09 17.00 11.98
N LEU B 486 -28.83 18.06 11.22
CA LEU B 486 -29.18 19.41 11.64
C LEU B 486 -30.68 19.63 11.57
N GLN B 487 -31.31 19.06 10.56
CA GLN B 487 -32.75 19.23 10.39
C GLN B 487 -33.53 18.63 11.56
N HIS B 488 -33.09 17.48 12.05
CA HIS B 488 -33.82 16.77 13.09
C HIS B 488 -33.38 17.17 14.48
N GLY B 489 -32.16 17.65 14.59
CA GLY B 489 -31.53 17.90 15.87
C GLY B 489 -31.68 19.31 16.42
N GLY B 490 -31.99 20.25 15.54
CA GLY B 490 -32.12 21.64 15.93
C GLY B 490 -30.83 22.19 16.49
N ARG B 491 -30.94 23.23 17.30
CA ARG B 491 -29.79 23.93 17.83
C ARG B 491 -28.77 23.02 18.52
N PRO B 492 -29.23 22.03 19.31
CA PRO B 492 -28.20 21.16 19.90
C PRO B 492 -27.31 20.46 18.85
N ALA B 493 -27.89 20.14 17.70
CA ALA B 493 -27.09 19.49 16.66
C ALA B 493 -26.07 20.45 16.06
N PHE B 494 -26.45 21.71 15.89
CA PHE B 494 -25.55 22.73 15.41
C PHE B 494 -24.37 22.96 16.33
N GLU B 495 -24.63 22.90 17.62
CA GLU B 495 -23.58 23.10 18.62
C GLU B 495 -22.60 21.95 18.53
N VAL B 496 -23.15 20.75 18.37
CA VAL B 496 -22.32 19.56 18.26
C VAL B 496 -21.42 19.59 17.03
N ARG B 497 -21.99 19.88 15.86
CA ARG B 497 -21.23 19.84 14.62
C ARG B 497 -20.16 20.91 14.56
N ALA B 498 -20.41 22.03 15.21
CA ALA B 498 -19.41 23.08 15.28
C ALA B 498 -18.23 22.63 16.10
N VAL B 499 -18.51 22.04 17.26
CA VAL B 499 -17.45 21.52 18.10
C VAL B 499 -16.63 20.46 17.33
N LEU B 500 -17.34 19.54 16.69
CA LEU B 500 -16.66 18.48 15.94
C LEU B 500 -15.80 19.06 14.84
N ALA B 501 -16.40 19.91 14.02
CA ALA B 501 -15.69 20.48 12.89
C ALA B 501 -14.49 21.27 13.34
N ALA B 502 -14.70 22.07 14.39
CA ALA B 502 -13.68 22.98 14.89
C ALA B 502 -12.53 22.23 15.56
N THR B 503 -12.82 21.12 16.22
CA THR B 503 -11.74 20.42 16.92
C THR B 503 -11.15 19.23 16.16
N LEU B 504 -11.82 18.75 15.11
CA LEU B 504 -11.29 17.58 14.38
C LEU B 504 -10.46 18.01 13.19
N SER B 505 -10.70 19.19 12.65
CA SER B 505 -9.87 19.66 11.56
C SER B 505 -9.31 21.03 11.87
N PRO B 506 -8.05 21.26 11.53
CA PRO B 506 -7.47 22.59 11.71
C PRO B 506 -8.08 23.63 10.78
N THR B 507 -8.81 23.20 9.75
CA THR B 507 -9.61 24.14 8.97
C THR B 507 -11.07 23.72 8.98
N TRP B 508 -11.93 24.65 9.37
CA TRP B 508 -13.37 24.38 9.35
C TRP B 508 -14.11 25.63 8.89
N GLY B 509 -15.39 25.48 8.62
CA GLY B 509 -16.13 26.61 8.13
C GLY B 509 -17.60 26.44 8.36
N ILE B 510 -18.31 27.56 8.30
CA ILE B 510 -19.75 27.48 8.29
C ILE B 510 -20.26 28.42 7.25
N TYR B 511 -21.49 28.16 6.83
CA TYR B 511 -22.11 29.05 5.90
C TYR B 511 -23.15 29.90 6.68
N SER B 512 -23.07 31.23 6.54
CA SER B 512 -23.95 32.21 7.22
C SER B 512 -25.39 31.75 7.43
N GLY B 513 -25.87 31.88 8.66
CA GLY B 513 -27.18 31.37 9.00
C GLY B 513 -27.06 30.12 9.88
N TYR B 514 -25.93 29.42 9.77
CA TYR B 514 -25.60 28.32 10.68
C TYR B 514 -25.67 28.78 12.15
N GLU B 515 -25.18 29.98 12.42
CA GLU B 515 -25.19 30.54 13.78
C GLU B 515 -26.61 30.64 14.30
N LEU B 516 -27.57 30.86 13.39
CA LEU B 516 -28.98 31.02 13.73
C LEU B 516 -29.70 29.67 13.74
N CYS B 517 -28.96 28.61 13.50
CA CYS B 517 -29.53 27.27 13.45
C CYS B 517 -30.66 27.14 12.42
N GLU B 518 -30.51 27.80 11.27
CA GLU B 518 -31.44 27.64 10.15
C GLU B 518 -31.42 26.21 9.68
N ASN B 519 -32.59 25.56 9.73
CA ASN B 519 -32.59 24.15 9.45
C ASN B 519 -33.86 23.65 8.81
N THR B 520 -34.54 24.52 8.08
CA THR B 520 -35.73 24.10 7.37
C THR B 520 -35.35 23.65 5.98
N PRO B 521 -35.58 22.37 5.70
CA PRO B 521 -35.19 21.85 4.39
C PRO B 521 -36.21 22.22 3.32
N LEU B 522 -35.79 22.15 2.06
CA LEU B 522 -36.67 22.35 0.94
C LEU B 522 -37.87 21.40 0.98
N ARG B 523 -37.61 20.16 1.34
CA ARG B 523 -38.65 19.18 1.53
C ARG B 523 -38.03 18.06 2.32
N GLU B 524 -38.88 17.15 2.80
CA GLU B 524 -38.37 16.00 3.51
C GLU B 524 -37.45 15.14 2.62
N GLY B 525 -36.28 14.79 3.14
CA GLY B 525 -35.38 13.95 2.36
C GLY B 525 -34.36 14.72 1.56
N SER B 526 -34.48 16.05 1.58
CA SER B 526 -33.57 16.91 0.83
C SER B 526 -32.48 17.46 1.72
N GLU B 527 -31.32 17.74 1.13
CA GLU B 527 -30.29 18.43 1.88
C GLU B 527 -30.21 19.89 1.44
N GLU B 528 -31.17 20.34 0.63
CA GLU B 528 -31.32 21.76 0.27
C GLU B 528 -32.05 22.58 1.34
N TYR B 529 -31.67 23.84 1.48
CA TYR B 529 -32.46 24.77 2.28
C TYR B 529 -33.77 25.19 1.59
N LEU B 530 -34.84 25.32 2.37
CA LEU B 530 -36.05 26.01 1.90
C LEU B 530 -35.71 27.46 1.60
N ASP B 531 -36.26 27.99 0.50
CA ASP B 531 -36.00 29.36 0.12
C ASP B 531 -34.52 29.65 0.04
N SER B 532 -33.77 28.77 -0.62
CA SER B 532 -32.32 28.89 -0.63
C SER B 532 -31.77 30.25 -1.04
N GLU B 533 -30.76 30.68 -0.31
CA GLU B 533 -30.05 31.91 -0.58
C GLU B 533 -29.39 31.87 -1.97
N LYS B 534 -29.24 30.69 -2.54
CA LYS B 534 -28.68 30.58 -3.89
C LYS B 534 -29.56 31.30 -4.94
N TYR B 535 -30.86 31.46 -4.67
CA TYR B 535 -31.80 32.00 -5.66
C TYR B 535 -32.55 33.25 -5.19
N GLN B 536 -32.23 33.78 -4.02
CA GLN B 536 -32.95 34.94 -3.50
C GLN B 536 -32.18 35.67 -2.42
N LEU B 537 -32.45 36.95 -2.29
CA LEU B 537 -31.86 37.72 -1.23
C LEU B 537 -32.38 37.15 0.08
N LYS B 538 -31.49 37.01 1.05
CA LYS B 538 -31.89 36.47 2.34
C LYS B 538 -31.36 37.35 3.47
N PRO B 539 -32.07 38.46 3.75
CA PRO B 539 -31.70 39.38 4.84
C PRO B 539 -31.89 38.68 6.19
N ARG B 540 -31.02 38.94 7.16
CA ARG B 540 -31.12 38.28 8.46
C ARG B 540 -31.09 39.27 9.63
N ASP B 541 -31.91 39.03 10.65
CA ASP B 541 -31.91 39.94 11.77
C ASP B 541 -30.80 39.54 12.79
N TRP B 542 -29.56 39.91 12.50
CA TRP B 542 -28.43 39.55 13.33
C TRP B 542 -28.51 40.16 14.74
N THR B 543 -29.00 41.40 14.80
CA THR B 543 -29.07 42.13 16.07
C THR B 543 -30.06 41.48 17.04
N ARG B 544 -31.22 41.13 16.53
CA ARG B 544 -32.22 40.51 17.36
C ARG B 544 -31.78 39.15 17.87
N ALA B 545 -31.14 38.36 17.02
CA ALA B 545 -30.71 37.04 17.45
C ALA B 545 -29.69 37.17 18.58
N ALA B 546 -28.82 38.18 18.48
CA ALA B 546 -27.82 38.40 19.51
C ALA B 546 -28.50 38.77 20.83
N ARG B 547 -29.44 39.72 20.77
CA ARG B 547 -30.14 40.23 21.95
C ARG B 547 -30.98 39.12 22.58
N GLU B 548 -31.59 38.27 21.76
CA GLU B 548 -32.48 37.24 22.26
C GLU B 548 -31.74 35.90 22.51
N GLY B 549 -30.43 35.90 22.27
CA GLY B 549 -29.59 34.73 22.48
C GLY B 549 -29.91 33.51 21.63
N THR B 550 -30.52 33.76 20.48
CA THR B 550 -30.90 32.72 19.55
C THR B 550 -29.82 32.56 18.47
N THR B 551 -28.56 32.76 18.85
CA THR B 551 -27.48 32.52 17.94
C THR B 551 -26.40 31.71 18.69
N ILE B 552 -25.69 30.84 17.99
CA ILE B 552 -24.57 30.16 18.62
C ILE B 552 -23.28 30.83 18.24
N ALA B 553 -23.37 32.08 17.78
CA ALA B 553 -22.17 32.86 17.54
C ALA B 553 -21.18 32.88 18.71
N PRO B 554 -21.66 33.00 19.98
CA PRO B 554 -20.68 32.94 21.09
C PRO B 554 -19.94 31.61 21.18
N LEU B 555 -20.65 30.50 20.96
CA LEU B 555 -19.97 29.20 20.95
C LEU B 555 -18.95 29.10 19.82
N VAL B 556 -19.36 29.57 18.64
CA VAL B 556 -18.46 29.59 17.49
C VAL B 556 -17.24 30.43 17.81
N THR B 557 -17.50 31.59 18.41
CA THR B 557 -16.45 32.49 18.85
C THR B 557 -15.51 31.80 19.85
N ARG B 558 -16.09 31.08 20.80
CA ARG B 558 -15.27 30.42 21.81
C ARG B 558 -14.40 29.34 21.14
N LEU B 559 -14.99 28.59 20.21
CA LEU B 559 -14.24 27.53 19.56
C LEU B 559 -13.04 28.07 18.80
N ASN B 560 -13.21 29.20 18.10
CA ASN B 560 -12.09 29.79 17.38
C ASN B 560 -11.05 30.37 18.30
N THR B 561 -11.50 30.87 19.45
CA THR B 561 -10.56 31.37 20.46
C THR B 561 -9.73 30.19 21.03
N ILE B 562 -10.40 29.09 21.33
CA ILE B 562 -9.74 27.90 21.83
C ILE B 562 -8.72 27.39 20.82
N ARG B 563 -9.08 27.41 19.54
CA ARG B 563 -8.17 27.01 18.46
C ARG B 563 -6.98 27.94 18.40
N ARG B 564 -7.22 29.22 18.58
CA ARG B 564 -6.15 30.20 18.51
C ARG B 564 -5.16 30.12 19.66
N GLU B 565 -5.60 29.49 20.73
CA GLU B 565 -4.81 29.41 21.95
C GLU B 565 -4.18 28.03 22.15
N ASN B 566 -4.50 27.06 21.30
CA ASN B 566 -4.04 25.69 21.50
C ASN B 566 -3.52 25.11 20.20
N PRO B 567 -2.18 25.12 20.03
CA PRO B 567 -1.51 24.61 18.81
C PRO B 567 -1.98 23.21 18.42
N ALA B 568 -2.43 22.43 19.39
CA ALA B 568 -2.90 21.09 19.08
C ALA B 568 -4.05 21.09 18.10
N LEU B 569 -4.87 22.14 18.12
CA LEU B 569 -6.04 22.21 17.25
C LEU B 569 -5.71 22.84 15.90
N ARG B 570 -4.45 23.24 15.72
CA ARG B 570 -4.00 23.88 14.50
C ARG B 570 -3.16 22.92 13.64
N GLN B 571 -3.25 21.62 13.97
CA GLN B 571 -2.64 20.57 13.17
C GLN B 571 -3.66 19.44 12.97
N LEU B 572 -3.30 18.47 12.15
CA LEU B 572 -4.23 17.45 11.71
C LEU B 572 -3.82 16.06 12.13
N ARG B 573 -2.53 15.76 11.97
CA ARG B 573 -2.07 14.36 12.04
C ARG B 573 -2.04 13.76 13.42
N ASP B 574 -1.86 14.56 14.47
CA ASP B 574 -1.86 13.98 15.81
C ASP B 574 -3.28 14.04 16.34
N LEU B 575 -3.93 12.87 16.33
CA LEU B 575 -5.33 12.75 16.70
C LEU B 575 -5.52 11.30 17.13
N HIS B 576 -6.11 11.10 18.30
CA HIS B 576 -6.35 9.77 18.79
C HIS B 576 -7.74 9.66 19.42
N PHE B 577 -8.48 8.63 19.06
CA PHE B 577 -9.77 8.42 19.66
C PHE B 577 -9.66 7.54 20.92
N HIS B 578 -10.32 7.97 21.98
CA HIS B 578 -10.33 7.23 23.22
C HIS B 578 -11.68 6.58 23.35
N PRO B 579 -11.72 5.33 23.84
CA PRO B 579 -12.95 4.54 23.94
C PRO B 579 -13.91 5.08 24.99
N THR B 580 -15.20 5.02 24.70
CA THR B 580 -16.22 5.31 25.69
C THR B 580 -17.18 4.15 25.73
N ASP B 581 -18.01 4.08 26.77
CA ASP B 581 -18.95 2.98 26.91
C ASP B 581 -20.37 3.31 26.43
N LYS B 582 -20.51 4.40 25.67
CA LYS B 582 -21.80 4.81 25.09
C LYS B 582 -21.63 5.14 23.59
N GLU B 583 -22.55 4.62 22.78
CA GLU B 583 -22.42 4.72 21.31
C GLU B 583 -22.50 6.17 20.86
N GLU B 584 -23.25 6.97 21.63
CA GLU B 584 -23.48 8.39 21.35
C GLU B 584 -22.33 9.27 21.80
N VAL B 585 -21.39 8.75 22.58
CA VAL B 585 -20.36 9.62 23.09
C VAL B 585 -19.00 9.26 22.54
N ILE B 586 -18.41 10.25 21.90
CA ILE B 586 -17.13 10.08 21.25
C ILE B 586 -16.15 10.89 22.03
N ALA B 587 -14.91 10.42 22.10
CA ALA B 587 -13.84 11.12 22.78
C ALA B 587 -12.54 11.03 21.97
N TYR B 588 -11.78 12.12 21.95
CA TYR B 588 -10.50 12.15 21.23
C TYR B 588 -9.55 13.21 21.75
N SER B 589 -8.26 13.05 21.45
CA SER B 589 -7.23 14.00 21.88
C SER B 589 -6.40 14.41 20.72
N LYS B 590 -5.86 15.62 20.79
CA LYS B 590 -4.91 16.07 19.80
C LYS B 590 -3.78 16.68 20.58
N ARG B 591 -2.57 16.51 20.10
CA ARG B 591 -1.40 17.00 20.81
C ARG B 591 -0.46 17.74 19.87
N GLN B 592 0.14 18.80 20.37
CA GLN B 592 1.20 19.49 19.65
C GLN B 592 2.17 20.05 20.70
N GLY B 593 3.36 19.46 20.78
CA GLY B 593 4.29 19.78 21.86
C GLY B 593 3.62 19.55 23.20
N SER B 594 3.75 20.53 24.10
CA SER B 594 3.22 20.36 25.44
C SER B 594 1.71 20.65 25.47
N ASN B 595 1.16 20.99 24.32
CA ASN B 595 -0.26 21.29 24.27
C ASN B 595 -1.09 20.04 23.93
N THR B 596 -1.98 19.70 24.85
CA THR B 596 -2.87 18.58 24.67
C THR B 596 -4.32 18.98 24.85
N VAL B 597 -5.14 18.74 23.84
CA VAL B 597 -6.55 19.02 23.98
C VAL B 597 -7.32 17.73 23.89
N LEU B 598 -8.20 17.48 24.83
CA LEU B 598 -9.04 16.29 24.81
C LEU B 598 -10.51 16.75 24.71
N VAL B 599 -11.23 16.20 23.74
CA VAL B 599 -12.60 16.57 23.50
C VAL B 599 -13.55 15.41 23.70
N VAL B 600 -14.64 15.67 24.40
CA VAL B 600 -15.68 14.66 24.55
C VAL B 600 -16.97 15.24 24.09
N VAL B 601 -17.58 14.60 23.10
CA VAL B 601 -18.81 15.10 22.49
C VAL B 601 -19.95 14.11 22.59
N ASN B 602 -21.12 14.61 23.00
CA ASN B 602 -22.35 13.84 22.91
C ASN B 602 -23.01 14.02 21.55
N LEU B 603 -22.99 12.98 20.74
CA LEU B 603 -23.52 13.06 19.39
C LEU B 603 -25.02 13.00 19.37
N ASP B 604 -25.64 12.69 20.50
CA ASP B 604 -27.10 12.68 20.61
C ASP B 604 -27.67 14.11 20.87
N PRO B 605 -28.38 14.69 19.88
CA PRO B 605 -28.85 16.06 20.09
C PRO B 605 -30.20 16.16 20.84
N ARG B 606 -30.77 15.02 21.22
CA ARG B 606 -32.11 14.99 21.81
C ARG B 606 -32.18 14.45 23.24
N HIS B 607 -31.25 13.57 23.62
CA HIS B 607 -31.28 12.94 24.95
C HIS B 607 -29.95 13.13 25.70
N THR B 608 -30.04 13.32 27.00
CA THR B 608 -28.86 13.39 27.83
C THR B 608 -28.17 12.04 27.77
N GLN B 609 -26.86 12.06 27.68
CA GLN B 609 -26.09 10.83 27.67
C GLN B 609 -25.06 10.90 28.78
N GLU B 610 -24.99 9.87 29.61
CA GLU B 610 -23.89 9.79 30.57
C GLU B 610 -22.99 8.64 30.11
N ALA B 611 -21.69 8.84 30.25
CA ALA B 611 -20.75 7.84 29.81
C ALA B 611 -19.50 7.86 30.67
N THR B 612 -18.82 6.72 30.67
CA THR B 612 -17.47 6.66 31.17
C THR B 612 -16.48 6.72 30.01
N VAL B 613 -15.57 7.67 30.08
CA VAL B 613 -14.52 7.81 29.07
C VAL B 613 -13.22 7.19 29.57
N SER B 614 -12.77 6.14 28.89
CA SER B 614 -11.54 5.48 29.29
C SER B 614 -10.36 5.93 28.44
N LEU B 615 -9.60 6.88 28.99
CA LEU B 615 -8.47 7.51 28.29
C LEU B 615 -7.28 6.58 28.09
N ASP B 616 -6.74 6.53 26.86
CA ASP B 616 -5.51 5.81 26.62
C ASP B 616 -4.39 6.68 27.16
N MET B 617 -4.07 6.52 28.44
CA MET B 617 -3.18 7.44 29.13
C MET B 617 -1.80 7.53 28.49
N PRO B 618 -1.21 6.39 28.05
CA PRO B 618 0.11 6.57 27.42
C PRO B 618 0.05 7.36 26.10
N GLN B 619 -1.11 7.34 25.44
CA GLN B 619 -1.28 8.10 24.20
C GLN B 619 -1.25 9.60 24.52
N LEU B 620 -1.56 9.93 25.77
CA LEU B 620 -1.53 11.29 26.31
C LEU B 620 -0.17 11.61 26.96
N GLY B 621 0.73 10.63 26.98
CA GLY B 621 2.03 10.81 27.61
C GLY B 621 1.95 10.66 29.12
N LEU B 622 1.03 9.83 29.59
CA LEU B 622 0.79 9.65 31.02
C LEU B 622 0.82 8.17 31.47
N ASP B 623 1.00 7.94 32.77
CA ASP B 623 0.89 6.60 33.33
C ASP B 623 -0.56 6.25 33.63
N TRP B 624 -0.89 4.96 33.63
CA TRP B 624 -2.28 4.52 33.78
C TRP B 624 -2.97 4.91 35.10
N HIS B 625 -2.17 5.01 36.16
CA HIS B 625 -2.67 5.30 37.52
C HIS B 625 -2.80 6.81 37.70
N GLU B 626 -2.20 7.55 36.77
CA GLU B 626 -2.08 9.00 36.86
C GLU B 626 -3.41 9.67 36.65
N SER B 627 -3.57 10.81 37.33
CA SER B 627 -4.73 11.68 37.18
C SER B 627 -4.28 13.11 36.90
N VAL B 628 -4.90 13.75 35.91
CA VAL B 628 -4.46 15.09 35.49
C VAL B 628 -5.54 16.19 35.49
N PRO B 629 -5.11 17.44 35.79
CA PRO B 629 -6.04 18.57 35.74
C PRO B 629 -6.38 18.97 34.30
N VAL B 630 -7.67 19.18 34.05
CA VAL B 630 -8.12 19.70 32.76
C VAL B 630 -9.02 20.90 33.01
N ARG B 631 -9.06 21.82 32.05
CA ARG B 631 -9.99 22.92 32.10
C ARG B 631 -10.94 22.77 30.92
N ASP B 632 -12.24 22.72 31.20
CA ASP B 632 -13.23 22.71 30.13
C ASP B 632 -13.25 24.11 29.58
N GLU B 633 -12.72 24.28 28.38
CA GLU B 633 -12.58 25.62 27.83
C GLU B 633 -13.88 26.26 27.40
N LEU B 634 -14.96 25.47 27.33
CA LEU B 634 -16.27 26.03 27.05
C LEU B 634 -16.93 26.67 28.26
N THR B 635 -16.49 26.33 29.46
CA THR B 635 -17.19 26.77 30.69
C THR B 635 -16.34 27.36 31.78
N GLY B 636 -15.05 27.07 31.72
CA GLY B 636 -14.10 27.52 32.71
C GLY B 636 -13.98 26.51 33.85
N GLU B 637 -14.81 25.47 33.87
CA GLU B 637 -14.68 24.48 34.94
C GLU B 637 -13.39 23.70 34.85
N THR B 638 -12.88 23.38 36.02
CA THR B 638 -11.69 22.59 36.11
C THR B 638 -12.10 21.20 36.62
N TYR B 639 -11.49 20.15 36.05
CA TYR B 639 -11.70 18.78 36.48
C TYR B 639 -10.35 18.07 36.65
N HIS B 640 -10.39 16.89 37.28
CA HIS B 640 -9.22 16.01 37.35
C HIS B 640 -9.58 14.70 36.70
N TRP B 641 -8.94 14.43 35.57
CA TRP B 641 -9.27 13.28 34.75
C TRP B 641 -8.14 12.25 34.73
N GLY B 642 -8.54 10.99 34.85
CA GLY B 642 -7.61 9.88 34.77
C GLY B 642 -7.99 8.81 33.77
N ARG B 643 -7.69 7.57 34.09
CA ARG B 643 -7.90 6.45 33.19
C ARG B 643 -9.38 6.13 32.96
N ALA B 644 -10.24 6.64 33.84
CA ALA B 644 -11.68 6.42 33.77
C ALA B 644 -12.46 7.64 34.25
N ASN B 645 -13.17 8.32 33.36
CA ASN B 645 -13.79 9.58 33.75
C ASN B 645 -15.28 9.61 33.46
N TYR B 646 -16.06 10.07 34.43
CA TYR B 646 -17.50 10.16 34.26
C TYR B 646 -17.85 11.49 33.62
N VAL B 647 -18.75 11.45 32.64
CA VAL B 647 -19.26 12.64 31.99
C VAL B 647 -20.76 12.51 31.85
N ARG B 648 -21.41 13.65 31.95
CA ARG B 648 -22.85 13.74 31.76
C ARG B 648 -23.10 14.94 30.88
N LEU B 649 -23.56 14.68 29.66
CA LEU B 649 -23.73 15.73 28.67
C LEU B 649 -25.19 15.86 28.30
N GLU B 650 -25.74 17.02 28.62
CA GLU B 650 -27.15 17.30 28.40
C GLU B 650 -27.33 18.20 27.18
N PRO B 651 -28.00 17.70 26.12
CA PRO B 651 -28.14 18.52 24.91
C PRO B 651 -28.91 19.80 25.19
N GLY B 652 -28.39 20.91 24.68
CA GLY B 652 -28.96 22.23 24.92
C GLY B 652 -28.14 22.95 25.98
N ARG B 653 -27.82 22.25 27.06
CA ARG B 653 -26.98 22.79 28.13
C ARG B 653 -25.50 22.70 27.78
N THR B 654 -25.08 21.53 27.32
CA THR B 654 -23.71 21.37 26.86
C THR B 654 -23.52 20.22 25.86
N PRO B 655 -22.90 20.56 24.72
CA PRO B 655 -22.67 19.60 23.64
C PRO B 655 -21.45 18.74 23.89
N ALA B 656 -20.52 19.26 24.66
CA ALA B 656 -19.21 18.68 24.70
C ALA B 656 -18.38 19.27 25.82
N HIS B 657 -17.31 18.58 26.21
CA HIS B 657 -16.21 19.17 26.96
C HIS B 657 -15.08 19.38 25.99
N VAL B 658 -14.51 20.57 25.97
CA VAL B 658 -13.31 20.86 25.19
C VAL B 658 -12.22 21.26 26.17
N CYS B 659 -11.41 20.28 26.58
CA CYS B 659 -10.50 20.49 27.69
C CYS B 659 -9.07 20.65 27.27
N THR B 660 -8.36 21.54 27.94
CA THR B 660 -6.91 21.58 27.79
C THR B 660 -6.31 20.90 29.02
N VAL B 661 -5.20 20.19 28.82
CA VAL B 661 -4.51 19.59 29.94
C VAL B 661 -3.63 20.61 30.66
N LEU B 662 -3.92 20.83 31.93
CA LEU B 662 -3.27 21.85 32.75
C LEU B 662 -1.93 21.41 33.36
N ARG B 663 -0.98 22.34 33.44
CA ARG B 663 0.36 22.04 33.94
C ARG B 663 0.54 22.88 35.21
#